data_2M64
#
_entry.id   2M64
#
_entity_poly.entity_id   1
_entity_poly.type   'polypeptide(L)'
_entity_poly.pdbx_seq_one_letter_code
;PAGKATTEEQKLIEKINAGFKAALAAAAGVQPADKYRTFVATFGAASNKAFAEGLSGEPKGAAESSSKAALTSKLDAAYK
LAYKTAEGATPEAKYDAYVATLSEALRIIAGTLEVHAVKPAAEEVKVIPAGELQVIEKVDAAFKVAATAANAAPANDKFT
VFEAAFNDAIKASTGGAYESYKFIPALEAAVKQAYAATVATAPEVKYTVFETALKKAITAMSEAQKAAKPA
;
_entity_poly.pdbx_strand_id   A
#
# COMPACT_ATOMS: atom_id res chain seq x y z
N PRO A 1 15.01 2.07 -11.38
CA PRO A 1 13.61 1.86 -11.85
C PRO A 1 12.87 0.98 -10.84
N ALA A 2 11.97 1.58 -10.07
CA ALA A 2 11.20 0.83 -9.07
C ALA A 2 12.14 0.01 -8.20
N GLY A 3 13.28 0.59 -7.84
CA GLY A 3 14.25 -0.11 -7.01
C GLY A 3 13.63 -0.50 -5.67
N LYS A 4 12.86 0.40 -5.08
CA LYS A 4 12.22 0.14 -3.79
C LYS A 4 10.87 0.85 -3.74
N ALA A 5 9.89 0.21 -3.10
CA ALA A 5 8.55 0.81 -2.98
C ALA A 5 8.37 1.41 -1.59
N THR A 6 8.71 0.64 -0.56
CA THR A 6 8.58 1.10 0.81
C THR A 6 9.77 1.97 1.20
N THR A 7 9.64 2.67 2.32
CA THR A 7 10.70 3.55 2.82
C THR A 7 11.09 3.12 4.23
N GLU A 8 12.18 3.69 4.75
CA GLU A 8 12.64 3.34 6.09
C GLU A 8 11.58 3.66 7.13
N GLU A 9 10.88 4.78 6.97
CA GLU A 9 9.83 5.13 7.93
C GLU A 9 8.69 4.14 7.84
N GLN A 10 8.14 4.00 6.65
CA GLN A 10 7.01 3.09 6.44
C GLN A 10 7.42 1.66 6.76
N LYS A 11 8.63 1.31 6.37
CA LYS A 11 9.14 -0.03 6.62
C LYS A 11 9.46 -0.25 8.11
N LEU A 12 10.10 0.73 8.73
CA LEU A 12 10.49 0.65 10.15
C LEU A 12 9.29 0.71 11.11
N ILE A 13 8.32 1.55 10.78
CA ILE A 13 7.15 1.72 11.64
C ILE A 13 6.54 0.37 12.04
N GLU A 14 6.85 -0.67 11.26
CA GLU A 14 6.34 -2.00 11.57
C GLU A 14 7.24 -2.71 12.58
N LYS A 15 8.50 -2.28 12.60
CA LYS A 15 9.49 -2.88 13.49
C LYS A 15 9.46 -2.24 14.89
N ILE A 16 9.18 -0.95 14.97
CA ILE A 16 9.16 -0.26 16.25
C ILE A 16 8.10 -0.82 17.17
N ASN A 17 7.07 -1.43 16.58
CA ASN A 17 6.00 -1.97 17.39
C ASN A 17 6.58 -2.98 18.37
N ALA A 18 7.43 -3.87 17.88
CA ALA A 18 8.03 -4.88 18.74
C ALA A 18 8.77 -4.23 19.90
N GLY A 19 9.50 -3.15 19.63
CA GLY A 19 10.23 -2.47 20.70
C GLY A 19 9.24 -1.89 21.71
N PHE A 20 8.14 -1.32 21.20
CA PHE A 20 7.13 -0.72 22.07
C PHE A 20 6.38 -1.79 22.83
N LYS A 21 6.07 -2.89 22.17
CA LYS A 21 5.35 -3.97 22.84
C LYS A 21 6.13 -4.49 24.03
N ALA A 22 7.44 -4.58 23.88
CA ALA A 22 8.27 -5.08 24.96
C ALA A 22 8.10 -4.20 26.20
N ALA A 23 7.93 -2.90 25.97
CA ALA A 23 7.73 -1.95 27.06
C ALA A 23 6.27 -1.93 27.51
N LEU A 24 5.37 -1.78 26.55
CA LEU A 24 3.94 -1.71 26.86
C LEU A 24 3.45 -3.03 27.44
N ALA A 25 3.91 -4.14 26.86
CA ALA A 25 3.50 -5.47 27.34
C ALA A 25 4.01 -5.70 28.75
N ALA A 26 5.21 -5.21 29.04
CA ALA A 26 5.82 -5.38 30.35
C ALA A 26 5.11 -4.52 31.39
N ALA A 27 4.31 -3.55 30.93
CA ALA A 27 3.60 -2.67 31.84
C ALA A 27 2.65 -3.48 32.72
N ALA A 28 1.98 -4.47 32.13
CA ALA A 28 1.04 -5.31 32.86
C ALA A 28 1.69 -6.63 33.29
N GLY A 29 1.19 -7.19 34.38
CA GLY A 29 1.71 -8.46 34.90
C GLY A 29 2.73 -8.22 36.01
N VAL A 30 3.24 -7.00 36.11
CA VAL A 30 4.23 -6.66 37.13
C VAL A 30 3.54 -6.17 38.40
N GLN A 31 4.32 -5.87 39.43
CA GLN A 31 3.76 -5.39 40.69
C GLN A 31 3.22 -3.97 40.50
N PRO A 32 2.33 -3.48 41.34
CA PRO A 32 1.77 -2.11 41.19
C PRO A 32 2.86 -1.06 40.97
N ALA A 33 4.04 -1.35 41.50
CA ALA A 33 5.19 -0.45 41.35
C ALA A 33 6.07 -0.90 40.19
N ASP A 34 7.10 -0.12 39.89
CA ASP A 34 8.03 -0.42 38.80
C ASP A 34 7.31 -0.43 37.46
N LYS A 35 5.99 -0.28 37.50
CA LYS A 35 5.20 -0.25 36.26
C LYS A 35 5.29 1.14 35.62
N TYR A 36 5.53 2.15 36.44
CA TYR A 36 5.64 3.52 35.95
C TYR A 36 7.03 3.81 35.40
N ARG A 37 8.04 3.38 36.15
CA ARG A 37 9.43 3.63 35.76
C ARG A 37 9.77 3.00 34.41
N THR A 38 9.26 1.80 34.16
CA THR A 38 9.54 1.13 32.90
C THR A 38 8.79 1.81 31.76
N PHE A 39 7.55 2.18 31.99
CA PHE A 39 6.75 2.80 30.93
C PHE A 39 7.43 4.06 30.42
N VAL A 40 8.01 4.85 31.32
CA VAL A 40 8.72 6.08 30.93
C VAL A 40 10.18 5.81 30.58
N ALA A 41 10.84 4.96 31.37
CA ALA A 41 12.26 4.67 31.19
C ALA A 41 12.56 3.64 30.10
N THR A 42 11.63 2.72 29.84
CA THR A 42 11.85 1.72 28.80
C THR A 42 11.51 2.29 27.43
N PHE A 43 10.64 3.29 27.42
CA PHE A 43 10.27 3.96 26.19
C PHE A 43 11.48 4.68 25.60
N GLY A 44 12.31 5.23 26.50
CA GLY A 44 13.50 5.94 26.08
C GLY A 44 14.39 5.04 25.25
N ALA A 45 14.59 3.81 25.72
CA ALA A 45 15.41 2.84 25.00
C ALA A 45 14.71 2.36 23.72
N ALA A 46 13.40 2.11 23.83
CA ALA A 46 12.63 1.63 22.68
C ALA A 46 12.60 2.62 21.53
N SER A 47 12.43 3.89 21.84
CA SER A 47 12.39 4.89 20.78
C SER A 47 13.77 5.09 20.20
N ASN A 48 14.78 5.02 21.06
CA ASN A 48 16.15 5.18 20.63
C ASN A 48 16.54 4.09 19.65
N LYS A 49 16.08 2.87 19.91
CA LYS A 49 16.39 1.75 19.04
C LYS A 49 15.87 1.96 17.63
N ALA A 50 14.60 2.36 17.51
CA ALA A 50 14.03 2.61 16.19
C ALA A 50 14.78 3.73 15.49
N PHE A 51 15.02 4.80 16.23
CA PHE A 51 15.72 5.96 15.69
C PHE A 51 17.13 5.53 15.31
N ALA A 52 17.71 4.66 16.13
CA ALA A 52 19.05 4.14 15.87
C ALA A 52 19.04 3.19 14.69
N GLU A 53 17.85 2.69 14.33
CA GLU A 53 17.71 1.76 13.21
C GLU A 53 17.16 2.46 11.97
N GLY A 54 16.62 3.67 12.16
CA GLY A 54 16.06 4.44 11.05
C GLY A 54 17.10 5.38 10.47
N LEU A 55 18.36 5.07 10.71
CA LEU A 55 19.46 5.90 10.22
C LEU A 55 19.46 5.97 8.69
N SER A 56 19.06 7.12 8.16
CA SER A 56 19.02 7.34 6.71
C SER A 56 19.35 8.79 6.39
N GLY A 57 19.79 9.03 5.14
CA GLY A 57 20.15 10.38 4.70
C GLY A 57 19.34 10.81 3.49
N GLU A 58 19.57 10.13 2.37
CA GLU A 58 18.86 10.45 1.13
C GLU A 58 19.18 11.87 0.67
N PRO A 59 20.42 12.12 0.29
CA PRO A 59 20.87 13.47 -0.19
C PRO A 59 20.11 13.92 -1.43
N LYS A 60 19.43 12.98 -2.07
CA LYS A 60 18.68 13.29 -3.28
C LYS A 60 17.62 14.35 -3.00
N GLY A 61 16.93 14.19 -1.88
CA GLY A 61 15.89 15.14 -1.48
C GLY A 61 16.48 16.24 -0.61
N ALA A 62 15.94 17.45 -0.73
CA ALA A 62 16.40 18.57 0.07
C ALA A 62 16.20 18.28 1.55
N ALA A 63 15.07 17.66 1.88
CA ALA A 63 14.76 17.32 3.26
C ALA A 63 15.82 16.39 3.83
N GLU A 64 16.18 16.61 5.10
CA GLU A 64 17.17 15.78 5.77
C GLU A 64 16.64 15.31 7.13
N SER A 65 16.00 16.24 7.84
CA SER A 65 15.43 15.93 9.15
C SER A 65 13.91 16.05 9.10
N SER A 66 13.43 16.93 8.23
CA SER A 66 12.00 17.18 8.09
C SER A 66 11.23 15.89 7.81
N SER A 67 11.81 15.01 7.00
CA SER A 67 11.15 13.75 6.69
C SER A 67 10.99 12.92 7.96
N LYS A 68 12.03 12.88 8.78
CA LYS A 68 12.01 12.13 10.03
C LYS A 68 11.36 12.95 11.14
N ALA A 69 11.33 14.26 10.96
CA ALA A 69 10.74 15.16 11.95
C ALA A 69 9.26 14.84 12.13
N ALA A 70 8.59 14.52 11.03
CA ALA A 70 7.17 14.20 11.08
C ALA A 70 6.94 12.97 11.95
N LEU A 71 7.78 11.96 11.77
CA LEU A 71 7.66 10.73 12.53
C LEU A 71 7.92 10.96 14.02
N THR A 72 8.99 11.66 14.34
CA THR A 72 9.34 11.91 15.73
C THR A 72 8.45 12.96 16.37
N SER A 73 8.20 14.05 15.65
CA SER A 73 7.40 15.12 16.20
C SER A 73 6.02 14.62 16.58
N LYS A 74 5.39 13.86 15.69
CA LYS A 74 4.08 13.32 15.98
C LYS A 74 4.18 12.21 17.02
N LEU A 75 5.20 11.37 16.87
CA LEU A 75 5.37 10.25 17.79
C LEU A 75 5.62 10.72 19.22
N ASP A 76 6.51 11.69 19.41
CA ASP A 76 6.78 12.21 20.74
C ASP A 76 5.62 13.06 21.23
N ALA A 77 5.04 13.82 20.31
CA ALA A 77 3.93 14.71 20.66
C ALA A 77 2.76 13.93 21.23
N ALA A 78 2.38 12.85 20.57
CA ALA A 78 1.28 12.03 21.06
C ALA A 78 1.65 11.38 22.37
N TYR A 79 2.88 10.90 22.46
CA TYR A 79 3.36 10.22 23.66
C TYR A 79 3.33 11.17 24.86
N LYS A 80 3.94 12.34 24.69
CA LYS A 80 4.00 13.33 25.75
C LYS A 80 2.61 13.96 25.97
N LEU A 81 1.89 14.17 24.87
CA LEU A 81 0.55 14.75 24.97
C LEU A 81 -0.40 13.77 25.61
N ALA A 82 -0.26 12.50 25.24
CA ALA A 82 -1.11 11.47 25.80
C ALA A 82 -0.84 11.30 27.29
N TYR A 83 0.44 11.32 27.66
CA TYR A 83 0.82 11.18 29.07
C TYR A 83 0.45 12.45 29.85
N LYS A 84 0.66 13.60 29.23
CA LYS A 84 0.35 14.87 29.89
C LYS A 84 -1.13 14.94 30.26
N THR A 85 -1.97 14.42 29.37
CA THR A 85 -3.41 14.40 29.60
C THR A 85 -3.74 13.57 30.85
N ALA A 86 -2.95 12.53 31.08
CA ALA A 86 -3.17 11.64 32.22
C ALA A 86 -3.14 12.42 33.53
N GLU A 87 -2.25 13.41 33.62
CA GLU A 87 -2.15 14.21 34.83
C GLU A 87 -3.46 14.95 35.11
N GLY A 88 -4.11 15.43 34.06
CA GLY A 88 -5.38 16.15 34.23
C GLY A 88 -6.58 15.20 34.11
N ALA A 89 -6.37 14.05 33.47
CA ALA A 89 -7.45 13.08 33.28
C ALA A 89 -8.00 12.59 34.61
N THR A 90 -9.28 12.23 34.59
CA THR A 90 -9.95 11.74 35.78
C THR A 90 -9.32 10.43 36.29
N PRO A 91 -8.85 10.35 37.54
CA PRO A 91 -8.23 9.09 38.08
C PRO A 91 -9.14 7.86 37.92
N GLU A 92 -10.31 8.04 37.35
CA GLU A 92 -11.24 6.93 37.17
C GLU A 92 -10.70 5.96 36.11
N ALA A 93 -9.78 6.44 35.29
CA ALA A 93 -9.18 5.62 34.24
C ALA A 93 -8.13 6.40 33.45
N LYS A 94 -7.35 7.21 34.16
CA LYS A 94 -6.32 8.01 33.50
C LYS A 94 -5.22 7.14 32.89
N TYR A 95 -4.90 6.02 33.53
CA TYR A 95 -3.82 5.16 33.04
C TYR A 95 -4.29 4.36 31.82
N ASP A 96 -5.44 3.70 31.90
CA ASP A 96 -5.93 2.92 30.77
C ASP A 96 -6.15 3.82 29.57
N ALA A 97 -6.80 4.97 29.80
CA ALA A 97 -7.06 5.92 28.74
C ALA A 97 -5.74 6.42 28.15
N TYR A 98 -4.77 6.65 29.03
CA TYR A 98 -3.46 7.15 28.60
C TYR A 98 -2.81 6.18 27.61
N VAL A 99 -2.76 4.92 27.98
CA VAL A 99 -2.14 3.92 27.13
C VAL A 99 -2.92 3.75 25.83
N ALA A 100 -4.24 3.73 25.93
CA ALA A 100 -5.09 3.59 24.75
C ALA A 100 -4.86 4.77 23.81
N THR A 101 -4.71 5.96 24.39
CA THR A 101 -4.54 7.17 23.59
C THR A 101 -3.39 7.02 22.60
N LEU A 102 -2.22 6.55 23.06
CA LEU A 102 -1.10 6.39 22.14
C LEU A 102 -1.48 5.43 21.00
N SER A 103 -1.92 4.24 21.36
CA SER A 103 -2.26 3.24 20.34
C SER A 103 -3.00 3.85 19.16
N GLU A 104 -4.02 4.67 19.42
CA GLU A 104 -4.76 5.32 18.33
C GLU A 104 -3.84 6.29 17.59
N ALA A 105 -3.13 7.10 18.36
CA ALA A 105 -2.19 8.08 17.80
C ALA A 105 -1.10 7.36 17.01
N LEU A 106 -0.68 6.23 17.55
CA LEU A 106 0.35 5.41 16.95
C LEU A 106 -0.17 4.66 15.71
N ARG A 107 -1.45 4.29 15.74
CA ARG A 107 -2.04 3.57 14.62
C ARG A 107 -2.30 4.48 13.41
N ILE A 108 -2.81 5.68 13.68
CA ILE A 108 -3.13 6.63 12.61
C ILE A 108 -1.89 7.02 11.81
N ILE A 109 -0.72 7.02 12.45
CA ILE A 109 0.48 7.41 11.73
C ILE A 109 0.68 6.49 10.53
N ALA A 110 0.31 5.22 10.70
CA ALA A 110 0.43 4.25 9.63
C ALA A 110 -0.52 4.59 8.49
N GLY A 111 -1.57 5.34 8.81
CA GLY A 111 -2.55 5.74 7.81
C GLY A 111 -2.19 7.08 7.16
N THR A 112 -1.41 7.89 7.88
CA THR A 112 -1.01 9.21 7.36
C THR A 112 0.28 9.13 6.55
N LEU A 113 1.02 8.03 6.70
CA LEU A 113 2.28 7.84 5.98
C LEU A 113 2.04 7.13 4.66
N GLU A 114 0.77 6.79 4.38
CA GLU A 114 0.45 6.10 3.15
C GLU A 114 0.64 7.02 1.96
N VAL A 115 1.34 6.53 0.93
CA VAL A 115 1.61 7.35 -0.25
C VAL A 115 0.41 8.20 -0.63
N HIS A 116 -0.76 7.58 -0.76
CA HIS A 116 -1.96 8.32 -1.12
C HIS A 116 -1.80 8.96 -2.49
N ALA A 117 -1.63 8.12 -3.51
CA ALA A 117 -1.46 8.60 -4.88
C ALA A 117 -2.81 8.87 -5.49
N VAL A 118 -3.62 7.81 -5.62
CA VAL A 118 -4.96 7.94 -6.18
C VAL A 118 -4.95 8.91 -7.37
N LYS A 119 -4.83 8.36 -8.57
CA LYS A 119 -4.81 9.17 -9.80
C LYS A 119 -5.78 8.61 -10.83
N PRO A 120 -7.05 8.86 -10.65
CA PRO A 120 -8.09 8.34 -11.61
C PRO A 120 -7.78 8.72 -13.05
N ALA A 121 -7.99 7.76 -13.96
CA ALA A 121 -7.70 7.99 -15.37
C ALA A 121 -6.24 8.39 -15.55
N ALA A 122 -5.35 7.44 -15.28
CA ALA A 122 -3.92 7.69 -15.41
C ALA A 122 -3.49 7.66 -16.87
N GLU A 123 -4.46 7.39 -17.75
CA GLU A 123 -4.20 7.33 -19.20
C GLU A 123 -3.44 6.06 -19.54
N GLU A 124 -4.18 4.96 -19.73
CA GLU A 124 -3.59 3.66 -20.07
C GLU A 124 -4.07 3.21 -21.45
N VAL A 125 -3.29 2.37 -22.10
CA VAL A 125 -3.65 1.87 -23.43
C VAL A 125 -4.73 0.80 -23.32
N LYS A 126 -5.89 1.07 -23.92
CA LYS A 126 -6.99 0.13 -23.91
C LYS A 126 -6.63 -1.13 -24.67
N VAL A 127 -5.96 -0.97 -25.81
CA VAL A 127 -5.56 -2.09 -26.64
C VAL A 127 -4.21 -1.82 -27.31
N ILE A 128 -3.47 -2.88 -27.59
CA ILE A 128 -2.17 -2.73 -28.24
C ILE A 128 -2.37 -2.35 -29.72
N PRO A 129 -1.71 -1.33 -30.23
CA PRO A 129 -1.89 -0.92 -31.66
C PRO A 129 -1.30 -1.93 -32.63
N ALA A 130 -0.31 -2.69 -32.18
CA ALA A 130 0.34 -3.68 -33.03
C ALA A 130 -0.67 -4.72 -33.53
N GLY A 131 -1.59 -5.11 -32.67
CA GLY A 131 -2.60 -6.08 -33.05
C GLY A 131 -3.71 -5.39 -33.84
N GLU A 132 -4.75 -6.15 -34.17
CA GLU A 132 -5.88 -5.63 -34.93
C GLU A 132 -5.47 -5.26 -36.35
N LEU A 133 -4.18 -5.38 -36.65
CA LEU A 133 -3.69 -5.09 -37.99
C LEU A 133 -3.82 -6.32 -38.87
N GLN A 134 -3.72 -7.47 -38.25
CA GLN A 134 -3.81 -8.74 -38.96
C GLN A 134 -5.15 -8.86 -39.69
N VAL A 135 -6.22 -8.39 -39.04
CA VAL A 135 -7.54 -8.48 -39.67
C VAL A 135 -7.49 -7.92 -41.09
N ILE A 136 -6.41 -7.19 -41.41
CA ILE A 136 -6.27 -6.65 -42.76
C ILE A 136 -6.25 -7.78 -43.77
N GLU A 137 -5.92 -8.99 -43.31
CA GLU A 137 -5.87 -10.10 -44.23
C GLU A 137 -7.25 -10.31 -44.85
N LYS A 138 -8.29 -10.40 -44.02
CA LYS A 138 -9.65 -10.57 -44.51
C LYS A 138 -10.11 -9.37 -45.32
N VAL A 139 -9.76 -8.17 -44.87
CA VAL A 139 -10.17 -6.96 -45.57
C VAL A 139 -9.65 -6.99 -47.00
N ASP A 140 -8.38 -7.33 -47.16
CA ASP A 140 -7.80 -7.42 -48.49
C ASP A 140 -8.55 -8.45 -49.33
N ALA A 141 -8.81 -9.61 -48.73
CA ALA A 141 -9.52 -10.66 -49.45
C ALA A 141 -10.94 -10.21 -49.79
N ALA A 142 -11.73 -9.94 -48.75
CA ALA A 142 -13.11 -9.53 -48.93
C ALA A 142 -13.23 -8.40 -49.95
N PHE A 143 -12.14 -7.71 -50.20
CA PHE A 143 -12.18 -6.61 -51.15
C PHE A 143 -12.44 -7.13 -52.58
N LYS A 144 -11.99 -8.35 -52.86
CA LYS A 144 -12.16 -8.93 -54.19
C LYS A 144 -13.63 -9.09 -54.56
N VAL A 145 -14.41 -9.68 -53.67
CA VAL A 145 -15.84 -9.88 -53.93
C VAL A 145 -16.55 -8.54 -54.12
N ALA A 146 -15.92 -7.47 -53.66
CA ALA A 146 -16.47 -6.14 -53.84
C ALA A 146 -16.10 -5.60 -55.22
N ALA A 147 -14.90 -5.97 -55.68
CA ALA A 147 -14.41 -5.52 -56.99
C ALA A 147 -15.13 -6.18 -58.16
N THR A 148 -15.27 -7.50 -58.12
CA THR A 148 -15.92 -8.23 -59.22
C THR A 148 -17.43 -7.99 -59.21
N ALA A 149 -18.06 -8.35 -58.11
CA ALA A 149 -19.51 -8.19 -57.99
C ALA A 149 -19.94 -6.75 -58.27
N ALA A 150 -18.99 -5.82 -58.16
CA ALA A 150 -19.29 -4.42 -58.47
C ALA A 150 -19.10 -4.19 -59.96
N ASN A 151 -18.01 -4.76 -60.49
CA ASN A 151 -17.69 -4.63 -61.90
C ASN A 151 -18.83 -5.11 -62.77
N ALA A 152 -19.56 -6.10 -62.27
CA ALA A 152 -20.70 -6.64 -63.00
C ALA A 152 -21.83 -5.61 -63.09
N ALA A 153 -21.63 -4.48 -62.43
CA ALA A 153 -22.63 -3.41 -62.45
C ALA A 153 -22.69 -2.79 -63.86
N PRO A 154 -23.85 -2.43 -64.37
CA PRO A 154 -23.95 -1.82 -65.73
C PRO A 154 -23.60 -0.34 -65.73
N ALA A 155 -22.62 0.04 -64.91
CA ALA A 155 -22.22 1.45 -64.82
C ALA A 155 -23.20 2.21 -63.95
N ASN A 156 -23.80 1.50 -63.00
CA ASN A 156 -24.76 2.08 -62.07
C ASN A 156 -24.85 1.22 -60.83
N ASP A 157 -24.92 1.86 -59.65
CA ASP A 157 -25.01 1.12 -58.39
C ASP A 157 -23.63 0.57 -58.02
N LYS A 158 -22.69 0.70 -58.95
CA LYS A 158 -21.35 0.18 -58.74
C LYS A 158 -20.84 0.55 -57.33
N PHE A 159 -20.94 1.82 -56.97
CA PHE A 159 -20.51 2.25 -55.65
C PHE A 159 -21.35 1.57 -54.58
N THR A 160 -22.66 1.65 -54.76
CA THR A 160 -23.59 1.08 -53.79
C THR A 160 -23.15 -0.32 -53.39
N VAL A 161 -22.75 -1.13 -54.36
CA VAL A 161 -22.31 -2.48 -54.07
C VAL A 161 -21.15 -2.43 -53.08
N PHE A 162 -20.18 -1.56 -53.36
CA PHE A 162 -19.04 -1.44 -52.47
C PHE A 162 -19.53 -1.02 -51.08
N GLU A 163 -20.30 0.06 -51.05
CA GLU A 163 -20.81 0.57 -49.79
C GLU A 163 -21.65 -0.49 -49.10
N ALA A 164 -22.16 -1.43 -49.88
CA ALA A 164 -22.97 -2.51 -49.33
C ALA A 164 -22.07 -3.56 -48.67
N ALA A 165 -21.24 -4.21 -49.48
CA ALA A 165 -20.34 -5.24 -48.97
C ALA A 165 -19.24 -4.67 -48.08
N PHE A 166 -18.70 -3.52 -48.47
CA PHE A 166 -17.61 -2.93 -47.71
C PHE A 166 -18.03 -2.67 -46.27
N ASN A 167 -19.18 -2.02 -46.10
CA ASN A 167 -19.71 -1.73 -44.76
C ASN A 167 -20.32 -2.99 -44.14
N ASP A 168 -20.97 -3.81 -44.98
CA ASP A 168 -21.61 -5.03 -44.50
C ASP A 168 -20.59 -6.15 -44.28
N ALA A 169 -19.91 -6.57 -45.34
CA ALA A 169 -18.98 -7.68 -45.23
C ALA A 169 -18.10 -7.53 -43.99
N ILE A 170 -17.58 -6.35 -43.75
CA ILE A 170 -16.75 -6.14 -42.57
C ILE A 170 -17.53 -6.40 -41.29
N LYS A 171 -18.72 -5.79 -41.19
CA LYS A 171 -19.56 -5.95 -40.00
C LYS A 171 -20.25 -7.32 -39.95
N ALA A 172 -20.79 -7.77 -41.07
CA ALA A 172 -21.54 -9.02 -41.09
C ALA A 172 -20.72 -10.20 -40.56
N SER A 173 -19.48 -10.36 -41.00
CA SER A 173 -18.68 -11.45 -40.49
C SER A 173 -18.42 -11.20 -39.01
N THR A 174 -18.07 -9.96 -38.70
CA THR A 174 -17.79 -9.55 -37.32
C THR A 174 -18.85 -8.57 -36.83
N GLY A 175 -20.09 -9.04 -36.69
CA GLY A 175 -21.17 -8.17 -36.21
C GLY A 175 -20.93 -7.77 -34.76
N GLY A 176 -20.52 -8.75 -33.95
CA GLY A 176 -20.24 -8.52 -32.54
C GLY A 176 -18.76 -8.21 -32.34
N ALA A 177 -18.30 -7.08 -32.89
CA ALA A 177 -16.90 -6.68 -32.75
C ALA A 177 -16.54 -5.64 -33.84
N TYR A 178 -16.04 -4.47 -33.44
CA TYR A 178 -15.66 -3.45 -34.41
C TYR A 178 -16.82 -3.09 -35.33
N GLU A 179 -18.03 -3.11 -34.81
CA GLU A 179 -19.20 -2.77 -35.62
C GLU A 179 -19.06 -1.34 -36.14
N SER A 180 -18.35 -1.21 -37.28
CA SER A 180 -18.11 0.09 -37.95
C SER A 180 -16.64 0.19 -38.39
N TYR A 181 -16.40 0.86 -39.50
CA TYR A 181 -15.04 1.04 -39.99
C TYR A 181 -14.22 1.89 -39.01
N LYS A 182 -13.71 1.25 -37.97
CA LYS A 182 -12.91 1.94 -36.95
C LYS A 182 -11.69 1.09 -36.56
N PHE A 183 -11.86 -0.23 -36.64
CA PHE A 183 -10.80 -1.16 -36.28
C PHE A 183 -9.42 -0.63 -36.67
N ILE A 184 -9.36 0.14 -37.75
CA ILE A 184 -8.10 0.73 -38.22
C ILE A 184 -8.30 2.20 -38.61
N PRO A 185 -8.01 3.13 -37.73
CA PRO A 185 -8.17 4.59 -38.03
C PRO A 185 -7.49 4.99 -39.34
N ALA A 186 -7.83 6.18 -39.83
CA ALA A 186 -7.31 6.72 -41.09
C ALA A 186 -8.32 6.49 -42.21
N LEU A 187 -8.94 5.32 -42.19
CA LEU A 187 -9.95 5.00 -43.21
C LEU A 187 -11.09 6.01 -43.11
N GLU A 188 -11.57 6.26 -41.91
CA GLU A 188 -12.68 7.20 -41.73
C GLU A 188 -12.44 8.50 -42.48
N ALA A 189 -11.22 9.02 -42.41
CA ALA A 189 -10.89 10.27 -43.12
C ALA A 189 -10.48 9.98 -44.56
N ALA A 190 -9.51 9.08 -44.70
CA ALA A 190 -8.98 8.74 -46.03
C ALA A 190 -10.09 8.26 -46.97
N VAL A 191 -11.05 7.50 -46.45
CA VAL A 191 -12.15 7.02 -47.28
C VAL A 191 -12.97 8.21 -47.77
N LYS A 192 -13.15 9.18 -46.89
CA LYS A 192 -13.94 10.38 -47.21
C LYS A 192 -13.48 11.04 -48.50
N GLN A 193 -12.20 10.89 -48.85
CA GLN A 193 -11.69 11.48 -50.09
C GLN A 193 -12.37 10.84 -51.28
N ALA A 194 -12.61 9.54 -51.14
CA ALA A 194 -13.23 8.76 -52.19
C ALA A 194 -14.43 9.51 -52.78
N TYR A 195 -15.25 10.09 -51.91
CA TYR A 195 -16.42 10.83 -52.37
C TYR A 195 -16.01 12.25 -52.78
N ALA A 196 -14.81 12.65 -52.39
CA ALA A 196 -14.29 13.97 -52.75
C ALA A 196 -13.53 13.88 -54.08
N ALA A 197 -13.12 12.66 -54.42
CA ALA A 197 -12.37 12.41 -55.66
C ALA A 197 -13.30 11.93 -56.78
N THR A 198 -14.03 10.83 -56.52
CA THR A 198 -14.92 10.27 -57.53
C THR A 198 -16.12 11.18 -57.78
N VAL A 199 -15.84 12.45 -58.06
CA VAL A 199 -16.88 13.43 -58.35
C VAL A 199 -16.36 14.38 -59.43
N ALA A 200 -15.14 14.85 -59.23
CA ALA A 200 -14.48 15.75 -60.17
C ALA A 200 -13.08 15.22 -60.45
N THR A 201 -12.99 14.22 -61.34
CA THR A 201 -11.72 13.60 -61.68
C THR A 201 -11.66 13.32 -63.17
N ALA A 202 -10.44 13.24 -63.71
CA ALA A 202 -10.28 12.99 -65.14
C ALA A 202 -11.14 11.79 -65.58
N PRO A 203 -11.86 11.89 -66.68
CA PRO A 203 -12.73 10.77 -67.17
C PRO A 203 -11.94 9.66 -67.86
N GLU A 204 -11.28 8.83 -67.07
CA GLU A 204 -10.49 7.73 -67.63
C GLU A 204 -10.10 6.74 -66.53
N VAL A 205 -9.72 7.27 -65.37
CA VAL A 205 -9.31 6.45 -64.24
C VAL A 205 -10.25 6.67 -63.06
N LYS A 206 -11.47 7.09 -63.36
CA LYS A 206 -12.46 7.37 -62.32
C LYS A 206 -12.58 6.19 -61.36
N TYR A 207 -12.74 4.97 -61.89
CA TYR A 207 -12.84 3.81 -61.00
C TYR A 207 -11.45 3.36 -60.58
N THR A 208 -10.54 3.29 -61.54
CA THR A 208 -9.18 2.86 -61.26
C THR A 208 -8.62 3.56 -60.03
N VAL A 209 -8.92 4.84 -59.89
CA VAL A 209 -8.44 5.57 -58.71
C VAL A 209 -8.98 4.90 -57.45
N PHE A 210 -10.28 4.63 -57.47
CA PHE A 210 -10.94 3.98 -56.33
C PHE A 210 -10.33 2.62 -56.05
N GLU A 211 -10.06 1.86 -57.11
CA GLU A 211 -9.46 0.54 -56.94
C GLU A 211 -8.01 0.64 -56.49
N THR A 212 -7.28 1.53 -57.11
CA THR A 212 -5.87 1.68 -56.81
C THR A 212 -5.59 2.31 -55.44
N ALA A 213 -6.23 3.43 -55.13
CA ALA A 213 -5.98 4.10 -53.85
C ALA A 213 -6.38 3.24 -52.66
N LEU A 214 -7.53 2.57 -52.75
CA LEU A 214 -7.97 1.72 -51.64
C LEU A 214 -6.99 0.59 -51.41
N LYS A 215 -6.67 -0.14 -52.49
CA LYS A 215 -5.73 -1.23 -52.38
C LYS A 215 -4.37 -0.71 -51.95
N LYS A 216 -3.96 0.40 -52.56
CA LYS A 216 -2.68 1.01 -52.25
C LYS A 216 -2.62 1.46 -50.78
N ALA A 217 -3.66 2.17 -50.34
CA ALA A 217 -3.69 2.66 -48.97
C ALA A 217 -3.66 1.51 -47.97
N ILE A 218 -4.45 0.49 -48.27
CA ILE A 218 -4.52 -0.67 -47.40
C ILE A 218 -3.18 -1.41 -47.37
N THR A 219 -2.49 -1.43 -48.51
CA THR A 219 -1.18 -2.07 -48.59
C THR A 219 -0.19 -1.36 -47.68
N ALA A 220 -0.14 -0.04 -47.77
CA ALA A 220 0.80 0.71 -46.94
C ALA A 220 0.60 0.27 -45.51
N MET A 221 -0.66 0.23 -45.11
CA MET A 221 -1.04 -0.21 -43.78
C MET A 221 -0.60 -1.64 -43.53
N SER A 222 -0.32 -2.39 -44.61
CA SER A 222 0.13 -3.77 -44.48
C SER A 222 1.53 -3.82 -43.86
N GLU A 223 2.38 -2.88 -44.28
CA GLU A 223 3.75 -2.82 -43.79
C GLU A 223 3.76 -2.58 -42.28
N ALA A 224 2.63 -2.11 -41.76
CA ALA A 224 2.52 -1.85 -40.33
C ALA A 224 2.78 -3.12 -39.53
N GLN A 225 2.34 -4.27 -40.07
CA GLN A 225 2.54 -5.54 -39.38
C GLN A 225 4.02 -5.83 -39.20
N LYS A 226 4.83 -5.51 -40.21
CA LYS A 226 6.26 -5.75 -40.11
C LYS A 226 6.84 -4.99 -38.92
N ALA A 227 6.49 -3.72 -38.82
CA ALA A 227 6.96 -2.90 -37.72
C ALA A 227 6.01 -1.74 -37.50
N ALA A 228 5.63 -1.53 -36.25
CA ALA A 228 4.73 -0.44 -35.91
C ALA A 228 5.53 0.81 -35.62
N LYS A 229 6.83 0.76 -35.95
CA LYS A 229 7.71 1.89 -35.73
C LYS A 229 7.56 2.42 -34.30
N PRO A 230 7.79 1.57 -33.32
CA PRO A 230 7.67 1.96 -31.88
C PRO A 230 8.80 2.88 -31.44
N ALA A 231 8.52 3.71 -30.43
CA ALA A 231 9.52 4.64 -29.92
C ALA A 231 10.74 3.89 -29.39
N PRO A 1 -4.20 -10.08 -2.52
CA PRO A 1 -2.95 -9.83 -1.76
C PRO A 1 -2.17 -8.69 -2.41
N ALA A 2 -1.81 -7.70 -1.60
CA ALA A 2 -1.06 -6.55 -2.08
C ALA A 2 0.32 -6.98 -2.56
N GLY A 3 0.84 -6.28 -3.57
CA GLY A 3 2.15 -6.61 -4.11
C GLY A 3 3.24 -6.29 -3.09
N LYS A 4 3.59 -5.01 -2.98
CA LYS A 4 4.61 -4.57 -2.04
C LYS A 4 4.71 -3.04 -2.05
N ALA A 5 5.63 -2.51 -2.85
CA ALA A 5 5.82 -1.07 -2.94
C ALA A 5 5.76 -0.43 -1.55
N THR A 6 6.60 -0.90 -0.65
CA THR A 6 6.64 -0.38 0.73
C THR A 6 7.88 0.49 0.94
N THR A 7 7.79 1.41 1.89
CA THR A 7 8.90 2.31 2.21
C THR A 7 9.54 1.93 3.54
N GLU A 8 10.68 2.54 3.84
CA GLU A 8 11.38 2.27 5.08
C GLU A 8 10.51 2.67 6.27
N GLU A 9 9.79 3.78 6.12
CA GLU A 9 8.92 4.25 7.19
C GLU A 9 7.89 3.17 7.55
N GLN A 10 6.98 2.88 6.61
CA GLN A 10 5.95 1.88 6.87
C GLN A 10 6.60 0.63 7.44
N LYS A 11 7.74 0.27 6.88
CA LYS A 11 8.48 -0.89 7.35
C LYS A 11 8.93 -0.70 8.80
N LEU A 12 9.32 0.54 9.16
CA LEU A 12 9.75 0.84 10.52
C LEU A 12 8.58 0.79 11.50
N ILE A 13 7.48 1.43 11.11
CA ILE A 13 6.31 1.50 11.97
C ILE A 13 5.79 0.10 12.32
N GLU A 14 6.14 -0.89 11.52
CA GLU A 14 5.72 -2.26 11.78
C GLU A 14 6.68 -2.90 12.76
N LYS A 15 7.95 -2.52 12.63
CA LYS A 15 9.00 -3.06 13.48
C LYS A 15 9.06 -2.36 14.84
N ILE A 16 8.70 -1.08 14.89
CA ILE A 16 8.75 -0.33 16.13
C ILE A 16 7.86 -0.97 17.20
N ASN A 17 6.91 -1.78 16.76
CA ASN A 17 6.00 -2.41 17.71
C ASN A 17 6.79 -3.18 18.76
N ALA A 18 7.78 -3.95 18.31
CA ALA A 18 8.58 -4.74 19.24
C ALA A 18 9.27 -3.83 20.26
N GLY A 19 9.77 -2.68 19.80
CA GLY A 19 10.44 -1.74 20.70
C GLY A 19 9.46 -1.25 21.77
N PHE A 20 8.22 -1.00 21.36
CA PHE A 20 7.19 -0.52 22.26
C PHE A 20 6.86 -1.57 23.30
N LYS A 21 6.87 -2.81 22.90
CA LYS A 21 6.55 -3.87 23.83
C LYS A 21 7.53 -3.87 24.99
N ALA A 22 8.72 -3.33 24.76
CA ALA A 22 9.72 -3.29 25.81
C ALA A 22 9.24 -2.49 27.01
N ALA A 23 8.58 -1.35 26.75
CA ALA A 23 8.05 -0.51 27.84
C ALA A 23 6.63 -0.92 28.22
N LEU A 24 5.80 -1.16 27.22
CA LEU A 24 4.41 -1.51 27.47
C LEU A 24 4.32 -2.81 28.24
N ALA A 25 5.13 -3.79 27.86
CA ALA A 25 5.14 -5.08 28.54
C ALA A 25 5.64 -4.92 29.97
N ALA A 26 6.60 -4.02 30.15
CA ALA A 26 7.18 -3.78 31.47
C ALA A 26 6.26 -2.92 32.35
N ALA A 27 5.26 -2.30 31.74
CA ALA A 27 4.34 -1.46 32.49
C ALA A 27 3.63 -2.29 33.55
N ALA A 28 3.28 -3.53 33.19
CA ALA A 28 2.60 -4.44 34.11
C ALA A 28 3.56 -5.53 34.59
N GLY A 29 3.22 -6.16 35.72
CA GLY A 29 4.03 -7.22 36.30
C GLY A 29 4.89 -6.72 37.45
N VAL A 30 5.06 -5.40 37.53
CA VAL A 30 5.87 -4.80 38.60
C VAL A 30 4.95 -4.17 39.65
N GLN A 31 5.49 -3.90 40.85
CA GLN A 31 4.68 -3.32 41.91
C GLN A 31 4.35 -1.85 41.61
N PRO A 32 3.24 -1.33 42.06
CA PRO A 32 2.88 0.10 41.82
C PRO A 32 3.98 1.06 42.30
N ALA A 33 4.94 1.35 41.42
CA ALA A 33 6.03 2.26 41.79
C ALA A 33 6.92 2.60 40.61
N ASP A 34 7.29 1.60 39.82
CA ASP A 34 8.16 1.83 38.66
C ASP A 34 7.33 1.83 37.38
N LYS A 35 6.14 1.25 37.45
CA LYS A 35 5.27 1.17 36.28
C LYS A 35 5.06 2.54 35.65
N TYR A 36 5.24 3.59 36.45
CA TYR A 36 5.08 4.95 35.93
C TYR A 36 6.39 5.41 35.28
N ARG A 37 7.47 5.30 36.02
CA ARG A 37 8.78 5.73 35.53
C ARG A 37 9.30 4.81 34.44
N THR A 38 8.79 3.59 34.38
CA THR A 38 9.22 2.64 33.36
C THR A 38 8.82 3.17 31.98
N PHE A 39 7.61 3.70 31.90
CA PHE A 39 7.11 4.20 30.63
C PHE A 39 8.16 5.06 29.93
N VAL A 40 8.50 6.20 30.51
CA VAL A 40 9.49 7.08 29.87
C VAL A 40 10.91 6.48 29.94
N ALA A 41 11.24 5.90 31.09
CA ALA A 41 12.57 5.33 31.30
C ALA A 41 12.91 4.18 30.34
N THR A 42 11.95 3.28 30.14
CA THR A 42 12.17 2.13 29.25
C THR A 42 11.93 2.47 27.78
N PHE A 43 10.89 3.25 27.51
CA PHE A 43 10.57 3.64 26.13
C PHE A 43 11.78 4.27 25.46
N GLY A 44 12.71 4.73 26.29
CA GLY A 44 13.92 5.35 25.76
C GLY A 44 14.65 4.35 24.86
N ALA A 45 14.70 3.11 25.31
CA ALA A 45 15.33 2.04 24.54
C ALA A 45 14.54 1.75 23.26
N ALA A 46 13.21 1.80 23.37
CA ALA A 46 12.33 1.50 22.23
C ALA A 46 12.57 2.43 21.06
N SER A 47 12.67 3.72 21.33
CA SER A 47 12.91 4.67 20.24
C SER A 47 14.36 4.62 19.79
N ASN A 48 15.24 4.23 20.71
CA ASN A 48 16.66 4.14 20.39
C ASN A 48 16.89 3.11 19.30
N LYS A 49 16.27 1.95 19.46
CA LYS A 49 16.41 0.89 18.47
C LYS A 49 15.82 1.32 17.13
N ALA A 50 14.61 1.86 17.17
CA ALA A 50 13.95 2.30 15.96
C ALA A 50 14.74 3.41 15.29
N PHE A 51 15.25 4.32 16.11
CA PHE A 51 16.03 5.44 15.61
C PHE A 51 17.26 4.91 14.87
N ALA A 52 17.87 3.86 15.42
CA ALA A 52 19.05 3.25 14.82
C ALA A 52 18.67 2.30 13.68
N GLU A 53 17.39 1.92 13.61
CA GLU A 53 16.91 1.02 12.55
C GLU A 53 16.11 1.80 11.52
N GLY A 54 15.78 3.04 11.84
CA GLY A 54 15.01 3.87 10.92
C GLY A 54 15.77 4.09 9.62
N LEU A 55 17.08 4.31 9.73
CA LEU A 55 17.91 4.54 8.55
C LEU A 55 18.52 3.25 8.04
N SER A 56 17.97 2.75 6.94
CA SER A 56 18.49 1.52 6.34
C SER A 56 17.98 1.39 4.91
N GLY A 57 18.77 0.74 4.05
CA GLY A 57 18.37 0.56 2.66
C GLY A 57 18.13 1.90 2.00
N GLU A 58 18.87 2.92 2.41
CA GLU A 58 18.71 4.25 1.84
C GLU A 58 20.05 4.99 1.85
N PRO A 59 20.91 4.67 0.92
CA PRO A 59 22.26 5.32 0.82
C PRO A 59 22.15 6.84 0.86
N LYS A 60 23.05 7.48 1.60
CA LYS A 60 23.05 8.93 1.71
C LYS A 60 21.69 9.44 2.19
N GLY A 61 21.54 9.56 3.51
CA GLY A 61 20.29 10.04 4.08
C GLY A 61 19.95 11.44 3.57
N ALA A 62 20.97 12.28 3.47
CA ALA A 62 20.78 13.65 2.99
C ALA A 62 19.72 14.38 3.82
N ALA A 63 20.12 14.81 5.01
CA ALA A 63 19.20 15.52 5.89
C ALA A 63 18.00 14.64 6.23
N GLU A 64 18.26 13.36 6.45
CA GLU A 64 17.19 12.41 6.76
C GLU A 64 16.47 12.82 8.05
N SER A 65 17.15 13.59 8.89
CA SER A 65 16.54 14.01 10.15
C SER A 65 15.28 14.81 9.86
N SER A 66 15.38 15.77 8.94
CA SER A 66 14.26 16.62 8.61
C SER A 66 13.01 15.80 8.26
N SER A 67 13.21 14.68 7.57
CA SER A 67 12.08 13.81 7.23
C SER A 67 11.59 13.06 8.46
N LYS A 68 12.55 12.66 9.29
CA LYS A 68 12.25 11.91 10.52
C LYS A 68 11.81 12.86 11.63
N ALA A 69 12.12 14.14 11.47
CA ALA A 69 11.76 15.13 12.47
C ALA A 69 10.25 15.11 12.69
N ALA A 70 9.51 14.97 11.60
CA ALA A 70 8.06 14.92 11.69
C ALA A 70 7.62 13.72 12.52
N LEU A 71 8.28 12.58 12.28
CA LEU A 71 7.96 11.36 13.01
C LEU A 71 8.42 11.41 14.47
N THR A 72 9.63 11.91 14.70
CA THR A 72 10.15 11.98 16.08
C THR A 72 9.46 13.05 16.88
N SER A 73 9.28 14.22 16.27
CA SER A 73 8.63 15.32 16.95
C SER A 73 7.21 14.95 17.32
N LYS A 74 6.55 14.24 16.43
CA LYS A 74 5.19 13.80 16.66
C LYS A 74 5.14 12.73 17.75
N LEU A 75 6.12 11.82 17.74
CA LEU A 75 6.13 10.74 18.72
C LEU A 75 6.22 11.30 20.13
N ASP A 76 7.09 12.28 20.35
CA ASP A 76 7.21 12.87 21.67
C ASP A 76 5.95 13.65 22.02
N ALA A 77 5.40 14.34 21.03
CA ALA A 77 4.19 15.13 21.22
C ALA A 77 2.99 14.24 21.56
N ALA A 78 2.82 13.15 20.81
CA ALA A 78 1.71 12.24 21.05
C ALA A 78 1.91 11.46 22.34
N TYR A 79 3.09 10.87 22.47
CA TYR A 79 3.39 10.04 23.63
C TYR A 79 3.15 10.85 24.91
N LYS A 80 3.67 12.06 24.93
CA LYS A 80 3.50 12.96 26.07
C LYS A 80 2.07 13.46 26.18
N LEU A 81 1.40 13.64 25.04
CA LEU A 81 0.02 14.11 25.05
C LEU A 81 -0.91 13.03 25.58
N ALA A 82 -0.69 11.81 25.12
CA ALA A 82 -1.53 10.69 25.56
C ALA A 82 -1.34 10.45 27.05
N TYR A 83 -0.09 10.52 27.50
CA TYR A 83 0.22 10.33 28.91
C TYR A 83 -0.34 11.49 29.74
N LYS A 84 -0.22 12.71 29.21
CA LYS A 84 -0.69 13.89 29.91
C LYS A 84 -2.18 13.77 30.25
N THR A 85 -2.95 13.15 29.37
CA THR A 85 -4.38 12.98 29.63
C THR A 85 -4.59 12.09 30.85
N ALA A 86 -3.57 11.30 31.19
CA ALA A 86 -3.64 10.42 32.34
C ALA A 86 -3.86 11.23 33.61
N GLU A 87 -3.21 12.39 33.65
CA GLU A 87 -3.32 13.29 34.78
C GLU A 87 -4.76 13.76 34.96
N GLY A 88 -5.44 14.06 33.84
CA GLY A 88 -6.83 14.51 33.90
C GLY A 88 -7.80 13.34 33.91
N ALA A 89 -7.35 12.20 33.40
CA ALA A 89 -8.19 11.01 33.35
C ALA A 89 -8.52 10.52 34.75
N THR A 90 -9.63 9.78 34.85
CA THR A 90 -10.07 9.26 36.13
C THR A 90 -9.03 8.29 36.72
N PRO A 91 -8.48 8.55 37.90
CA PRO A 91 -7.48 7.61 38.53
C PRO A 91 -8.01 6.19 38.68
N GLU A 92 -9.20 5.92 38.15
CA GLU A 92 -9.77 4.58 38.23
C GLU A 92 -9.28 3.71 37.08
N ALA A 93 -8.93 4.34 35.97
CA ALA A 93 -8.45 3.61 34.82
C ALA A 93 -7.71 4.53 33.85
N LYS A 94 -6.96 5.48 34.41
CA LYS A 94 -6.21 6.42 33.59
C LYS A 94 -5.21 5.71 32.69
N TYR A 95 -4.69 4.58 33.15
CA TYR A 95 -3.71 3.84 32.36
C TYR A 95 -4.32 3.29 31.07
N ASP A 96 -5.56 2.80 31.15
CA ASP A 96 -6.18 2.26 29.96
C ASP A 96 -6.30 3.33 28.88
N ALA A 97 -6.78 4.50 29.28
CA ALA A 97 -6.93 5.59 28.33
C ALA A 97 -5.57 6.02 27.78
N TYR A 98 -4.57 6.13 28.66
CA TYR A 98 -3.23 6.53 28.23
C TYR A 98 -2.66 5.51 27.24
N VAL A 99 -2.71 4.25 27.64
CA VAL A 99 -2.20 3.19 26.80
C VAL A 99 -3.04 3.05 25.52
N ALA A 100 -4.35 3.07 25.68
CA ALA A 100 -5.26 2.96 24.54
C ALA A 100 -5.11 4.17 23.61
N THR A 101 -4.92 5.34 24.19
CA THR A 101 -4.79 6.57 23.42
C THR A 101 -3.51 6.59 22.58
N LEU A 102 -2.52 5.77 22.93
CA LEU A 102 -1.28 5.75 22.16
C LEU A 102 -1.54 5.35 20.72
N SER A 103 -2.32 4.29 20.50
CA SER A 103 -2.58 3.82 19.15
C SER A 103 -3.27 4.87 18.29
N GLU A 104 -3.91 5.86 18.92
CA GLU A 104 -4.56 6.91 18.15
C GLU A 104 -3.51 7.68 17.35
N ALA A 105 -2.45 8.07 18.03
CA ALA A 105 -1.36 8.82 17.38
C ALA A 105 -0.63 7.93 16.38
N LEU A 106 -0.40 6.69 16.78
CA LEU A 106 0.31 5.73 15.93
C LEU A 106 -0.54 5.32 14.74
N ARG A 107 -1.85 5.23 14.96
CA ARG A 107 -2.75 4.85 13.87
C ARG A 107 -2.78 5.90 12.77
N ILE A 108 -2.87 7.17 13.16
CA ILE A 108 -2.94 8.25 12.17
C ILE A 108 -1.60 8.47 11.46
N ILE A 109 -0.48 8.33 12.17
CA ILE A 109 0.80 8.56 11.52
C ILE A 109 0.93 7.60 10.36
N ALA A 110 0.39 6.40 10.53
CA ALA A 110 0.41 5.40 9.48
C ALA A 110 -0.52 5.80 8.35
N GLY A 111 -1.51 6.64 8.68
CA GLY A 111 -2.47 7.12 7.69
C GLY A 111 -2.03 8.43 7.05
N THR A 112 -0.92 9.01 7.54
CA THR A 112 -0.42 10.28 7.00
C THR A 112 0.91 10.09 6.27
N LEU A 113 1.60 9.00 6.57
CA LEU A 113 2.89 8.71 5.93
C LEU A 113 2.67 7.97 4.61
N GLU A 114 1.46 7.46 4.41
CA GLU A 114 1.12 6.73 3.18
C GLU A 114 0.49 7.66 2.16
N VAL A 115 0.91 7.53 0.91
CA VAL A 115 0.38 8.36 -0.18
C VAL A 115 -0.31 7.49 -1.23
N HIS A 116 -1.55 7.85 -1.56
CA HIS A 116 -2.31 7.09 -2.54
C HIS A 116 -1.65 7.15 -3.91
N ALA A 117 -1.68 6.05 -4.64
CA ALA A 117 -1.07 5.97 -5.97
C ALA A 117 -2.16 5.88 -7.05
N VAL A 118 -3.26 6.57 -6.83
CA VAL A 118 -4.37 6.57 -7.78
C VAL A 118 -4.97 7.97 -7.90
N LYS A 119 -5.52 8.27 -9.08
CA LYS A 119 -6.14 9.57 -9.33
C LYS A 119 -7.67 9.46 -9.28
N PRO A 120 -8.38 10.49 -8.87
CA PRO A 120 -9.87 10.44 -8.79
C PRO A 120 -10.53 10.51 -10.17
N ALA A 121 -10.30 9.48 -10.98
CA ALA A 121 -10.88 9.42 -12.33
C ALA A 121 -11.41 8.01 -12.61
N ALA A 122 -11.25 7.11 -11.64
CA ALA A 122 -11.71 5.73 -11.80
C ALA A 122 -13.22 5.70 -12.05
N GLU A 123 -13.64 4.84 -12.99
CA GLU A 123 -15.04 4.71 -13.31
C GLU A 123 -15.32 3.36 -13.97
N GLU A 124 -14.66 3.09 -15.09
CA GLU A 124 -14.85 1.83 -15.82
C GLU A 124 -13.61 1.48 -16.62
N VAL A 125 -13.49 0.21 -17.00
CA VAL A 125 -12.35 -0.25 -17.78
C VAL A 125 -12.72 -1.48 -18.60
N LYS A 126 -14.01 -1.81 -18.59
CA LYS A 126 -14.49 -2.96 -19.36
C LYS A 126 -14.28 -2.75 -20.85
N VAL A 127 -14.54 -1.52 -21.30
CA VAL A 127 -14.38 -1.16 -22.71
C VAL A 127 -13.93 0.28 -22.84
N ILE A 128 -13.28 0.60 -23.95
CA ILE A 128 -12.80 1.97 -24.18
C ILE A 128 -13.99 2.93 -24.27
N PRO A 129 -14.02 3.99 -23.47
CA PRO A 129 -15.16 4.96 -23.51
C PRO A 129 -15.10 5.87 -24.73
N ALA A 130 -13.94 5.93 -25.37
CA ALA A 130 -13.76 6.77 -26.55
C ALA A 130 -14.34 6.09 -27.78
N GLY A 131 -14.62 4.80 -27.67
CA GLY A 131 -15.17 4.04 -28.79
C GLY A 131 -16.69 4.18 -28.85
N GLU A 132 -17.31 3.37 -29.71
CA GLU A 132 -18.76 3.40 -29.89
C GLU A 132 -19.16 4.52 -30.83
N LEU A 133 -18.43 5.63 -30.78
CA LEU A 133 -18.73 6.75 -31.65
C LEU A 133 -18.34 6.43 -33.08
N GLN A 134 -17.52 5.40 -33.23
CA GLN A 134 -17.11 4.96 -34.56
C GLN A 134 -18.34 4.52 -35.34
N VAL A 135 -19.30 3.95 -34.62
CA VAL A 135 -20.54 3.48 -35.22
C VAL A 135 -21.26 4.62 -35.93
N ILE A 136 -21.21 5.80 -35.35
CA ILE A 136 -21.90 6.95 -35.92
C ILE A 136 -21.62 7.07 -37.42
N GLU A 137 -20.61 6.36 -37.91
CA GLU A 137 -20.28 6.44 -39.34
C GLU A 137 -21.47 5.98 -40.20
N LYS A 138 -22.09 4.86 -39.87
CA LYS A 138 -23.23 4.37 -40.64
C LYS A 138 -24.40 5.34 -40.58
N VAL A 139 -24.57 5.97 -39.43
CA VAL A 139 -25.67 6.90 -39.26
C VAL A 139 -25.59 7.99 -40.31
N ASP A 140 -24.38 8.47 -40.57
CA ASP A 140 -24.19 9.49 -41.58
C ASP A 140 -24.59 8.95 -42.96
N ALA A 141 -24.25 7.69 -43.21
CA ALA A 141 -24.56 7.07 -44.51
C ALA A 141 -26.06 6.90 -44.69
N ALA A 142 -26.68 6.08 -43.84
CA ALA A 142 -28.11 5.82 -43.96
C ALA A 142 -28.94 7.09 -43.94
N PHE A 143 -28.44 8.15 -43.31
CA PHE A 143 -29.19 9.39 -43.25
C PHE A 143 -29.65 9.78 -44.65
N LYS A 144 -28.80 9.51 -45.65
CA LYS A 144 -29.15 9.86 -47.02
C LYS A 144 -30.42 9.10 -47.43
N VAL A 145 -30.41 7.78 -47.21
CA VAL A 145 -31.55 6.95 -47.57
C VAL A 145 -32.82 7.44 -46.89
N ALA A 146 -32.67 8.17 -45.80
CA ALA A 146 -33.82 8.72 -45.09
C ALA A 146 -34.19 10.07 -45.69
N ALA A 147 -33.23 10.68 -46.38
CA ALA A 147 -33.45 11.98 -47.00
C ALA A 147 -34.13 11.86 -48.37
N THR A 148 -33.59 10.99 -49.22
CA THR A 148 -34.14 10.81 -50.56
C THR A 148 -35.46 10.05 -50.51
N ALA A 149 -35.42 8.82 -50.03
CA ALA A 149 -36.62 7.99 -49.96
C ALA A 149 -37.75 8.72 -49.26
N ALA A 150 -37.40 9.75 -48.48
CA ALA A 150 -38.41 10.56 -47.81
C ALA A 150 -38.87 11.69 -48.73
N ASN A 151 -37.89 12.26 -49.45
CA ASN A 151 -38.14 13.35 -50.38
C ASN A 151 -39.11 12.95 -51.48
N ALA A 152 -38.99 11.71 -51.95
CA ALA A 152 -39.86 11.22 -53.01
C ALA A 152 -41.32 11.27 -52.59
N ALA A 153 -41.56 11.72 -51.36
CA ALA A 153 -42.92 11.82 -50.83
C ALA A 153 -43.25 13.29 -50.48
N PRO A 154 -44.44 13.81 -50.79
CA PRO A 154 -44.78 15.22 -50.45
C PRO A 154 -44.43 15.55 -48.99
N ALA A 155 -44.45 16.84 -48.66
CA ALA A 155 -44.13 17.28 -47.30
C ALA A 155 -44.73 16.32 -46.27
N ASN A 156 -46.03 16.45 -46.01
CA ASN A 156 -46.70 15.59 -45.03
C ASN A 156 -46.17 14.15 -45.13
N ASP A 157 -46.38 13.37 -44.09
CA ASP A 157 -45.94 11.98 -44.07
C ASP A 157 -44.43 11.86 -44.37
N LYS A 158 -43.61 12.65 -43.67
CA LYS A 158 -42.15 12.61 -43.85
C LYS A 158 -41.48 11.99 -42.63
N PHE A 159 -42.09 12.20 -41.47
CA PHE A 159 -41.57 11.65 -40.22
C PHE A 159 -41.68 10.13 -40.24
N THR A 160 -42.78 9.65 -40.80
CA THR A 160 -43.01 8.21 -40.85
C THR A 160 -41.81 7.51 -41.50
N VAL A 161 -41.41 7.98 -42.68
CA VAL A 161 -40.28 7.37 -43.38
C VAL A 161 -39.02 7.47 -42.54
N PHE A 162 -38.78 8.64 -41.96
CA PHE A 162 -37.59 8.83 -41.14
C PHE A 162 -37.64 7.87 -39.96
N GLU A 163 -38.73 7.91 -39.23
CA GLU A 163 -38.90 7.03 -38.07
C GLU A 163 -38.77 5.57 -38.49
N ALA A 164 -39.03 5.32 -39.77
CA ALA A 164 -38.93 3.95 -40.29
C ALA A 164 -37.47 3.56 -40.50
N ALA A 165 -36.79 4.27 -41.39
CA ALA A 165 -35.37 3.98 -41.68
C ALA A 165 -34.46 4.36 -40.51
N PHE A 166 -34.74 5.51 -39.91
CA PHE A 166 -33.90 5.99 -38.81
C PHE A 166 -33.91 4.98 -37.66
N ASN A 167 -35.11 4.57 -37.26
CA ASN A 167 -35.26 3.60 -36.17
C ASN A 167 -34.87 2.18 -36.63
N ASP A 168 -35.18 1.87 -37.88
CA ASP A 168 -34.88 0.54 -38.43
C ASP A 168 -33.42 0.42 -38.83
N ALA A 169 -33.00 1.26 -39.78
CA ALA A 169 -31.63 1.19 -40.28
C ALA A 169 -30.64 1.09 -39.14
N ILE A 170 -31.04 1.50 -37.95
CA ILE A 170 -30.17 1.41 -36.78
C ILE A 170 -30.42 0.12 -36.02
N LYS A 171 -31.68 -0.11 -35.65
CA LYS A 171 -32.06 -1.31 -34.92
C LYS A 171 -31.79 -2.57 -35.74
N ALA A 172 -32.20 -2.54 -37.01
CA ALA A 172 -32.03 -3.71 -37.88
C ALA A 172 -30.57 -4.09 -38.05
N SER A 173 -29.69 -3.11 -38.26
CA SER A 173 -28.28 -3.43 -38.44
C SER A 173 -27.69 -3.96 -37.14
N THR A 174 -27.96 -3.26 -36.04
CA THR A 174 -27.44 -3.65 -34.74
C THR A 174 -28.15 -4.91 -34.23
N GLY A 175 -29.23 -5.30 -34.90
CA GLY A 175 -29.98 -6.49 -34.53
C GLY A 175 -31.27 -6.12 -33.76
N GLY A 176 -31.14 -5.72 -32.47
CA GLY A 176 -32.33 -5.37 -31.71
C GLY A 176 -31.96 -4.49 -30.52
N ALA A 177 -30.71 -4.58 -30.07
CA ALA A 177 -30.26 -3.79 -28.93
C ALA A 177 -30.50 -2.30 -29.20
N TYR A 178 -30.54 -1.49 -28.13
CA TYR A 178 -30.76 -0.06 -28.25
C TYR A 178 -32.17 0.26 -28.76
N GLU A 179 -32.65 -0.53 -29.73
CA GLU A 179 -34.00 -0.36 -30.30
C GLU A 179 -34.52 1.07 -30.18
N SER A 180 -33.61 2.04 -30.18
CA SER A 180 -33.98 3.45 -30.04
C SER A 180 -32.73 4.32 -30.00
N TYR A 181 -32.94 5.62 -29.90
CA TYR A 181 -31.83 6.56 -29.84
C TYR A 181 -31.06 6.41 -28.52
N LYS A 182 -30.45 5.24 -28.32
CA LYS A 182 -29.66 4.97 -27.11
C LYS A 182 -28.25 4.52 -27.49
N PHE A 183 -28.15 3.71 -28.53
CA PHE A 183 -26.87 3.19 -28.99
C PHE A 183 -25.76 4.24 -28.88
N ILE A 184 -26.13 5.52 -28.98
CA ILE A 184 -25.16 6.61 -28.87
C ILE A 184 -25.72 7.75 -27.99
N PRO A 185 -25.20 7.98 -26.79
CA PRO A 185 -25.69 9.09 -25.90
C PRO A 185 -25.77 10.44 -26.62
N ALA A 186 -26.53 11.36 -26.01
CA ALA A 186 -26.73 12.71 -26.55
C ALA A 186 -28.02 12.74 -27.36
N LEU A 187 -28.09 11.86 -28.36
CA LEU A 187 -29.27 11.77 -29.20
C LEU A 187 -30.50 11.64 -28.31
N GLU A 188 -30.27 11.25 -27.07
CA GLU A 188 -31.37 11.10 -26.12
C GLU A 188 -32.08 12.44 -25.96
N ALA A 189 -31.30 13.48 -25.69
CA ALA A 189 -31.85 14.83 -25.53
C ALA A 189 -31.90 15.57 -26.87
N ALA A 190 -30.81 15.50 -27.62
CA ALA A 190 -30.71 16.22 -28.87
C ALA A 190 -31.89 15.93 -29.79
N VAL A 191 -32.32 14.67 -29.86
CA VAL A 191 -33.46 14.32 -30.70
C VAL A 191 -34.72 15.06 -30.21
N LYS A 192 -34.85 15.14 -28.89
CA LYS A 192 -36.02 15.79 -28.28
C LYS A 192 -36.12 17.27 -28.67
N GLN A 193 -34.98 17.92 -28.88
CA GLN A 193 -35.01 19.32 -29.30
C GLN A 193 -35.55 19.38 -30.72
N ALA A 194 -35.08 18.44 -31.53
CA ALA A 194 -35.48 18.37 -32.93
C ALA A 194 -37.00 18.26 -33.01
N TYR A 195 -37.58 17.40 -32.19
CA TYR A 195 -39.02 17.25 -32.16
C TYR A 195 -39.66 18.47 -31.48
N ALA A 196 -38.83 19.26 -30.80
CA ALA A 196 -39.29 20.48 -30.14
C ALA A 196 -39.21 21.67 -31.11
N ALA A 197 -38.40 21.49 -32.15
CA ALA A 197 -38.19 22.54 -33.16
C ALA A 197 -39.23 22.45 -34.27
N THR A 198 -40.14 21.49 -34.15
CA THR A 198 -41.20 21.30 -35.15
C THR A 198 -42.57 21.48 -34.47
N VAL A 199 -43.33 22.49 -34.89
CA VAL A 199 -44.65 22.75 -34.33
C VAL A 199 -45.27 23.99 -34.98
N ALA A 200 -44.55 25.11 -34.88
CA ALA A 200 -45.02 26.37 -35.47
C ALA A 200 -44.01 26.90 -36.48
N THR A 201 -42.72 26.66 -36.16
CA THR A 201 -41.59 27.09 -37.00
C THR A 201 -41.99 27.77 -38.31
N ALA A 202 -41.47 28.98 -38.51
CA ALA A 202 -41.75 29.75 -39.72
C ALA A 202 -41.90 28.83 -40.94
N PRO A 203 -43.12 28.56 -41.38
CA PRO A 203 -43.34 27.66 -42.55
C PRO A 203 -42.44 27.97 -43.73
N GLU A 204 -41.25 27.37 -43.73
CA GLU A 204 -40.30 27.59 -44.81
C GLU A 204 -39.10 26.64 -44.67
N VAL A 205 -38.66 26.43 -43.43
CA VAL A 205 -37.53 25.54 -43.15
C VAL A 205 -37.91 24.50 -42.10
N LYS A 206 -39.20 24.30 -41.91
CA LYS A 206 -39.67 23.35 -40.90
C LYS A 206 -39.01 21.98 -41.08
N TYR A 207 -38.89 21.52 -42.32
CA TYR A 207 -38.23 20.23 -42.56
C TYR A 207 -36.72 20.45 -42.55
N THR A 208 -36.26 21.46 -43.28
CA THR A 208 -34.84 21.75 -43.37
C THR A 208 -34.22 21.81 -41.97
N VAL A 209 -34.93 22.37 -41.02
CA VAL A 209 -34.40 22.43 -39.66
C VAL A 209 -34.17 21.01 -39.14
N PHE A 210 -35.17 20.16 -39.33
CA PHE A 210 -35.08 18.78 -38.87
C PHE A 210 -33.90 18.07 -39.54
N GLU A 211 -33.68 18.36 -40.82
CA GLU A 211 -32.58 17.77 -41.55
C GLU A 211 -31.25 18.43 -41.16
N THR A 212 -31.26 19.76 -41.11
CA THR A 212 -30.07 20.53 -40.79
C THR A 212 -29.59 20.35 -39.35
N ALA A 213 -30.51 20.45 -38.39
CA ALA A 213 -30.12 20.33 -36.98
C ALA A 213 -29.51 18.96 -36.68
N LEU A 214 -30.09 17.92 -37.24
CA LEU A 214 -29.59 16.56 -37.01
C LEU A 214 -28.17 16.44 -37.55
N LYS A 215 -27.94 16.94 -38.76
CA LYS A 215 -26.62 16.87 -39.37
C LYS A 215 -25.58 17.61 -38.54
N LYS A 216 -25.90 18.82 -38.10
CA LYS A 216 -24.97 19.60 -37.31
C LYS A 216 -24.64 18.89 -36.00
N ALA A 217 -25.67 18.40 -35.32
CA ALA A 217 -25.44 17.69 -34.06
C ALA A 217 -24.59 16.45 -34.30
N ILE A 218 -24.94 15.69 -35.33
CA ILE A 218 -24.21 14.47 -35.67
C ILE A 218 -22.77 14.80 -36.08
N THR A 219 -22.58 15.89 -36.82
CA THR A 219 -21.23 16.27 -37.25
C THR A 219 -20.38 16.60 -36.02
N ALA A 220 -20.98 17.36 -35.10
CA ALA A 220 -20.25 17.75 -33.89
C ALA A 220 -19.80 16.51 -33.14
N MET A 221 -20.72 15.58 -32.92
CA MET A 221 -20.40 14.33 -32.21
C MET A 221 -19.53 13.42 -33.06
N SER A 222 -19.56 13.62 -34.38
CA SER A 222 -18.72 12.82 -35.27
C SER A 222 -17.26 13.22 -35.12
N GLU A 223 -16.99 14.52 -35.21
CA GLU A 223 -15.63 15.03 -35.07
C GLU A 223 -15.13 14.82 -33.65
N ALA A 224 -16.03 15.01 -32.70
CA ALA A 224 -15.71 14.85 -31.28
C ALA A 224 -15.17 13.45 -31.03
N GLN A 225 -15.39 12.56 -31.99
CA GLN A 225 -14.94 11.19 -31.87
C GLN A 225 -13.43 11.12 -31.63
N LYS A 226 -12.67 11.96 -32.33
CA LYS A 226 -11.22 11.96 -32.16
C LYS A 226 -10.86 12.33 -30.72
N ALA A 227 -11.71 13.14 -30.08
CA ALA A 227 -11.49 13.54 -28.71
C ALA A 227 -12.80 13.97 -28.05
N ALA A 228 -13.05 13.43 -26.85
CA ALA A 228 -14.27 13.75 -26.12
C ALA A 228 -14.04 14.96 -25.23
N LYS A 229 -12.84 15.50 -25.29
CA LYS A 229 -12.49 16.67 -24.48
C LYS A 229 -12.84 16.46 -23.02
N PRO A 230 -12.23 15.49 -22.36
CA PRO A 230 -12.51 15.20 -20.92
C PRO A 230 -12.25 16.41 -20.03
N ALA A 231 -13.06 16.57 -18.99
CA ALA A 231 -12.89 17.70 -18.07
C ALA A 231 -11.47 17.72 -17.51
N PRO A 1 3.72 -6.35 -1.49
CA PRO A 1 5.06 -5.75 -1.30
C PRO A 1 5.64 -5.35 -2.65
N ALA A 2 5.82 -6.33 -3.52
CA ALA A 2 6.37 -6.08 -4.85
C ALA A 2 5.40 -5.24 -5.69
N GLY A 3 5.96 -4.38 -6.54
CA GLY A 3 5.15 -3.52 -7.40
C GLY A 3 5.07 -2.10 -6.84
N LYS A 4 5.68 -1.90 -5.68
CA LYS A 4 5.70 -0.58 -5.04
C LYS A 4 6.95 -0.42 -4.18
N ALA A 5 7.39 0.83 -4.02
CA ALA A 5 8.59 1.13 -3.23
C ALA A 5 8.22 1.68 -1.86
N THR A 6 8.80 1.07 -0.82
CA THR A 6 8.55 1.50 0.56
C THR A 6 9.67 2.41 1.04
N THR A 7 9.49 3.03 2.22
CA THR A 7 10.50 3.92 2.78
C THR A 7 10.93 3.39 4.16
N GLU A 8 12.07 3.87 4.65
CA GLU A 8 12.57 3.42 5.94
C GLU A 8 11.56 3.74 7.04
N GLU A 9 10.94 4.91 6.96
CA GLU A 9 9.94 5.28 7.96
C GLU A 9 8.79 4.28 7.92
N GLN A 10 8.13 4.23 6.77
CA GLN A 10 6.99 3.34 6.58
C GLN A 10 7.40 1.90 6.85
N LYS A 11 8.57 1.51 6.37
CA LYS A 11 9.07 0.15 6.58
C LYS A 11 9.41 -0.09 8.05
N LEU A 12 10.04 0.90 8.68
CA LEU A 12 10.45 0.81 10.07
C LEU A 12 9.26 0.74 11.03
N ILE A 13 8.20 1.48 10.74
CA ILE A 13 7.02 1.50 11.60
C ILE A 13 6.57 0.09 11.99
N GLU A 14 7.00 -0.91 11.23
CA GLU A 14 6.63 -2.30 11.54
C GLU A 14 7.59 -2.88 12.57
N LYS A 15 8.78 -2.32 12.61
CA LYS A 15 9.83 -2.78 13.52
C LYS A 15 9.71 -2.13 14.90
N ILE A 16 9.27 -0.86 14.94
CA ILE A 16 9.15 -0.14 16.21
C ILE A 16 8.15 -0.81 17.13
N ASN A 17 7.26 -1.60 16.56
CA ASN A 17 6.25 -2.28 17.37
C ASN A 17 6.92 -3.10 18.46
N ALA A 18 7.92 -3.88 18.08
CA ALA A 18 8.64 -4.70 19.05
C ALA A 18 9.26 -3.83 20.13
N GLY A 19 9.77 -2.67 19.74
CA GLY A 19 10.38 -1.76 20.70
C GLY A 19 9.35 -1.30 21.73
N PHE A 20 8.13 -1.04 21.27
CA PHE A 20 7.06 -0.60 22.14
C PHE A 20 6.66 -1.70 23.11
N LYS A 21 6.68 -2.92 22.63
CA LYS A 21 6.30 -4.03 23.47
C LYS A 21 7.23 -4.12 24.67
N ALA A 22 8.45 -3.61 24.51
CA ALA A 22 9.41 -3.63 25.60
C ALA A 22 8.88 -2.88 26.80
N ALA A 23 8.21 -1.75 26.55
CA ALA A 23 7.62 -0.97 27.64
C ALA A 23 6.19 -1.41 27.93
N LEU A 24 5.39 -1.52 26.88
CA LEU A 24 3.99 -1.89 27.03
C LEU A 24 3.84 -3.30 27.59
N ALA A 25 4.59 -4.25 27.04
CA ALA A 25 4.52 -5.63 27.54
C ALA A 25 5.05 -5.69 28.97
N ALA A 26 6.05 -4.87 29.25
CA ALA A 26 6.65 -4.82 30.57
C ALA A 26 5.69 -4.17 31.58
N ALA A 27 4.66 -3.51 31.07
CA ALA A 27 3.69 -2.87 31.96
C ALA A 27 2.99 -3.93 32.81
N ALA A 28 2.70 -5.08 32.19
CA ALA A 28 2.04 -6.18 32.89
C ALA A 28 3.04 -7.27 33.28
N GLY A 29 2.71 -8.02 34.32
CA GLY A 29 3.57 -9.11 34.80
C GLY A 29 4.48 -8.61 35.92
N VAL A 30 4.57 -7.28 36.05
CA VAL A 30 5.40 -6.66 37.07
C VAL A 30 4.52 -6.16 38.22
N GLN A 31 5.10 -6.02 39.42
CA GLN A 31 4.34 -5.56 40.56
C GLN A 31 3.75 -4.17 40.28
N PRO A 32 2.69 -3.78 40.94
CA PRO A 32 2.07 -2.43 40.71
C PRO A 32 3.11 -1.31 40.71
N ALA A 33 4.21 -1.53 41.43
CA ALA A 33 5.28 -0.54 41.50
C ALA A 33 6.20 -0.69 40.27
N ASP A 34 6.96 0.37 39.97
CA ASP A 34 7.87 0.37 38.83
C ASP A 34 7.08 0.45 37.52
N LYS A 35 5.91 -0.19 37.51
CA LYS A 35 5.05 -0.21 36.34
C LYS A 35 4.80 1.19 35.80
N TYR A 36 4.89 2.19 36.68
CA TYR A 36 4.68 3.57 36.25
C TYR A 36 5.97 4.13 35.64
N ARG A 37 7.08 3.93 36.34
CA ARG A 37 8.38 4.43 35.88
C ARG A 37 8.87 3.65 34.67
N THR A 38 8.35 2.44 34.47
CA THR A 38 8.77 1.62 33.34
C THR A 38 8.41 2.33 32.05
N PHE A 39 7.22 2.93 32.03
CA PHE A 39 6.75 3.62 30.84
C PHE A 39 7.85 4.52 30.28
N VAL A 40 8.24 5.55 31.01
CA VAL A 40 9.27 6.46 30.53
C VAL A 40 10.66 5.81 30.51
N ALA A 41 10.96 5.06 31.56
CA ALA A 41 12.27 4.41 31.70
C ALA A 41 12.56 3.39 30.59
N THR A 42 11.59 2.53 30.30
CA THR A 42 11.76 1.50 29.27
C THR A 42 11.55 2.06 27.85
N PHE A 43 10.57 2.93 27.71
CA PHE A 43 10.26 3.52 26.40
C PHE A 43 11.48 4.22 25.83
N GLY A 44 12.40 4.60 26.71
CA GLY A 44 13.61 5.27 26.27
C GLY A 44 14.38 4.38 25.30
N ALA A 45 14.45 3.10 25.62
CA ALA A 45 15.13 2.13 24.76
C ALA A 45 14.35 1.87 23.47
N ALA A 46 13.03 1.81 23.60
CA ALA A 46 12.16 1.53 22.45
C ALA A 46 12.30 2.57 21.36
N SER A 47 12.24 3.85 21.73
CA SER A 47 12.38 4.90 20.75
C SER A 47 13.81 4.99 20.25
N ASN A 48 14.77 4.81 21.16
CA ASN A 48 16.17 4.89 20.80
C ASN A 48 16.51 3.84 19.75
N LYS A 49 15.95 2.64 19.90
CA LYS A 49 16.20 1.58 18.94
C LYS A 49 15.72 1.98 17.54
N ALA A 50 14.49 2.48 17.47
CA ALA A 50 13.94 2.89 16.18
C ALA A 50 14.72 4.06 15.61
N PHE A 51 15.06 5.01 16.50
CA PHE A 51 15.81 6.19 16.11
C PHE A 51 17.19 5.77 15.60
N ALA A 52 17.79 4.80 16.26
CA ALA A 52 19.12 4.30 15.89
C ALA A 52 19.04 3.47 14.61
N GLU A 53 17.83 3.01 14.27
CA GLU A 53 17.63 2.20 13.07
C GLU A 53 17.11 3.06 11.92
N GLY A 54 16.45 4.16 12.27
CA GLY A 54 15.89 5.07 11.27
C GLY A 54 16.95 6.01 10.72
N LEU A 55 18.22 5.66 10.91
CA LEU A 55 19.31 6.51 10.46
C LEU A 55 19.21 6.78 8.96
N SER A 56 18.95 5.72 8.18
CA SER A 56 18.84 5.86 6.72
C SER A 56 19.79 6.92 6.18
N GLY A 57 20.91 7.11 6.86
CA GLY A 57 21.91 8.10 6.44
C GLY A 57 23.05 7.46 5.65
N GLU A 58 22.94 6.16 5.38
CA GLU A 58 23.97 5.45 4.64
C GLU A 58 23.83 5.60 3.12
N PRO A 59 22.62 5.67 2.61
CA PRO A 59 22.37 5.78 1.15
C PRO A 59 22.32 7.23 0.66
N LYS A 60 23.45 7.92 0.74
CA LYS A 60 23.52 9.31 0.30
C LYS A 60 22.44 10.15 1.00
N GLY A 61 22.31 9.98 2.30
CA GLY A 61 21.30 10.71 3.05
C GLY A 61 21.54 12.22 2.97
N ALA A 62 20.45 12.96 2.80
CA ALA A 62 20.53 14.42 2.73
C ALA A 62 19.17 15.03 3.05
N ALA A 63 19.13 15.90 4.05
CA ALA A 63 17.89 16.54 4.46
C ALA A 63 16.77 15.51 4.60
N GLU A 64 17.14 14.23 4.57
CA GLU A 64 16.17 13.15 4.69
C GLU A 64 15.50 13.18 6.07
N SER A 65 16.29 13.47 7.10
CA SER A 65 15.77 13.50 8.45
C SER A 65 14.50 14.34 8.50
N SER A 66 14.54 15.50 7.85
CA SER A 66 13.40 16.41 7.85
C SER A 66 12.11 15.65 7.53
N SER A 67 12.22 14.55 6.79
CA SER A 67 11.04 13.75 6.45
C SER A 67 10.71 12.80 7.61
N LYS A 68 11.75 12.43 8.36
CA LYS A 68 11.59 11.53 9.50
C LYS A 68 11.15 12.32 10.73
N ALA A 69 11.38 13.62 10.70
CA ALA A 69 11.03 14.48 11.83
C ALA A 69 9.54 14.35 12.13
N ALA A 70 8.73 14.19 11.09
CA ALA A 70 7.29 14.06 11.28
C ALA A 70 6.99 12.89 12.19
N LEU A 71 7.71 11.78 12.00
CA LEU A 71 7.51 10.61 12.85
C LEU A 71 7.85 10.94 14.30
N THR A 72 8.97 11.61 14.51
CA THR A 72 9.41 11.93 15.86
C THR A 72 8.47 12.91 16.53
N SER A 73 8.11 13.99 15.84
CA SER A 73 7.21 14.97 16.42
C SER A 73 5.90 14.28 16.75
N LYS A 74 5.47 13.45 15.82
CA LYS A 74 4.24 12.68 16.00
C LYS A 74 4.35 11.78 17.22
N LEU A 75 5.46 11.05 17.35
CA LEU A 75 5.60 10.16 18.49
C LEU A 75 5.93 10.95 19.76
N ASP A 76 6.99 11.76 19.77
CA ASP A 76 7.34 12.49 20.99
C ASP A 76 6.17 13.35 21.47
N ALA A 77 5.56 14.11 20.57
CA ALA A 77 4.44 14.96 20.97
C ALA A 77 3.29 14.12 21.50
N ALA A 78 2.92 13.09 20.73
CA ALA A 78 1.83 12.21 21.14
C ALA A 78 2.17 11.47 22.42
N TYR A 79 3.41 10.98 22.49
CA TYR A 79 3.87 10.23 23.66
C TYR A 79 3.79 11.11 24.91
N LYS A 80 4.35 12.30 24.81
CA LYS A 80 4.35 13.25 25.93
C LYS A 80 2.96 13.82 26.15
N LEU A 81 2.24 14.12 25.06
CA LEU A 81 0.90 14.66 25.15
C LEU A 81 -0.06 13.62 25.71
N ALA A 82 0.07 12.39 25.21
CA ALA A 82 -0.78 11.31 25.66
C ALA A 82 -0.55 11.05 27.14
N TYR A 83 0.70 11.06 27.54
CA TYR A 83 1.06 10.84 28.94
C TYR A 83 0.67 12.05 29.80
N LYS A 84 0.89 13.25 29.28
CA LYS A 84 0.57 14.47 30.02
C LYS A 84 -0.91 14.51 30.39
N THR A 85 -1.78 14.14 29.46
CA THR A 85 -3.21 14.16 29.72
C THR A 85 -3.54 13.26 30.90
N ALA A 86 -2.67 12.30 31.18
CA ALA A 86 -2.87 11.39 32.30
C ALA A 86 -2.91 12.17 33.61
N GLU A 87 -2.05 13.17 33.71
CA GLU A 87 -1.99 13.99 34.91
C GLU A 87 -3.29 14.77 35.09
N GLY A 88 -3.86 15.23 33.98
CA GLY A 88 -5.12 15.98 34.02
C GLY A 88 -6.25 15.18 33.36
N ALA A 89 -6.68 14.12 34.03
CA ALA A 89 -7.74 13.25 33.52
C ALA A 89 -8.71 12.91 34.64
N THR A 90 -9.53 11.89 34.41
CA THR A 90 -10.50 11.46 35.40
C THR A 90 -10.01 10.19 36.12
N PRO A 91 -10.28 10.06 37.40
CA PRO A 91 -9.84 8.87 38.19
C PRO A 91 -10.62 7.60 37.80
N GLU A 92 -11.56 7.76 36.89
CA GLU A 92 -12.38 6.65 36.43
C GLU A 92 -11.52 5.62 35.68
N ALA A 93 -10.53 6.11 34.95
CA ALA A 93 -9.64 5.22 34.18
C ALA A 93 -8.64 6.03 33.37
N LYS A 94 -7.87 6.88 34.05
CA LYS A 94 -6.88 7.72 33.38
C LYS A 94 -5.74 6.89 32.78
N TYR A 95 -5.44 5.73 33.37
CA TYR A 95 -4.34 4.91 32.88
C TYR A 95 -4.68 4.31 31.51
N ASP A 96 -5.83 3.66 31.40
CA ASP A 96 -6.21 3.04 30.12
C ASP A 96 -6.32 4.09 29.03
N ALA A 97 -6.87 5.24 29.36
CA ALA A 97 -7.02 6.32 28.39
C ALA A 97 -5.65 6.76 27.88
N TYR A 98 -4.69 6.88 28.79
CA TYR A 98 -3.34 7.28 28.41
C TYR A 98 -2.73 6.27 27.44
N VAL A 99 -2.80 5.01 27.82
CA VAL A 99 -2.25 3.94 27.01
C VAL A 99 -2.99 3.82 25.68
N ALA A 100 -4.33 3.91 25.73
CA ALA A 100 -5.13 3.82 24.52
C ALA A 100 -4.80 4.93 23.54
N THR A 101 -4.63 6.14 24.06
CA THR A 101 -4.33 7.28 23.19
C THR A 101 -3.19 6.92 22.24
N LEU A 102 -2.06 6.51 22.79
CA LEU A 102 -0.90 6.12 21.99
C LEU A 102 -1.26 5.08 20.92
N SER A 103 -2.33 4.35 21.15
CA SER A 103 -2.74 3.36 20.16
C SER A 103 -3.30 4.07 18.94
N GLU A 104 -4.23 5.00 19.17
CA GLU A 104 -4.84 5.74 18.08
C GLU A 104 -3.77 6.59 17.36
N ALA A 105 -2.93 7.26 18.14
CA ALA A 105 -1.87 8.08 17.57
C ALA A 105 -0.90 7.21 16.77
N LEU A 106 -0.59 6.05 17.33
CA LEU A 106 0.30 5.12 16.67
C LEU A 106 -0.36 4.47 15.45
N ARG A 107 -1.62 4.09 15.61
CA ARG A 107 -2.35 3.43 14.52
C ARG A 107 -2.68 4.38 13.38
N ILE A 108 -3.11 5.60 13.71
CA ILE A 108 -3.48 6.58 12.69
C ILE A 108 -2.28 7.00 11.85
N ILE A 109 -1.08 6.94 12.41
CA ILE A 109 0.10 7.36 11.68
C ILE A 109 0.25 6.54 10.40
N ALA A 110 -0.13 5.27 10.47
CA ALA A 110 -0.05 4.39 9.33
C ALA A 110 -1.07 4.76 8.28
N GLY A 111 -2.14 5.44 8.72
CA GLY A 111 -3.20 5.86 7.79
C GLY A 111 -2.93 7.26 7.24
N THR A 112 -1.94 7.94 7.81
CA THR A 112 -1.59 9.29 7.36
C THR A 112 -0.36 9.29 6.47
N LEU A 113 0.42 8.22 6.55
CA LEU A 113 1.63 8.09 5.73
C LEU A 113 1.39 7.15 4.56
N GLU A 114 0.19 6.58 4.50
CA GLU A 114 -0.17 5.66 3.42
C GLU A 114 -0.77 6.42 2.25
N VAL A 115 -0.26 6.12 1.05
CA VAL A 115 -0.74 6.76 -0.17
C VAL A 115 -0.94 5.73 -1.26
N HIS A 116 -1.76 6.05 -2.26
CA HIS A 116 -2.03 5.13 -3.36
C HIS A 116 -1.02 5.30 -4.48
N ALA A 117 -0.10 6.25 -4.29
CA ALA A 117 0.94 6.52 -5.28
C ALA A 117 2.24 5.84 -4.89
N VAL A 118 2.69 6.12 -3.67
CA VAL A 118 3.92 5.54 -3.13
C VAL A 118 4.99 5.34 -4.23
N LYS A 119 5.36 6.44 -4.88
CA LYS A 119 6.38 6.39 -5.94
C LYS A 119 6.02 5.37 -7.02
N PRO A 120 5.02 5.66 -7.81
CA PRO A 120 4.55 4.76 -8.91
C PRO A 120 5.65 4.44 -9.93
N ALA A 121 5.61 3.24 -10.47
CA ALA A 121 6.59 2.79 -11.46
C ALA A 121 5.85 2.24 -12.68
N ALA A 122 4.63 2.69 -12.86
CA ALA A 122 3.80 2.25 -13.99
C ALA A 122 4.44 2.65 -15.31
N GLU A 123 3.61 3.07 -16.26
CA GLU A 123 4.10 3.48 -17.57
C GLU A 123 4.34 4.98 -17.63
N GLU A 124 5.61 5.35 -17.63
CA GLU A 124 6.00 6.75 -17.69
C GLU A 124 7.52 6.88 -17.80
N VAL A 125 8.00 7.28 -18.97
CA VAL A 125 9.44 7.45 -19.19
C VAL A 125 9.71 8.75 -19.94
N LYS A 126 10.88 9.34 -19.70
CA LYS A 126 11.27 10.60 -20.36
C LYS A 126 12.70 10.50 -20.88
N VAL A 127 12.85 10.67 -22.20
CA VAL A 127 14.17 10.62 -22.81
C VAL A 127 14.20 11.48 -24.07
N ILE A 128 15.23 12.33 -24.20
CA ILE A 128 15.36 13.20 -25.36
C ILE A 128 16.79 13.13 -25.89
N PRO A 129 17.19 12.00 -26.43
CA PRO A 129 18.58 11.83 -26.97
C PRO A 129 18.78 12.58 -28.29
N ALA A 130 20.02 13.02 -28.53
CA ALA A 130 20.35 13.76 -29.75
C ALA A 130 21.11 12.87 -30.72
N GLY A 131 20.81 13.00 -32.01
CA GLY A 131 21.48 12.20 -33.03
C GLY A 131 20.66 12.15 -34.32
N GLU A 132 19.34 12.11 -34.18
CA GLU A 132 18.44 12.08 -35.33
C GLU A 132 17.58 13.35 -35.37
N LEU A 133 17.71 14.16 -34.33
CA LEU A 133 16.95 15.40 -34.26
C LEU A 133 17.41 16.35 -35.35
N GLN A 134 18.61 16.13 -35.85
CA GLN A 134 19.16 16.97 -36.91
C GLN A 134 18.24 16.92 -38.14
N VAL A 135 17.70 15.75 -38.40
CA VAL A 135 16.81 15.55 -39.53
C VAL A 135 15.58 16.45 -39.44
N ILE A 136 15.07 16.63 -38.22
CA ILE A 136 13.88 17.45 -38.02
C ILE A 136 13.99 18.79 -38.77
N GLU A 137 15.20 19.21 -39.12
CA GLU A 137 15.35 20.47 -39.83
C GLU A 137 14.59 20.42 -41.15
N LYS A 138 14.78 19.34 -41.90
CA LYS A 138 14.10 19.16 -43.18
C LYS A 138 12.60 19.02 -43.01
N VAL A 139 12.19 18.32 -41.96
CA VAL A 139 10.79 18.08 -41.69
C VAL A 139 10.04 19.40 -41.56
N ASP A 140 10.67 20.37 -40.90
CA ASP A 140 10.04 21.67 -40.74
C ASP A 140 9.80 22.33 -42.09
N ALA A 141 10.81 22.27 -42.98
CA ALA A 141 10.68 22.87 -44.30
C ALA A 141 9.59 22.18 -45.12
N ALA A 142 9.79 20.91 -45.41
CA ALA A 142 8.85 20.15 -46.24
C ALA A 142 7.43 20.26 -45.70
N PHE A 143 7.28 20.62 -44.43
CA PHE A 143 5.95 20.72 -43.86
C PHE A 143 5.13 21.73 -44.66
N LYS A 144 5.81 22.77 -45.16
CA LYS A 144 5.14 23.80 -45.94
C LYS A 144 4.52 23.17 -47.20
N VAL A 145 5.32 22.39 -47.93
CA VAL A 145 4.86 21.75 -49.15
C VAL A 145 3.48 21.13 -48.95
N ALA A 146 3.11 20.92 -47.68
CA ALA A 146 1.79 20.38 -47.37
C ALA A 146 0.78 21.51 -47.22
N ALA A 147 1.24 22.62 -46.65
CA ALA A 147 0.36 23.78 -46.45
C ALA A 147 -0.14 24.33 -47.78
N THR A 148 0.74 24.42 -48.77
CA THR A 148 0.35 24.95 -50.08
C THR A 148 -0.33 23.85 -50.89
N ALA A 149 0.40 22.80 -51.19
CA ALA A 149 -0.15 21.71 -52.00
C ALA A 149 -1.54 21.32 -51.48
N ALA A 150 -1.84 21.65 -50.21
CA ALA A 150 -3.15 21.37 -49.64
C ALA A 150 -4.12 22.51 -49.96
N ASN A 151 -3.57 23.71 -50.12
CA ASN A 151 -4.39 24.89 -50.37
C ASN A 151 -5.18 24.72 -51.67
N ALA A 152 -4.55 24.15 -52.70
CA ALA A 152 -5.24 23.95 -53.97
C ALA A 152 -6.40 22.98 -53.81
N ALA A 153 -6.40 22.24 -52.70
CA ALA A 153 -7.46 21.28 -52.45
C ALA A 153 -8.83 21.97 -52.52
N PRO A 154 -9.84 21.33 -53.07
CA PRO A 154 -11.20 21.95 -53.20
C PRO A 154 -11.86 22.22 -51.84
N ALA A 155 -11.04 22.37 -50.80
CA ALA A 155 -11.57 22.62 -49.47
C ALA A 155 -12.46 21.46 -49.03
N ASN A 156 -12.56 20.45 -49.88
CA ASN A 156 -13.36 19.27 -49.57
C ASN A 156 -12.53 18.27 -48.77
N ASP A 157 -11.22 18.37 -48.89
CA ASP A 157 -10.31 17.48 -48.18
C ASP A 157 -8.92 18.10 -48.02
N LYS A 158 -8.45 18.20 -46.77
CA LYS A 158 -7.12 18.76 -46.49
C LYS A 158 -6.23 17.71 -45.82
N PHE A 159 -6.86 16.81 -45.08
CA PHE A 159 -6.12 15.75 -44.39
C PHE A 159 -5.55 14.77 -45.42
N THR A 160 -6.35 14.51 -46.46
CA THR A 160 -5.93 13.57 -47.48
C THR A 160 -4.59 14.01 -48.08
N VAL A 161 -4.49 15.26 -48.51
CA VAL A 161 -3.25 15.75 -49.09
C VAL A 161 -2.12 15.67 -48.08
N PHE A 162 -2.41 16.08 -46.85
CA PHE A 162 -1.39 16.05 -45.81
C PHE A 162 -0.90 14.63 -45.63
N GLU A 163 -1.83 13.71 -45.41
CA GLU A 163 -1.50 12.31 -45.21
C GLU A 163 -0.72 11.79 -46.41
N ALA A 164 -0.92 12.43 -47.56
CA ALA A 164 -0.22 12.04 -48.77
C ALA A 164 1.23 12.52 -48.77
N ALA A 165 1.40 13.84 -48.76
CA ALA A 165 2.74 14.43 -48.76
C ALA A 165 3.49 14.16 -47.44
N PHE A 166 2.76 14.28 -46.34
CA PHE A 166 3.36 14.07 -45.02
C PHE A 166 3.94 12.66 -44.93
N ASN A 167 3.13 11.68 -45.30
CA ASN A 167 3.55 10.29 -45.27
C ASN A 167 4.56 9.98 -46.39
N ASP A 168 4.39 10.63 -47.54
CA ASP A 168 5.27 10.39 -48.69
C ASP A 168 6.55 11.21 -48.59
N ALA A 169 6.39 12.53 -48.48
CA ALA A 169 7.55 13.42 -48.45
C ALA A 169 8.62 12.87 -47.52
N ILE A 170 8.23 12.41 -46.34
CA ILE A 170 9.20 11.85 -45.42
C ILE A 170 9.86 10.63 -46.06
N LYS A 171 9.02 9.78 -46.64
CA LYS A 171 9.49 8.55 -47.29
C LYS A 171 10.39 8.83 -48.48
N ALA A 172 10.04 9.82 -49.30
CA ALA A 172 10.83 10.08 -50.50
C ALA A 172 12.31 10.32 -50.20
N SER A 173 12.63 11.20 -49.26
CA SER A 173 14.02 11.45 -48.94
C SER A 173 14.55 10.42 -47.94
N THR A 174 13.91 10.35 -46.78
CA THR A 174 14.32 9.40 -45.74
C THR A 174 13.66 8.05 -45.98
N GLY A 175 13.59 7.64 -47.25
CA GLY A 175 12.96 6.38 -47.61
C GLY A 175 13.76 5.17 -47.11
N GLY A 176 13.25 3.95 -47.32
CA GLY A 176 13.96 2.75 -46.88
C GLY A 176 14.54 2.97 -45.48
N ALA A 177 13.70 2.85 -44.43
CA ALA A 177 14.18 3.04 -43.07
C ALA A 177 12.98 3.13 -42.12
N TYR A 178 12.18 4.17 -42.26
CA TYR A 178 11.01 4.37 -41.41
C TYR A 178 9.74 4.47 -42.26
N GLU A 179 9.84 5.16 -43.39
CA GLU A 179 8.70 5.33 -44.29
C GLU A 179 7.43 5.61 -43.48
N SER A 180 7.60 6.29 -42.35
CA SER A 180 6.46 6.62 -41.49
C SER A 180 6.92 7.46 -40.30
N TYR A 181 5.95 7.92 -39.49
CA TYR A 181 6.25 8.71 -38.31
C TYR A 181 6.80 7.82 -37.20
N LYS A 182 7.87 7.09 -37.52
CA LYS A 182 8.50 6.18 -36.56
C LYS A 182 10.02 6.34 -36.57
N PHE A 183 10.49 7.56 -36.82
CA PHE A 183 11.93 7.85 -36.87
C PHE A 183 12.37 8.66 -35.65
N ILE A 184 11.40 9.18 -34.90
CA ILE A 184 11.70 9.98 -33.71
C ILE A 184 10.59 9.82 -32.64
N PRO A 185 10.83 9.15 -31.53
CA PRO A 185 9.78 8.98 -30.47
C PRO A 185 9.18 10.32 -30.06
N ALA A 186 7.84 10.37 -30.06
CA ALA A 186 7.06 11.58 -29.70
C ALA A 186 5.94 11.74 -30.72
N LEU A 187 6.34 11.78 -31.98
CA LEU A 187 5.37 11.93 -33.06
C LEU A 187 4.38 10.77 -33.02
N GLU A 188 4.90 9.58 -32.76
CA GLU A 188 4.07 8.39 -32.72
C GLU A 188 2.82 8.62 -31.86
N ALA A 189 3.01 9.14 -30.65
CA ALA A 189 1.88 9.42 -29.76
C ALA A 189 1.32 10.83 -30.01
N ALA A 190 2.22 11.82 -30.06
CA ALA A 190 1.80 13.21 -30.24
C ALA A 190 0.97 13.39 -31.51
N VAL A 191 1.30 12.70 -32.58
CA VAL A 191 0.53 12.83 -33.81
C VAL A 191 -0.92 12.42 -33.55
N LYS A 192 -1.10 11.39 -32.74
CA LYS A 192 -2.43 10.88 -32.43
C LYS A 192 -3.28 11.90 -31.67
N GLN A 193 -2.66 12.85 -30.99
CA GLN A 193 -3.43 13.88 -30.29
C GLN A 193 -4.17 14.68 -31.36
N ALA A 194 -3.43 14.96 -32.41
CA ALA A 194 -3.95 15.74 -33.52
C ALA A 194 -5.23 15.06 -34.03
N TYR A 195 -5.19 13.74 -34.16
CA TYR A 195 -6.36 12.98 -34.61
C TYR A 195 -7.42 12.95 -33.50
N ALA A 196 -7.00 13.28 -32.29
CA ALA A 196 -7.90 13.32 -31.13
C ALA A 196 -8.58 14.69 -31.03
N ALA A 197 -8.03 15.67 -31.74
CA ALA A 197 -8.58 17.04 -31.74
C ALA A 197 -9.52 17.26 -32.91
N THR A 198 -9.10 16.82 -34.10
CA THR A 198 -9.92 17.03 -35.28
C THR A 198 -11.14 16.10 -35.28
N VAL A 199 -11.76 15.96 -34.11
CA VAL A 199 -12.94 15.12 -33.95
C VAL A 199 -13.96 15.85 -33.06
N ALA A 200 -14.35 17.04 -33.49
CA ALA A 200 -15.30 17.88 -32.76
C ALA A 200 -14.53 18.85 -31.86
N THR A 201 -13.86 19.82 -32.48
CA THR A 201 -13.07 20.80 -31.75
C THR A 201 -13.35 22.23 -32.24
N ALA A 202 -14.13 22.97 -31.45
CA ALA A 202 -14.47 24.37 -31.76
C ALA A 202 -14.46 24.64 -33.26
N PRO A 203 -15.49 24.22 -33.96
CA PRO A 203 -15.59 24.41 -35.44
C PRO A 203 -15.22 25.83 -35.89
N GLU A 204 -13.91 26.07 -36.05
CA GLU A 204 -13.42 27.37 -36.47
C GLU A 204 -11.90 27.32 -36.71
N VAL A 205 -11.22 26.59 -35.83
CA VAL A 205 -9.76 26.43 -35.91
C VAL A 205 -9.41 24.96 -36.14
N LYS A 206 -10.38 24.21 -36.65
CA LYS A 206 -10.19 22.79 -36.86
C LYS A 206 -8.92 22.50 -37.66
N TYR A 207 -8.69 23.23 -38.76
CA TYR A 207 -7.48 23.01 -39.53
C TYR A 207 -6.32 23.72 -38.82
N THR A 208 -6.56 24.94 -38.38
CA THR A 208 -5.53 25.73 -37.72
C THR A 208 -4.91 24.95 -36.57
N VAL A 209 -5.72 24.21 -35.81
CA VAL A 209 -5.17 23.42 -34.72
C VAL A 209 -4.18 22.41 -35.28
N PHE A 210 -4.62 21.71 -36.32
CA PHE A 210 -3.78 20.69 -36.96
C PHE A 210 -2.48 21.31 -37.45
N GLU A 211 -2.56 22.52 -37.98
CA GLU A 211 -1.37 23.21 -38.47
C GLU A 211 -0.55 23.77 -37.30
N THR A 212 -1.26 24.38 -36.35
CA THR A 212 -0.63 25.01 -35.19
C THR A 212 0.02 24.00 -34.24
N ALA A 213 -0.71 22.94 -33.88
CA ALA A 213 -0.17 21.95 -32.94
C ALA A 213 1.04 21.23 -33.52
N LEU A 214 0.97 20.86 -34.79
CA LEU A 214 2.06 20.16 -35.44
C LEU A 214 3.32 21.03 -35.43
N LYS A 215 3.17 22.28 -35.80
CA LYS A 215 4.30 23.19 -35.83
C LYS A 215 4.87 23.33 -34.43
N LYS A 216 3.98 23.45 -33.45
CA LYS A 216 4.41 23.61 -32.06
C LYS A 216 5.20 22.40 -31.58
N ALA A 217 4.71 21.19 -31.87
CA ALA A 217 5.40 19.98 -31.44
C ALA A 217 6.77 19.87 -32.13
N ILE A 218 6.79 20.11 -33.43
CA ILE A 218 8.02 20.05 -34.21
C ILE A 218 9.00 21.13 -33.78
N THR A 219 8.50 22.32 -33.49
CA THR A 219 9.37 23.42 -33.05
C THR A 219 10.02 23.07 -31.72
N ALA A 220 9.19 22.57 -30.79
CA ALA A 220 9.69 22.25 -29.46
C ALA A 220 10.84 21.26 -29.56
N MET A 221 10.65 20.19 -30.34
CA MET A 221 11.69 19.20 -30.53
C MET A 221 12.81 19.76 -31.40
N SER A 222 12.52 20.84 -32.12
CA SER A 222 13.52 21.48 -32.97
C SER A 222 14.52 22.27 -32.14
N GLU A 223 14.02 23.16 -31.29
CA GLU A 223 14.89 23.97 -30.44
C GLU A 223 15.49 23.14 -29.32
N ALA A 224 14.67 22.25 -28.76
CA ALA A 224 15.09 21.39 -27.65
C ALA A 224 16.31 20.55 -28.02
N GLN A 225 16.59 20.44 -29.31
CA GLN A 225 17.72 19.67 -29.78
C GLN A 225 19.03 20.18 -29.18
N LYS A 226 19.16 21.50 -29.05
CA LYS A 226 20.38 22.08 -28.49
C LYS A 226 20.65 21.51 -27.10
N ALA A 227 19.58 21.23 -26.38
CA ALA A 227 19.68 20.67 -25.04
C ALA A 227 18.30 20.59 -24.41
N ALA A 228 17.77 19.37 -24.31
CA ALA A 228 16.45 19.18 -23.73
C ALA A 228 16.43 19.61 -22.27
N LYS A 229 15.45 20.43 -21.91
CA LYS A 229 15.31 20.91 -20.53
C LYS A 229 13.85 20.92 -20.09
N PRO A 230 13.24 19.77 -19.95
CA PRO A 230 11.82 19.66 -19.52
C PRO A 230 11.60 20.28 -18.14
N ALA A 231 10.41 20.84 -17.92
CA ALA A 231 10.11 21.47 -16.65
C ALA A 231 10.29 20.47 -15.51
N PRO A 1 8.81 -15.37 1.21
CA PRO A 1 9.70 -15.93 2.26
C PRO A 1 11.01 -15.15 2.30
N ALA A 2 11.60 -14.94 1.12
CA ALA A 2 12.85 -14.20 1.04
C ALA A 2 12.68 -12.78 1.56
N GLY A 3 11.56 -12.16 1.22
CA GLY A 3 11.28 -10.79 1.66
C GLY A 3 10.69 -9.97 0.52
N LYS A 4 10.60 -8.65 0.73
CA LYS A 4 10.06 -7.75 -0.29
C LYS A 4 10.64 -6.34 -0.12
N ALA A 5 10.62 -5.56 -1.19
CA ALA A 5 11.15 -4.21 -1.14
C ALA A 5 10.21 -3.29 -0.35
N THR A 6 10.77 -2.60 0.64
CA THR A 6 9.98 -1.69 1.49
C THR A 6 10.78 -0.46 1.85
N THR A 7 10.14 0.44 2.60
CA THR A 7 10.79 1.69 3.03
C THR A 7 11.20 1.58 4.50
N GLU A 8 12.06 2.49 4.94
CA GLU A 8 12.50 2.51 6.32
C GLU A 8 11.38 2.95 7.25
N GLU A 9 10.61 3.94 6.80
CA GLU A 9 9.50 4.43 7.61
C GLU A 9 8.56 3.28 7.95
N GLN A 10 7.92 2.71 6.93
CA GLN A 10 6.98 1.62 7.16
C GLN A 10 7.68 0.45 7.85
N LYS A 11 8.88 0.15 7.43
CA LYS A 11 9.63 -0.93 8.06
C LYS A 11 9.93 -0.59 9.51
N LEU A 12 10.28 0.67 9.74
CA LEU A 12 10.58 1.15 11.09
C LEU A 12 9.32 1.24 11.95
N ILE A 13 8.23 1.71 11.35
CA ILE A 13 6.97 1.85 12.08
C ILE A 13 6.37 0.48 12.38
N GLU A 14 6.71 -0.50 11.56
CA GLU A 14 6.22 -1.86 11.74
C GLU A 14 7.09 -2.60 12.74
N LYS A 15 8.38 -2.33 12.65
CA LYS A 15 9.37 -2.93 13.52
C LYS A 15 9.35 -2.34 14.94
N ILE A 16 9.12 -1.02 15.05
CA ILE A 16 9.13 -0.36 16.35
C ILE A 16 8.09 -0.96 17.28
N ASN A 17 6.99 -1.46 16.74
CA ASN A 17 5.94 -2.01 17.57
C ASN A 17 6.52 -3.01 18.55
N ALA A 18 7.36 -3.93 18.06
CA ALA A 18 7.94 -4.92 18.94
C ALA A 18 8.67 -4.26 20.09
N GLY A 19 9.49 -3.25 19.79
CA GLY A 19 10.22 -2.56 20.86
C GLY A 19 9.25 -1.92 21.84
N PHE A 20 8.18 -1.33 21.31
CA PHE A 20 7.17 -0.68 22.15
C PHE A 20 6.38 -1.72 22.92
N LYS A 21 6.06 -2.81 22.26
CA LYS A 21 5.28 -3.85 22.91
C LYS A 21 6.01 -4.41 24.13
N ALA A 22 7.31 -4.58 24.01
CA ALA A 22 8.10 -5.10 25.12
C ALA A 22 7.99 -4.18 26.32
N ALA A 23 8.06 -2.87 26.07
CA ALA A 23 7.96 -1.89 27.13
C ALA A 23 6.51 -1.77 27.62
N LEU A 24 5.58 -1.68 26.68
CA LEU A 24 4.17 -1.54 27.02
C LEU A 24 3.67 -2.80 27.73
N ALA A 25 4.11 -3.95 27.26
CA ALA A 25 3.72 -5.22 27.87
C ALA A 25 4.29 -5.31 29.28
N ALA A 26 5.38 -4.57 29.49
CA ALA A 26 6.04 -4.55 30.78
C ALA A 26 5.16 -3.91 31.84
N ALA A 27 4.17 -3.13 31.41
CA ALA A 27 3.27 -2.46 32.35
C ALA A 27 2.54 -3.49 33.22
N ALA A 28 2.11 -4.59 32.61
CA ALA A 28 1.40 -5.64 33.32
C ALA A 28 2.31 -6.84 33.57
N GLY A 29 2.08 -7.53 34.69
CA GLY A 29 2.88 -8.70 35.06
C GLY A 29 3.54 -8.52 36.41
N VAL A 30 4.25 -7.41 36.58
CA VAL A 30 4.94 -7.14 37.85
C VAL A 30 3.93 -6.80 38.94
N GLN A 31 4.42 -6.61 40.17
CA GLN A 31 3.56 -6.28 41.30
C GLN A 31 3.20 -4.80 41.25
N PRO A 32 2.05 -4.40 41.76
CA PRO A 32 1.62 -2.96 41.76
C PRO A 32 2.77 -2.00 42.09
N ALA A 33 3.60 -1.72 41.10
CA ALA A 33 4.75 -0.82 41.26
C ALA A 33 5.81 -1.16 40.22
N ASP A 34 6.74 -0.24 39.97
CA ASP A 34 7.79 -0.47 38.98
C ASP A 34 7.18 -0.55 37.58
N LYS A 35 5.85 -0.52 37.52
CA LYS A 35 5.14 -0.55 36.26
C LYS A 35 5.17 0.83 35.62
N TYR A 36 5.34 1.85 36.46
CA TYR A 36 5.40 3.23 35.99
C TYR A 36 6.81 3.58 35.51
N ARG A 37 7.80 3.28 36.36
CA ARG A 37 9.19 3.64 36.06
C ARG A 37 9.63 3.05 34.71
N THR A 38 9.35 1.77 34.45
CA THR A 38 9.77 1.17 33.19
C THR A 38 9.06 1.85 32.01
N PHE A 39 7.76 2.07 32.16
CA PHE A 39 6.98 2.68 31.09
C PHE A 39 7.61 3.99 30.64
N VAL A 40 8.11 4.78 31.59
CA VAL A 40 8.74 6.06 31.28
C VAL A 40 10.21 5.91 30.89
N ALA A 41 10.96 5.11 31.65
CA ALA A 41 12.39 4.91 31.39
C ALA A 41 12.68 3.87 30.31
N THR A 42 11.71 3.03 30.00
CA THR A 42 11.90 2.00 28.97
C THR A 42 11.55 2.54 27.60
N PHE A 43 10.55 3.42 27.56
CA PHE A 43 10.13 4.04 26.31
C PHE A 43 11.31 4.81 25.70
N GLY A 44 12.08 5.47 26.57
CA GLY A 44 13.24 6.22 26.12
C GLY A 44 14.19 5.30 25.35
N ALA A 45 14.47 4.14 25.95
CA ALA A 45 15.34 3.16 25.32
C ALA A 45 14.71 2.56 24.07
N ALA A 46 13.41 2.31 24.12
CA ALA A 46 12.69 1.71 22.99
C ALA A 46 12.75 2.59 21.75
N SER A 47 12.58 3.89 21.93
CA SER A 47 12.61 4.78 20.78
C SER A 47 14.01 4.90 20.21
N ASN A 48 15.02 4.70 21.06
CA ASN A 48 16.40 4.78 20.62
C ASN A 48 16.68 3.71 19.57
N LYS A 49 16.12 2.51 19.80
CA LYS A 49 16.33 1.40 18.87
C LYS A 49 15.79 1.74 17.49
N ALA A 50 14.55 2.20 17.42
CA ALA A 50 13.95 2.55 16.13
C ALA A 50 14.73 3.70 15.50
N PHE A 51 15.04 4.69 16.33
CA PHE A 51 15.77 5.86 15.87
C PHE A 51 17.14 5.43 15.31
N ALA A 52 17.77 4.48 15.99
CA ALA A 52 19.06 3.97 15.56
C ALA A 52 18.91 3.08 14.33
N GLU A 53 17.69 2.58 14.10
CA GLU A 53 17.42 1.72 12.95
C GLU A 53 16.95 2.55 11.75
N GLY A 54 16.29 3.66 12.03
CA GLY A 54 15.78 4.53 10.99
C GLY A 54 16.91 5.14 10.16
N LEU A 55 18.14 4.99 10.63
CA LEU A 55 19.31 5.53 9.94
C LEU A 55 20.13 4.41 9.31
N SER A 56 19.45 3.45 8.69
CA SER A 56 20.15 2.32 8.07
C SER A 56 19.29 1.67 6.98
N GLY A 57 19.95 0.99 6.04
CA GLY A 57 19.25 0.29 4.95
C GLY A 57 19.23 1.13 3.67
N GLU A 58 20.00 2.20 3.63
CA GLU A 58 20.05 3.05 2.44
C GLU A 58 18.63 3.33 1.94
N PRO A 59 17.83 4.02 2.71
CA PRO A 59 16.42 4.33 2.33
C PRO A 59 16.31 5.17 1.06
N LYS A 60 15.40 4.77 0.16
CA LYS A 60 15.19 5.50 -1.10
C LYS A 60 13.71 5.82 -1.29
N GLY A 61 13.43 6.98 -1.86
CA GLY A 61 12.05 7.39 -2.10
C GLY A 61 11.95 8.89 -2.28
N ALA A 62 10.72 9.40 -2.40
CA ALA A 62 10.51 10.83 -2.58
C ALA A 62 11.04 11.60 -1.36
N ALA A 63 10.81 11.05 -0.18
CA ALA A 63 11.28 11.67 1.06
C ALA A 63 11.74 10.60 2.04
N GLU A 64 12.94 10.78 2.58
CA GLU A 64 13.51 9.82 3.54
C GLU A 64 14.08 10.53 4.75
N SER A 65 14.21 11.85 4.68
CA SER A 65 14.76 12.65 5.78
C SER A 65 13.78 13.74 6.18
N SER A 66 13.02 14.23 5.22
CA SER A 66 12.04 15.28 5.50
C SER A 66 10.89 14.68 6.31
N SER A 67 10.49 13.47 5.97
CA SER A 67 9.42 12.78 6.68
C SER A 67 9.89 12.27 8.03
N LYS A 68 11.20 12.10 8.17
CA LYS A 68 11.77 11.59 9.42
C LYS A 68 11.41 12.52 10.57
N ALA A 69 11.56 13.82 10.35
CA ALA A 69 11.24 14.80 11.38
C ALA A 69 9.76 14.71 11.75
N ALA A 70 8.92 14.52 10.73
CA ALA A 70 7.48 14.44 10.97
C ALA A 70 7.15 13.30 11.93
N LEU A 71 7.79 12.15 11.74
CA LEU A 71 7.55 10.99 12.60
C LEU A 71 7.92 11.28 14.06
N THR A 72 9.10 11.87 14.27
CA THR A 72 9.55 12.13 15.62
C THR A 72 8.68 13.16 16.32
N SER A 73 8.42 14.27 15.63
CA SER A 73 7.60 15.33 16.21
C SER A 73 6.23 14.79 16.58
N LYS A 74 5.67 13.97 15.71
CA LYS A 74 4.37 13.37 15.95
C LYS A 74 4.45 12.40 17.13
N LEU A 75 5.52 11.61 17.17
CA LEU A 75 5.71 10.64 18.25
C LEU A 75 6.09 11.34 19.56
N ASP A 76 6.81 12.45 19.45
CA ASP A 76 7.20 13.19 20.65
C ASP A 76 6.00 13.89 21.25
N ALA A 77 5.28 14.64 20.42
CA ALA A 77 4.11 15.38 20.86
C ALA A 77 3.00 14.46 21.33
N ALA A 78 2.77 13.38 20.59
CA ALA A 78 1.71 12.44 20.95
C ALA A 78 2.03 11.72 22.26
N TYR A 79 3.28 11.29 22.39
CA TYR A 79 3.70 10.58 23.59
C TYR A 79 3.58 11.49 24.81
N LYS A 80 4.13 12.69 24.68
CA LYS A 80 4.08 13.70 25.73
C LYS A 80 2.65 14.21 25.95
N LEU A 81 1.93 14.41 24.86
CA LEU A 81 0.56 14.88 24.97
C LEU A 81 -0.32 13.79 25.56
N ALA A 82 -0.10 12.57 25.10
CA ALA A 82 -0.88 11.45 25.58
C ALA A 82 -0.64 11.22 27.08
N TYR A 83 0.62 11.27 27.50
CA TYR A 83 0.94 11.09 28.92
C TYR A 83 0.48 12.30 29.73
N LYS A 84 0.68 13.49 29.20
CA LYS A 84 0.27 14.71 29.89
C LYS A 84 -1.23 14.65 30.15
N THR A 85 -1.96 14.13 29.18
CA THR A 85 -3.40 13.98 29.30
C THR A 85 -3.75 13.03 30.44
N ALA A 86 -2.80 12.16 30.78
CA ALA A 86 -3.02 11.18 31.85
C ALA A 86 -3.37 11.86 33.16
N GLU A 87 -2.64 12.93 33.48
CA GLU A 87 -2.91 13.66 34.71
C GLU A 87 -4.31 14.26 34.68
N GLY A 88 -4.71 14.75 33.50
CA GLY A 88 -6.02 15.35 33.33
C GLY A 88 -7.13 14.33 33.56
N ALA A 89 -6.90 13.10 33.10
CA ALA A 89 -7.88 12.03 33.24
C ALA A 89 -7.99 11.58 34.69
N THR A 90 -9.18 11.14 35.07
CA THR A 90 -9.43 10.67 36.42
C THR A 90 -8.49 9.51 36.78
N PRO A 91 -7.87 9.49 37.94
CA PRO A 91 -6.95 8.37 38.34
C PRO A 91 -7.58 6.99 38.10
N GLU A 92 -6.77 5.93 38.21
CA GLU A 92 -7.22 4.56 38.00
C GLU A 92 -7.58 4.29 36.55
N ALA A 93 -8.16 5.28 35.87
CA ALA A 93 -8.53 5.13 34.47
C ALA A 93 -7.56 5.87 33.56
N LYS A 94 -6.70 6.69 34.18
CA LYS A 94 -5.74 7.47 33.42
C LYS A 94 -4.76 6.58 32.65
N TYR A 95 -4.48 5.38 33.18
CA TYR A 95 -3.55 4.47 32.50
C TYR A 95 -4.17 3.92 31.22
N ASP A 96 -5.40 3.41 31.30
CA ASP A 96 -6.05 2.86 30.11
C ASP A 96 -6.20 3.93 29.04
N ALA A 97 -6.71 5.09 29.46
CA ALA A 97 -6.90 6.19 28.52
C ALA A 97 -5.56 6.64 27.95
N TYR A 98 -4.56 6.75 28.82
CA TYR A 98 -3.24 7.19 28.38
C TYR A 98 -2.65 6.22 27.36
N VAL A 99 -2.66 4.94 27.71
CA VAL A 99 -2.12 3.92 26.84
C VAL A 99 -2.96 3.81 25.57
N ALA A 100 -4.27 3.86 25.73
CA ALA A 100 -5.17 3.79 24.59
C ALA A 100 -4.91 4.97 23.66
N THR A 101 -4.64 6.13 24.26
CA THR A 101 -4.41 7.33 23.49
C THR A 101 -3.23 7.17 22.52
N LEU A 102 -2.13 6.57 22.99
CA LEU A 102 -0.98 6.39 22.10
C LEU A 102 -1.39 5.57 20.89
N SER A 103 -1.98 4.40 21.10
CA SER A 103 -2.33 3.53 19.99
C SER A 103 -3.08 4.28 18.89
N GLU A 104 -3.99 5.18 19.25
CA GLU A 104 -4.70 5.92 18.21
C GLU A 104 -3.69 6.77 17.43
N ALA A 105 -2.86 7.50 18.18
CA ALA A 105 -1.83 8.35 17.58
C ALA A 105 -0.84 7.51 16.78
N LEU A 106 -0.43 6.40 17.37
CA LEU A 106 0.51 5.51 16.73
C LEU A 106 -0.13 4.77 15.55
N ARG A 107 -1.38 4.35 15.72
CA ARG A 107 -2.07 3.61 14.67
C ARG A 107 -2.39 4.46 13.45
N ILE A 108 -2.86 5.70 13.68
CA ILE A 108 -3.22 6.58 12.58
C ILE A 108 -2.01 6.99 11.75
N ILE A 109 -0.83 7.07 12.37
CA ILE A 109 0.34 7.50 11.63
C ILE A 109 0.60 6.56 10.47
N ALA A 110 0.33 5.27 10.70
CA ALA A 110 0.52 4.25 9.68
C ALA A 110 -0.55 4.38 8.59
N GLY A 111 -1.66 5.01 8.94
CA GLY A 111 -2.76 5.20 7.99
C GLY A 111 -2.63 6.52 7.23
N THR A 112 -2.10 7.55 7.90
CA THR A 112 -1.92 8.85 7.26
C THR A 112 -0.79 8.79 6.24
N LEU A 113 0.32 8.16 6.63
CA LEU A 113 1.48 8.03 5.75
C LEU A 113 1.11 7.22 4.51
N GLU A 114 0.34 6.16 4.73
CA GLU A 114 -0.09 5.28 3.62
C GLU A 114 -1.48 5.67 3.15
N VAL A 115 -1.83 5.25 1.93
CA VAL A 115 -3.13 5.58 1.37
C VAL A 115 -4.24 5.01 2.25
N HIS A 116 -4.09 3.76 2.66
CA HIS A 116 -5.08 3.11 3.51
C HIS A 116 -4.46 1.94 4.28
N ALA A 117 -5.10 1.53 5.37
CA ALA A 117 -4.60 0.42 6.17
C ALA A 117 -5.44 0.24 7.42
N VAL A 118 -6.66 0.75 7.39
CA VAL A 118 -7.55 0.64 8.54
C VAL A 118 -7.62 -0.80 9.05
N LYS A 119 -7.18 -1.02 10.28
CA LYS A 119 -7.21 -2.35 10.87
C LYS A 119 -6.97 -2.29 12.38
N PRO A 120 -7.90 -1.75 13.12
CA PRO A 120 -7.79 -1.64 14.61
C PRO A 120 -7.52 -3.00 15.27
N ALA A 121 -8.20 -4.02 14.76
CA ALA A 121 -8.04 -5.37 15.31
C ALA A 121 -6.64 -5.91 15.08
N ALA A 122 -5.70 -5.47 15.91
CA ALA A 122 -4.32 -5.91 15.80
C ALA A 122 -4.24 -7.43 15.74
N GLU A 123 -3.03 -7.96 15.73
CA GLU A 123 -2.84 -9.42 15.67
C GLU A 123 -3.45 -10.06 16.92
N GLU A 124 -3.19 -9.47 18.08
CA GLU A 124 -3.71 -9.99 19.34
C GLU A 124 -5.04 -9.34 19.68
N VAL A 125 -5.99 -9.43 18.76
CA VAL A 125 -7.31 -8.83 18.97
C VAL A 125 -8.02 -9.52 20.12
N LYS A 126 -7.86 -10.84 20.22
CA LYS A 126 -8.49 -11.59 21.28
C LYS A 126 -7.76 -12.91 21.53
N VAL A 127 -7.42 -13.17 22.79
CA VAL A 127 -6.73 -14.40 23.13
C VAL A 127 -6.69 -14.57 24.66
N ILE A 128 -7.06 -15.76 25.13
CA ILE A 128 -7.08 -16.03 26.57
C ILE A 128 -6.52 -17.43 26.87
N PRO A 129 -5.22 -17.58 26.84
CA PRO A 129 -4.53 -18.87 27.12
C PRO A 129 -4.82 -19.37 28.54
N ALA A 130 -4.71 -20.67 28.76
CA ALA A 130 -4.97 -21.25 30.07
C ALA A 130 -4.40 -20.36 31.18
N GLY A 131 -4.92 -20.56 32.39
CA GLY A 131 -4.48 -19.79 33.55
C GLY A 131 -5.67 -19.54 34.46
N GLU A 132 -5.60 -20.10 35.66
CA GLU A 132 -6.67 -19.99 36.67
C GLU A 132 -7.81 -20.95 36.35
N LEU A 133 -7.93 -21.32 35.07
CA LEU A 133 -8.96 -22.26 34.66
C LEU A 133 -8.59 -23.65 35.16
N GLN A 134 -7.31 -23.86 35.41
CA GLN A 134 -6.85 -25.15 35.90
C GLN A 134 -7.53 -25.48 37.22
N VAL A 135 -7.91 -24.43 37.95
CA VAL A 135 -8.61 -24.61 39.24
C VAL A 135 -9.96 -25.29 39.06
N ILE A 136 -10.68 -24.90 38.02
CA ILE A 136 -12.01 -25.46 37.78
C ILE A 136 -11.99 -26.98 37.83
N GLU A 137 -10.81 -27.56 37.62
CA GLU A 137 -10.70 -29.01 37.63
C GLU A 137 -11.09 -29.57 39.00
N LYS A 138 -10.56 -28.98 40.07
CA LYS A 138 -10.87 -29.44 41.43
C LYS A 138 -12.35 -29.25 41.74
N VAL A 139 -12.90 -28.15 41.24
CA VAL A 139 -14.30 -27.83 41.48
C VAL A 139 -15.19 -28.96 40.98
N ASP A 140 -14.85 -29.51 39.83
CA ASP A 140 -15.64 -30.61 39.26
C ASP A 140 -15.61 -31.82 40.19
N ALA A 141 -14.42 -32.17 40.68
CA ALA A 141 -14.28 -33.34 41.55
C ALA A 141 -14.99 -33.13 42.89
N ALA A 142 -14.54 -32.16 43.67
CA ALA A 142 -15.11 -31.92 44.99
C ALA A 142 -16.63 -31.75 44.94
N PHE A 143 -17.16 -31.45 43.76
CA PHE A 143 -18.60 -31.27 43.65
C PHE A 143 -19.31 -32.53 44.13
N LYS A 144 -18.71 -33.69 43.85
CA LYS A 144 -19.30 -34.95 44.26
C LYS A 144 -19.44 -34.97 45.79
N VAL A 145 -18.35 -34.66 46.47
CA VAL A 145 -18.35 -34.66 47.94
C VAL A 145 -19.48 -33.80 48.48
N ALA A 146 -19.94 -32.85 47.67
CA ALA A 146 -21.05 -31.99 48.07
C ALA A 146 -22.37 -32.66 47.71
N ALA A 147 -22.40 -33.29 46.54
CA ALA A 147 -23.60 -33.96 46.06
C ALA A 147 -24.02 -35.11 46.99
N THR A 148 -23.05 -35.89 47.46
CA THR A 148 -23.36 -37.02 48.33
C THR A 148 -23.63 -36.56 49.76
N ALA A 149 -22.64 -35.91 50.36
CA ALA A 149 -22.75 -35.45 51.74
C ALA A 149 -23.98 -34.57 51.93
N ALA A 150 -24.48 -33.99 50.83
CA ALA A 150 -25.69 -33.16 50.91
C ALA A 150 -26.91 -34.06 50.80
N ASN A 151 -26.84 -35.01 49.87
CA ASN A 151 -27.93 -35.95 49.63
C ASN A 151 -28.27 -36.73 50.90
N ALA A 152 -27.25 -37.11 51.66
CA ALA A 152 -27.48 -37.86 52.90
C ALA A 152 -28.30 -37.03 53.88
N ALA A 153 -28.65 -35.82 53.48
CA ALA A 153 -29.43 -34.94 54.34
C ALA A 153 -30.77 -35.61 54.70
N PRO A 154 -31.28 -35.44 55.91
CA PRO A 154 -32.56 -36.07 56.33
C PRO A 154 -33.77 -35.49 55.60
N ALA A 155 -33.54 -34.42 54.86
CA ALA A 155 -34.60 -33.76 54.10
C ALA A 155 -34.10 -32.44 53.53
N ASN A 156 -34.27 -31.37 54.29
CA ASN A 156 -33.81 -30.06 53.85
C ASN A 156 -32.31 -29.92 54.12
N ASP A 157 -31.84 -28.68 54.16
CA ASP A 157 -30.43 -28.39 54.41
C ASP A 157 -29.58 -28.77 53.20
N LYS A 158 -30.13 -29.58 52.28
CA LYS A 158 -29.36 -30.00 51.11
C LYS A 158 -28.56 -28.83 50.54
N PHE A 159 -29.18 -27.65 50.47
CA PHE A 159 -28.48 -26.47 49.98
C PHE A 159 -27.43 -26.04 51.00
N THR A 160 -27.84 -26.05 52.26
CA THR A 160 -26.95 -25.61 53.34
C THR A 160 -25.61 -26.32 53.22
N VAL A 161 -25.63 -27.65 53.07
CA VAL A 161 -24.40 -28.41 52.95
C VAL A 161 -23.61 -27.92 51.75
N PHE A 162 -24.31 -27.72 50.63
CA PHE A 162 -23.64 -27.26 49.42
C PHE A 162 -22.95 -25.93 49.70
N GLU A 163 -23.72 -24.97 50.22
CA GLU A 163 -23.17 -23.66 50.53
C GLU A 163 -22.07 -23.78 51.56
N ALA A 164 -22.07 -24.88 52.29
CA ALA A 164 -21.05 -25.12 53.31
C ALA A 164 -19.76 -25.61 52.65
N ALA A 165 -19.81 -26.78 52.02
CA ALA A 165 -18.64 -27.34 51.35
C ALA A 165 -18.23 -26.53 50.12
N PHE A 166 -19.24 -26.13 49.35
CA PHE A 166 -18.98 -25.39 48.12
C PHE A 166 -18.21 -24.11 48.44
N ASN A 167 -18.72 -23.36 49.42
CA ASN A 167 -18.08 -22.11 49.84
C ASN A 167 -16.83 -22.39 50.70
N ASP A 168 -16.90 -23.41 51.54
CA ASP A 168 -15.78 -23.76 52.41
C ASP A 168 -14.67 -24.46 51.64
N ALA A 169 -15.00 -25.61 51.07
CA ALA A 169 -13.99 -26.40 50.36
C ALA A 169 -13.18 -25.52 49.41
N ILE A 170 -13.83 -24.64 48.67
CA ILE A 170 -13.12 -23.78 47.76
C ILE A 170 -12.16 -22.87 48.53
N LYS A 171 -12.67 -22.25 49.59
CA LYS A 171 -11.87 -21.36 50.43
C LYS A 171 -10.77 -22.10 51.18
N ALA A 172 -11.11 -23.25 51.75
CA ALA A 172 -10.17 -24.02 52.55
C ALA A 172 -8.95 -24.51 51.77
N SER A 173 -9.15 -25.06 50.57
CA SER A 173 -8.01 -25.54 49.81
C SER A 173 -7.14 -24.39 49.32
N THR A 174 -7.79 -23.38 48.75
CA THR A 174 -7.06 -22.23 48.22
C THR A 174 -6.29 -21.52 49.33
N GLY A 175 -6.69 -21.74 50.58
CA GLY A 175 -6.02 -21.11 51.71
C GLY A 175 -6.56 -19.69 51.95
N GLY A 176 -7.87 -19.57 52.20
CA GLY A 176 -8.46 -18.26 52.47
C GLY A 176 -8.75 -17.49 51.19
N ALA A 177 -7.81 -17.51 50.25
CA ALA A 177 -7.98 -16.78 49.00
C ALA A 177 -9.29 -17.19 48.31
N TYR A 178 -9.89 -16.26 47.55
CA TYR A 178 -11.15 -16.55 46.85
C TYR A 178 -12.22 -17.03 47.83
N GLU A 179 -12.30 -16.39 48.98
CA GLU A 179 -13.29 -16.74 49.99
C GLU A 179 -14.69 -16.37 49.53
N SER A 180 -14.88 -16.24 48.22
CA SER A 180 -16.19 -15.89 47.68
C SER A 180 -16.32 -16.36 46.23
N TYR A 181 -17.55 -16.68 45.83
CA TYR A 181 -17.80 -17.13 44.46
C TYR A 181 -17.40 -16.02 43.47
N LYS A 182 -16.10 -15.91 43.20
CA LYS A 182 -15.63 -14.87 42.28
C LYS A 182 -14.18 -15.15 41.85
N PHE A 183 -13.91 -16.40 41.44
CA PHE A 183 -12.56 -16.78 41.02
C PHE A 183 -12.51 -17.09 39.51
N ILE A 184 -13.68 -17.33 38.91
CA ILE A 184 -13.76 -17.62 37.47
C ILE A 184 -14.95 -16.88 36.83
N PRO A 185 -14.72 -15.87 35.99
CA PRO A 185 -15.83 -15.12 35.31
C PRO A 185 -16.79 -16.04 34.55
N ALA A 186 -18.05 -15.59 34.43
CA ALA A 186 -19.09 -16.34 33.73
C ALA A 186 -19.79 -17.25 34.73
N LEU A 187 -19.00 -17.94 35.54
CA LEU A 187 -19.55 -18.85 36.54
C LEU A 187 -20.48 -18.07 37.47
N GLU A 188 -20.00 -16.94 37.95
CA GLU A 188 -20.78 -16.10 38.85
C GLU A 188 -22.26 -16.10 38.51
N ALA A 189 -22.60 -16.12 37.22
CA ALA A 189 -24.00 -16.15 36.80
C ALA A 189 -24.60 -17.53 37.05
N ALA A 190 -23.82 -18.55 36.75
CA ALA A 190 -24.28 -19.93 36.88
C ALA A 190 -25.05 -20.14 38.19
N VAL A 191 -24.47 -19.73 39.31
CA VAL A 191 -25.14 -19.89 40.59
C VAL A 191 -26.44 -19.07 40.63
N LYS A 192 -26.39 -17.86 40.07
CA LYS A 192 -27.55 -16.98 40.08
C LYS A 192 -28.76 -17.60 39.36
N GLN A 193 -28.54 -18.23 38.21
CA GLN A 193 -29.64 -18.87 37.49
C GLN A 193 -30.14 -20.06 38.30
N ALA A 194 -29.18 -20.80 38.83
CA ALA A 194 -29.49 -21.99 39.61
C ALA A 194 -30.46 -21.61 40.71
N TYR A 195 -30.17 -20.51 41.40
CA TYR A 195 -31.04 -20.02 42.46
C TYR A 195 -32.33 -19.44 41.88
N ALA A 196 -32.31 -19.12 40.58
CA ALA A 196 -33.47 -18.57 39.90
C ALA A 196 -34.37 -19.68 39.34
N ALA A 197 -33.79 -20.88 39.19
CA ALA A 197 -34.53 -22.01 38.66
C ALA A 197 -35.09 -22.89 39.78
N THR A 198 -34.25 -23.18 40.76
CA THR A 198 -34.68 -24.01 41.87
C THR A 198 -36.00 -23.50 42.43
N VAL A 199 -35.93 -22.59 43.41
CA VAL A 199 -37.13 -22.04 44.02
C VAL A 199 -38.10 -23.16 44.36
N ALA A 200 -38.92 -23.54 43.38
CA ALA A 200 -39.88 -24.63 43.55
C ALA A 200 -39.68 -25.64 42.42
N THR A 201 -39.90 -25.17 41.19
CA THR A 201 -39.74 -26.01 40.01
C THR A 201 -40.63 -27.25 40.12
N ALA A 202 -40.89 -27.88 38.97
CA ALA A 202 -41.73 -29.08 38.95
C ALA A 202 -41.30 -30.05 40.07
N PRO A 203 -42.08 -30.19 41.13
CA PRO A 203 -41.71 -31.12 42.24
C PRO A 203 -41.32 -32.51 41.74
N GLU A 204 -40.07 -32.67 41.31
CA GLU A 204 -39.60 -33.97 40.83
C GLU A 204 -38.09 -33.96 40.54
N VAL A 205 -37.61 -32.87 39.92
CA VAL A 205 -36.18 -32.76 39.56
C VAL A 205 -35.57 -31.47 40.10
N LYS A 206 -36.26 -30.83 41.04
CA LYS A 206 -35.75 -29.57 41.59
C LYS A 206 -34.29 -29.74 42.03
N TYR A 207 -33.94 -30.91 42.56
CA TYR A 207 -32.57 -31.16 42.98
C TYR A 207 -31.74 -31.56 41.77
N THR A 208 -32.23 -32.54 41.01
CA THR A 208 -31.49 -33.02 39.85
C THR A 208 -31.10 -31.85 38.96
N VAL A 209 -31.99 -30.86 38.83
CA VAL A 209 -31.68 -29.70 38.01
C VAL A 209 -30.43 -29.02 38.58
N PHE A 210 -30.44 -28.81 39.90
CA PHE A 210 -29.31 -28.16 40.57
C PHE A 210 -28.03 -28.95 40.32
N GLU A 211 -28.14 -30.26 40.29
CA GLU A 211 -26.98 -31.09 40.03
C GLU A 211 -26.60 -31.03 38.55
N THR A 212 -27.61 -31.10 37.70
CA THR A 212 -27.42 -31.10 36.24
C THR A 212 -26.91 -29.77 35.69
N ALA A 213 -27.54 -28.65 36.08
CA ALA A 213 -27.14 -27.35 35.56
C ALA A 213 -25.72 -26.96 35.98
N LEU A 214 -25.41 -27.16 37.26
CA LEU A 214 -24.08 -26.83 37.77
C LEU A 214 -23.02 -27.66 37.06
N LYS A 215 -23.26 -28.95 36.96
CA LYS A 215 -22.31 -29.84 36.29
C LYS A 215 -22.18 -29.45 34.83
N LYS A 216 -23.31 -29.21 34.18
CA LYS A 216 -23.29 -28.84 32.76
C LYS A 216 -22.56 -27.52 32.54
N ALA A 217 -22.87 -26.51 33.35
CA ALA A 217 -22.24 -25.21 33.22
C ALA A 217 -20.74 -25.31 33.46
N ILE A 218 -20.37 -26.04 34.51
CA ILE A 218 -18.98 -26.24 34.86
C ILE A 218 -18.25 -27.01 33.76
N THR A 219 -18.94 -27.97 33.16
CA THR A 219 -18.34 -28.75 32.09
C THR A 219 -18.01 -27.86 30.89
N ALA A 220 -18.99 -27.05 30.49
CA ALA A 220 -18.79 -26.17 29.35
C ALA A 220 -17.58 -25.28 29.57
N MET A 221 -17.52 -24.65 30.74
CA MET A 221 -16.41 -23.79 31.09
C MET A 221 -15.14 -24.62 31.32
N SER A 222 -15.33 -25.92 31.58
CA SER A 222 -14.18 -26.80 31.80
C SER A 222 -13.49 -27.18 30.48
N GLU A 223 -14.25 -27.71 29.53
CA GLU A 223 -13.67 -28.08 28.24
C GLU A 223 -13.37 -26.83 27.41
N ALA A 224 -14.26 -25.84 27.49
CA ALA A 224 -14.09 -24.60 26.73
C ALA A 224 -12.70 -24.03 26.96
N GLN A 225 -12.03 -24.51 27.99
CA GLN A 225 -10.69 -24.03 28.31
C GLN A 225 -9.75 -24.23 27.12
N LYS A 226 -9.85 -25.37 26.44
CA LYS A 226 -8.98 -25.63 25.29
C LYS A 226 -9.22 -24.59 24.21
N ALA A 227 -10.44 -24.08 24.14
CA ALA A 227 -10.79 -23.07 23.14
C ALA A 227 -12.01 -22.28 23.59
N ALA A 228 -11.92 -20.95 23.51
CA ALA A 228 -13.02 -20.09 23.91
C ALA A 228 -13.94 -19.79 22.73
N LYS A 229 -13.59 -20.32 21.57
CA LYS A 229 -14.38 -20.12 20.36
C LYS A 229 -14.42 -21.41 19.52
N PRO A 230 -15.47 -21.64 18.77
CA PRO A 230 -15.58 -22.87 17.92
C PRO A 230 -14.65 -22.82 16.72
N ALA A 231 -14.25 -23.99 16.23
CA ALA A 231 -13.36 -24.07 15.08
C ALA A 231 -13.40 -25.46 14.46
N PRO A 1 11.24 2.14 -9.27
CA PRO A 1 9.94 1.71 -8.71
C PRO A 1 10.03 0.27 -8.23
N ALA A 2 10.29 -0.65 -9.16
CA ALA A 2 10.38 -2.06 -8.82
C ALA A 2 11.56 -2.30 -7.87
N GLY A 3 11.35 -3.17 -6.89
CA GLY A 3 12.40 -3.50 -5.92
C GLY A 3 12.29 -2.61 -4.68
N LYS A 4 11.43 -1.58 -4.76
CA LYS A 4 11.24 -0.67 -3.64
C LYS A 4 9.85 -0.04 -3.70
N ALA A 5 8.91 -0.62 -2.97
CA ALA A 5 7.54 -0.11 -2.94
C ALA A 5 7.32 0.79 -1.72
N THR A 6 8.21 0.69 -0.74
CA THR A 6 8.10 1.47 0.49
C THR A 6 9.44 2.12 0.86
N THR A 7 9.42 2.91 1.93
CA THR A 7 10.62 3.61 2.41
C THR A 7 11.06 3.06 3.76
N GLU A 8 12.20 3.55 4.25
CA GLU A 8 12.73 3.11 5.54
C GLU A 8 11.78 3.50 6.67
N GLU A 9 11.22 4.70 6.59
CA GLU A 9 10.28 5.15 7.62
C GLU A 9 9.10 4.18 7.67
N GLN A 10 8.37 4.13 6.57
CA GLN A 10 7.19 3.26 6.48
C GLN A 10 7.59 1.81 6.76
N LYS A 11 8.70 1.36 6.17
CA LYS A 11 9.16 -0.01 6.39
C LYS A 11 9.53 -0.24 7.86
N LEU A 12 10.22 0.75 8.44
CA LEU A 12 10.66 0.67 9.84
C LEU A 12 9.48 0.65 10.81
N ILE A 13 8.42 1.38 10.48
CA ILE A 13 7.26 1.48 11.35
C ILE A 13 6.77 0.09 11.83
N GLU A 14 7.18 -0.96 11.11
CA GLU A 14 6.77 -2.31 11.49
C GLU A 14 7.71 -2.88 12.55
N LYS A 15 8.91 -2.32 12.59
CA LYS A 15 9.93 -2.76 13.52
C LYS A 15 9.81 -2.07 14.89
N ILE A 16 9.36 -0.82 14.90
CA ILE A 16 9.23 -0.08 16.15
C ILE A 16 8.14 -0.67 17.02
N ASN A 17 7.22 -1.41 16.41
CA ASN A 17 6.13 -2.00 17.17
C ASN A 17 6.70 -2.89 18.27
N ALA A 18 7.67 -3.72 17.91
CA ALA A 18 8.30 -4.62 18.88
C ALA A 18 8.94 -3.82 20.01
N GLY A 19 9.56 -2.69 19.66
CA GLY A 19 10.19 -1.86 20.68
C GLY A 19 9.15 -1.34 21.67
N PHE A 20 8.00 -0.94 21.15
CA PHE A 20 6.93 -0.41 22.00
C PHE A 20 6.37 -1.52 22.88
N LYS A 21 6.23 -2.69 22.31
CA LYS A 21 5.68 -3.81 23.05
C LYS A 21 6.56 -4.15 24.25
N ALA A 22 7.87 -4.02 24.08
CA ALA A 22 8.80 -4.33 25.15
C ALA A 22 8.52 -3.50 26.39
N ALA A 23 8.19 -2.21 26.22
CA ALA A 23 7.88 -1.35 27.35
C ALA A 23 6.41 -1.43 27.73
N LEU A 24 5.54 -1.43 26.72
CA LEU A 24 4.12 -1.49 26.98
C LEU A 24 3.77 -2.81 27.65
N ALA A 25 4.40 -3.88 27.19
CA ALA A 25 4.18 -5.19 27.78
C ALA A 25 4.75 -5.22 29.20
N ALA A 26 5.71 -4.33 29.45
CA ALA A 26 6.34 -4.23 30.76
C ALA A 26 5.36 -3.64 31.77
N ALA A 27 4.30 -3.01 31.27
CA ALA A 27 3.32 -2.40 32.15
C ALA A 27 2.71 -3.46 33.07
N ALA A 28 2.46 -4.66 32.53
CA ALA A 28 1.90 -5.75 33.31
C ALA A 28 2.84 -6.96 33.34
N GLY A 29 3.79 -6.99 32.40
CA GLY A 29 4.74 -8.10 32.32
C GLY A 29 5.92 -7.89 33.27
N VAL A 30 5.62 -7.41 34.48
CA VAL A 30 6.66 -7.19 35.49
C VAL A 30 6.14 -7.58 36.87
N GLN A 31 6.86 -7.16 37.90
CA GLN A 31 6.47 -7.46 39.28
C GLN A 31 5.75 -6.23 39.86
N PRO A 32 5.35 -6.25 41.10
CA PRO A 32 4.64 -5.07 41.71
C PRO A 32 5.39 -3.78 41.45
N ALA A 33 4.67 -2.67 41.32
CA ALA A 33 5.30 -1.39 41.05
C ALA A 33 6.19 -1.48 39.83
N ASP A 34 7.06 -0.49 39.67
CA ASP A 34 7.98 -0.44 38.53
C ASP A 34 7.22 -0.24 37.22
N LYS A 35 5.99 -0.74 37.17
CA LYS A 35 5.15 -0.63 35.97
C LYS A 35 5.02 0.83 35.53
N TYR A 36 5.20 1.75 36.47
CA TYR A 36 5.13 3.17 36.14
C TYR A 36 6.49 3.66 35.63
N ARG A 37 7.52 3.38 36.41
CA ARG A 37 8.87 3.81 36.07
C ARG A 37 9.31 3.26 34.71
N THR A 38 8.99 2.00 34.43
CA THR A 38 9.36 1.39 33.15
C THR A 38 8.72 2.14 31.99
N PHE A 39 7.50 2.62 32.18
CA PHE A 39 6.82 3.29 31.09
C PHE A 39 7.74 4.27 30.37
N VAL A 40 8.38 5.19 31.10
CA VAL A 40 9.28 6.15 30.46
C VAL A 40 10.67 5.53 30.28
N ALA A 41 11.22 5.05 31.38
CA ALA A 41 12.57 4.48 31.42
C ALA A 41 12.79 3.30 30.47
N THR A 42 11.80 2.42 30.33
CA THR A 42 11.95 1.29 29.40
C THR A 42 11.72 1.74 27.97
N PHE A 43 10.68 2.57 27.77
CA PHE A 43 10.36 3.09 26.45
C PHE A 43 11.56 3.82 25.87
N GLY A 44 12.46 4.22 26.76
CA GLY A 44 13.66 4.93 26.35
C GLY A 44 14.43 4.07 25.35
N ALA A 45 14.52 2.78 25.65
CA ALA A 45 15.22 1.85 24.76
C ALA A 45 14.43 1.62 23.47
N ALA A 46 13.09 1.56 23.59
CA ALA A 46 12.23 1.32 22.43
C ALA A 46 12.39 2.39 21.36
N SER A 47 12.38 3.64 21.76
CA SER A 47 12.53 4.71 20.79
C SER A 47 13.96 4.74 20.27
N ASN A 48 14.90 4.39 21.14
CA ASN A 48 16.31 4.38 20.77
C ASN A 48 16.55 3.37 19.64
N LYS A 49 15.92 2.21 19.74
CA LYS A 49 16.09 1.19 18.72
C LYS A 49 15.63 1.68 17.35
N ALA A 50 14.42 2.24 17.30
CA ALA A 50 13.88 2.73 16.03
C ALA A 50 14.73 3.90 15.53
N PHE A 51 15.06 4.80 16.44
CA PHE A 51 15.87 5.96 16.11
C PHE A 51 17.28 5.52 15.73
N ALA A 52 17.79 4.52 16.44
CA ALA A 52 19.13 3.99 16.18
C ALA A 52 19.14 3.15 14.92
N GLU A 53 17.97 2.68 14.50
CA GLU A 53 17.86 1.84 13.30
C GLU A 53 17.69 2.69 12.04
N GLY A 54 16.85 3.72 12.12
CA GLY A 54 16.59 4.58 10.97
C GLY A 54 17.89 5.09 10.35
N LEU A 55 18.36 6.24 10.81
CA LEU A 55 19.59 6.83 10.29
C LEU A 55 19.64 6.71 8.76
N SER A 56 18.78 7.48 8.09
CA SER A 56 18.73 7.45 6.64
C SER A 56 20.09 7.83 6.06
N GLY A 57 20.69 8.85 6.65
CA GLY A 57 21.99 9.34 6.21
C GLY A 57 21.83 10.57 5.31
N GLU A 58 22.43 11.67 5.73
CA GLU A 58 22.36 12.91 4.97
C GLU A 58 20.91 13.25 4.64
N PRO A 59 20.06 13.29 5.63
CA PRO A 59 18.62 13.62 5.46
C PRO A 59 18.42 15.07 4.99
N LYS A 60 19.33 15.93 5.43
CA LYS A 60 19.26 17.34 5.07
C LYS A 60 19.55 17.53 3.58
N GLY A 61 18.84 18.48 2.97
CA GLY A 61 19.03 18.73 1.55
C GLY A 61 18.31 17.68 0.70
N ALA A 62 17.39 16.95 1.33
CA ALA A 62 16.63 15.91 0.63
C ALA A 62 15.21 15.81 1.17
N ALA A 63 14.27 15.46 0.30
CA ALA A 63 12.86 15.33 0.68
C ALA A 63 12.53 13.89 1.08
N GLU A 64 13.56 13.07 1.21
CA GLU A 64 13.37 11.67 1.59
C GLU A 64 13.41 11.49 3.11
N SER A 65 13.77 12.56 3.82
CA SER A 65 13.82 12.52 5.29
C SER A 65 12.92 13.59 5.87
N SER A 66 12.20 14.29 4.98
CA SER A 66 11.29 15.34 5.41
C SER A 66 10.12 14.72 6.19
N SER A 67 9.74 13.51 5.78
CA SER A 67 8.66 12.80 6.44
C SER A 67 9.15 12.13 7.72
N LYS A 68 10.45 11.89 7.78
CA LYS A 68 11.05 11.24 8.94
C LYS A 68 10.78 12.06 10.19
N ALA A 69 10.90 13.37 10.09
CA ALA A 69 10.65 14.24 11.23
C ALA A 69 9.22 14.09 11.72
N ALA A 70 8.30 13.96 10.77
CA ALA A 70 6.88 13.82 11.12
C ALA A 70 6.71 12.75 12.18
N LEU A 71 7.31 11.59 11.97
CA LEU A 71 7.19 10.51 12.94
C LEU A 71 7.69 10.93 14.31
N THR A 72 8.85 11.57 14.37
CA THR A 72 9.39 11.98 15.66
C THR A 72 8.49 12.97 16.36
N SER A 73 8.16 14.06 15.67
CA SER A 73 7.32 15.09 16.26
C SER A 73 5.98 14.51 16.69
N LYS A 74 5.43 13.64 15.85
CA LYS A 74 4.15 13.02 16.17
C LYS A 74 4.30 12.10 17.39
N LEU A 75 5.43 11.38 17.46
CA LEU A 75 5.68 10.47 18.58
C LEU A 75 6.22 11.25 19.79
N ASP A 76 6.76 12.43 19.53
CA ASP A 76 7.29 13.25 20.62
C ASP A 76 6.16 13.96 21.35
N ALA A 77 5.45 14.81 20.63
CA ALA A 77 4.35 15.57 21.22
C ALA A 77 3.23 14.65 21.73
N ALA A 78 2.87 13.65 20.95
CA ALA A 78 1.80 12.74 21.35
C ALA A 78 2.16 11.96 22.61
N TYR A 79 3.39 11.46 22.66
CA TYR A 79 3.85 10.69 23.81
C TYR A 79 3.79 11.53 25.08
N LYS A 80 4.34 12.73 25.01
CA LYS A 80 4.35 13.64 26.15
C LYS A 80 2.95 14.22 26.39
N LEU A 81 2.25 14.54 25.32
CA LEU A 81 0.91 15.10 25.44
C LEU A 81 -0.05 14.04 25.96
N ALA A 82 0.12 12.82 25.46
CA ALA A 82 -0.73 11.72 25.88
C ALA A 82 -0.55 11.45 27.37
N TYR A 83 0.70 11.48 27.83
CA TYR A 83 1.01 11.25 29.23
C TYR A 83 0.50 12.39 30.10
N LYS A 84 0.61 13.62 29.61
CA LYS A 84 0.16 14.78 30.35
C LYS A 84 -1.32 14.59 30.70
N THR A 85 -2.06 14.01 29.77
CA THR A 85 -3.48 13.76 29.99
C THR A 85 -3.65 12.83 31.20
N ALA A 86 -2.68 11.92 31.40
CA ALA A 86 -2.75 10.96 32.50
C ALA A 86 -2.84 11.68 33.85
N GLU A 87 -2.00 12.69 34.06
CA GLU A 87 -2.03 13.42 35.33
C GLU A 87 -3.24 14.34 35.37
N GLY A 88 -3.89 14.54 34.22
CA GLY A 88 -5.07 15.41 34.15
C GLY A 88 -6.34 14.58 34.32
N ALA A 89 -6.33 13.35 33.81
CA ALA A 89 -7.49 12.46 33.92
C ALA A 89 -7.64 11.95 35.34
N THR A 90 -8.87 11.64 35.72
CA THR A 90 -9.15 11.13 37.06
C THR A 90 -8.61 9.70 37.23
N PRO A 91 -7.91 9.39 38.31
CA PRO A 91 -7.39 8.01 38.52
C PRO A 91 -8.48 6.94 38.30
N GLU A 92 -8.08 5.67 38.16
CA GLU A 92 -9.03 4.58 37.96
C GLU A 92 -9.46 4.49 36.50
N ALA A 93 -8.82 5.28 35.62
CA ALA A 93 -9.15 5.25 34.21
C ALA A 93 -8.17 6.09 33.41
N LYS A 94 -7.32 6.84 34.11
CA LYS A 94 -6.35 7.69 33.44
C LYS A 94 -5.34 6.87 32.65
N TYR A 95 -5.10 5.63 33.07
CA TYR A 95 -4.15 4.77 32.37
C TYR A 95 -4.71 4.34 31.01
N ASP A 96 -5.95 3.87 30.98
CA ASP A 96 -6.55 3.43 29.73
C ASP A 96 -6.60 4.56 28.72
N ALA A 97 -7.08 5.71 29.14
CA ALA A 97 -7.16 6.87 28.25
C ALA A 97 -5.76 7.29 27.80
N TYR A 98 -4.82 7.32 28.74
CA TYR A 98 -3.45 7.72 28.43
C TYR A 98 -2.81 6.76 27.43
N VAL A 99 -2.88 5.48 27.74
CA VAL A 99 -2.29 4.46 26.89
C VAL A 99 -3.03 4.37 25.55
N ALA A 100 -4.36 4.45 25.60
CA ALA A 100 -5.15 4.37 24.38
C ALA A 100 -4.79 5.51 23.44
N THR A 101 -4.57 6.70 24.00
CA THR A 101 -4.25 7.86 23.18
C THR A 101 -3.13 7.49 22.19
N LEU A 102 -2.00 7.02 22.73
CA LEU A 102 -0.85 6.63 21.91
C LEU A 102 -1.24 5.56 20.87
N SER A 103 -2.28 4.80 21.18
CA SER A 103 -2.70 3.74 20.25
C SER A 103 -3.24 4.33 18.95
N GLU A 104 -4.30 5.13 19.03
CA GLU A 104 -4.87 5.71 17.82
C GLU A 104 -3.83 6.63 17.16
N ALA A 105 -2.99 7.23 17.99
CA ALA A 105 -1.94 8.10 17.47
C ALA A 105 -0.95 7.27 16.66
N LEU A 106 -0.66 6.08 17.16
CA LEU A 106 0.25 5.17 16.51
C LEU A 106 -0.38 4.57 15.24
N ARG A 107 -1.65 4.20 15.33
CA ARG A 107 -2.35 3.61 14.19
C ARG A 107 -2.60 4.60 13.05
N ILE A 108 -2.91 5.85 13.38
CA ILE A 108 -3.20 6.83 12.34
C ILE A 108 -2.01 6.99 11.40
N ILE A 109 -0.79 6.88 11.94
CA ILE A 109 0.40 7.01 11.10
C ILE A 109 0.44 5.92 10.04
N ALA A 110 0.22 4.69 10.46
CA ALA A 110 0.23 3.57 9.52
C ALA A 110 -0.88 3.75 8.49
N GLY A 111 -2.04 4.22 8.96
CA GLY A 111 -3.17 4.45 8.07
C GLY A 111 -2.87 5.57 7.08
N THR A 112 -2.23 6.63 7.58
CA THR A 112 -1.89 7.78 6.73
C THR A 112 -0.80 7.42 5.73
N LEU A 113 0.37 7.05 6.23
CA LEU A 113 1.48 6.69 5.35
C LEU A 113 1.23 5.34 4.70
N GLU A 114 0.11 5.23 3.98
CA GLU A 114 -0.23 3.99 3.30
C GLU A 114 -1.37 4.21 2.31
N VAL A 115 -1.11 5.03 1.29
CA VAL A 115 -2.13 5.33 0.29
C VAL A 115 -2.52 4.06 -0.49
N HIS A 116 -1.52 3.25 -0.84
CA HIS A 116 -1.77 2.01 -1.57
C HIS A 116 -0.81 0.92 -1.11
N ALA A 117 -1.32 -0.31 -1.01
CA ALA A 117 -0.49 -1.44 -0.59
C ALA A 117 0.15 -2.10 -1.80
N VAL A 118 -0.54 -1.98 -2.94
CA VAL A 118 -0.06 -2.58 -4.17
C VAL A 118 1.04 -1.73 -4.80
N LYS A 119 2.20 -2.34 -5.03
CA LYS A 119 3.32 -1.62 -5.61
C LYS A 119 3.05 -1.29 -7.08
N PRO A 120 3.69 -0.28 -7.66
CA PRO A 120 3.47 0.08 -9.10
C PRO A 120 3.72 -1.11 -10.03
N ALA A 121 2.84 -1.30 -11.01
CA ALA A 121 2.96 -2.39 -11.98
C ALA A 121 2.99 -1.83 -13.40
N ALA A 122 2.76 -0.52 -13.52
CA ALA A 122 2.75 0.13 -14.83
C ALA A 122 1.79 -0.60 -15.76
N GLU A 123 2.33 -1.30 -16.75
CA GLU A 123 1.51 -2.04 -17.70
C GLU A 123 1.20 -3.43 -17.15
N GLU A 124 -0.07 -3.78 -17.12
CA GLU A 124 -0.48 -5.09 -16.62
C GLU A 124 0.14 -6.20 -17.46
N VAL A 125 0.21 -7.40 -16.89
CA VAL A 125 0.78 -8.54 -17.60
C VAL A 125 -0.18 -9.02 -18.68
N LYS A 126 0.32 -9.11 -19.91
CA LYS A 126 -0.51 -9.56 -21.02
C LYS A 126 -0.75 -11.07 -20.94
N VAL A 127 -1.97 -11.49 -21.27
CA VAL A 127 -2.31 -12.90 -21.23
C VAL A 127 -1.79 -13.60 -22.49
N ILE A 128 -0.51 -13.97 -22.46
CA ILE A 128 0.11 -14.65 -23.60
C ILE A 128 1.01 -15.81 -23.12
N PRO A 129 0.42 -16.92 -22.78
CA PRO A 129 1.17 -18.12 -22.29
C PRO A 129 2.26 -18.54 -23.28
N ALA A 130 1.98 -18.40 -24.57
CA ALA A 130 2.93 -18.75 -25.61
C ALA A 130 4.15 -17.84 -25.54
N GLY A 131 5.27 -18.33 -26.04
CA GLY A 131 6.51 -17.56 -26.04
C GLY A 131 7.72 -18.48 -26.18
N GLU A 132 8.28 -18.52 -27.38
CA GLU A 132 9.45 -19.36 -27.68
C GLU A 132 9.01 -20.77 -28.03
N LEU A 133 7.90 -21.22 -27.44
CA LEU A 133 7.38 -22.54 -27.72
C LEU A 133 6.83 -22.59 -29.14
N GLN A 134 6.61 -21.42 -29.72
CA GLN A 134 6.11 -21.32 -31.08
C GLN A 134 7.11 -21.92 -32.07
N VAL A 135 8.39 -21.67 -31.83
CA VAL A 135 9.44 -22.20 -32.72
C VAL A 135 9.28 -23.70 -32.88
N ILE A 136 8.63 -24.33 -31.90
CA ILE A 136 8.43 -25.77 -31.95
C ILE A 136 7.70 -26.16 -33.23
N GLU A 137 7.02 -25.20 -33.85
CA GLU A 137 6.31 -25.48 -35.10
C GLU A 137 7.30 -25.92 -36.17
N LYS A 138 8.20 -25.02 -36.54
CA LYS A 138 9.19 -25.31 -37.59
C LYS A 138 9.94 -26.60 -37.30
N VAL A 139 10.18 -26.90 -36.04
CA VAL A 139 10.90 -28.12 -35.69
C VAL A 139 10.15 -29.33 -36.24
N ASP A 140 8.83 -29.31 -36.10
CA ASP A 140 8.01 -30.42 -36.60
C ASP A 140 8.18 -30.59 -38.11
N ALA A 141 8.23 -29.48 -38.84
CA ALA A 141 8.40 -29.53 -40.29
C ALA A 141 9.87 -29.81 -40.64
N ALA A 142 10.73 -29.58 -39.66
CA ALA A 142 12.16 -29.82 -39.82
C ALA A 142 12.49 -31.26 -39.49
N PHE A 143 11.67 -31.86 -38.64
CA PHE A 143 11.88 -33.23 -38.20
C PHE A 143 11.58 -34.22 -39.33
N LYS A 144 10.54 -33.93 -40.12
CA LYS A 144 10.16 -34.83 -41.21
C LYS A 144 11.33 -35.01 -42.18
N VAL A 145 11.93 -33.91 -42.58
CA VAL A 145 13.05 -33.94 -43.51
C VAL A 145 14.10 -34.95 -43.05
N ALA A 146 14.06 -35.29 -41.75
CA ALA A 146 15.00 -36.27 -41.21
C ALA A 146 14.42 -37.68 -41.31
N ALA A 147 13.11 -37.79 -41.06
CA ALA A 147 12.44 -39.09 -41.11
C ALA A 147 12.50 -39.71 -42.51
N THR A 148 12.27 -38.89 -43.53
CA THR A 148 12.29 -39.38 -44.91
C THR A 148 13.72 -39.54 -45.41
N ALA A 149 14.43 -38.43 -45.48
CA ALA A 149 15.81 -38.42 -45.96
C ALA A 149 16.65 -39.48 -45.25
N ALA A 150 16.18 -39.96 -44.09
CA ALA A 150 16.88 -41.02 -43.37
C ALA A 150 16.40 -42.38 -43.88
N ASN A 151 15.11 -42.44 -44.23
CA ASN A 151 14.48 -43.66 -44.71
C ASN A 151 15.17 -44.19 -45.95
N ALA A 152 15.78 -43.30 -46.73
CA ALA A 152 16.45 -43.70 -47.95
C ALA A 152 17.55 -44.71 -47.63
N ALA A 153 17.79 -44.94 -46.34
CA ALA A 153 18.81 -45.89 -45.89
C ALA A 153 18.20 -46.89 -44.90
N PRO A 154 18.68 -48.13 -44.86
CA PRO A 154 18.13 -49.16 -43.92
C PRO A 154 18.54 -48.88 -42.47
N ALA A 155 18.37 -49.87 -41.60
CA ALA A 155 18.74 -49.71 -40.19
C ALA A 155 20.04 -48.93 -40.07
N ASN A 156 21.16 -49.63 -40.21
CA ASN A 156 22.46 -48.98 -40.13
C ASN A 156 22.48 -47.77 -41.05
N ASP A 157 23.45 -46.87 -40.83
CA ASP A 157 23.57 -45.68 -41.66
C ASP A 157 22.25 -44.90 -41.72
N LYS A 158 21.59 -44.77 -40.57
CA LYS A 158 20.31 -44.03 -40.49
C LYS A 158 20.41 -42.93 -39.44
N PHE A 159 21.16 -43.21 -38.38
CA PHE A 159 21.35 -42.23 -37.32
C PHE A 159 22.18 -41.06 -37.87
N THR A 160 23.20 -41.42 -38.63
CA THR A 160 24.09 -40.42 -39.20
C THR A 160 23.27 -39.29 -39.82
N VAL A 161 22.27 -39.65 -40.62
CA VAL A 161 21.42 -38.66 -41.27
C VAL A 161 20.71 -37.81 -40.21
N PHE A 162 20.20 -38.48 -39.18
CA PHE A 162 19.49 -37.76 -38.13
C PHE A 162 20.42 -36.73 -37.51
N GLU A 163 21.59 -37.17 -37.10
CA GLU A 163 22.58 -36.28 -36.49
C GLU A 163 22.97 -35.20 -37.48
N ALA A 164 22.75 -35.46 -38.76
CA ALA A 164 23.07 -34.49 -39.79
C ALA A 164 22.00 -33.40 -39.86
N ALA A 165 20.78 -33.79 -40.21
CA ALA A 165 19.67 -32.85 -40.32
C ALA A 165 19.21 -32.32 -38.97
N PHE A 166 19.16 -33.21 -37.98
CA PHE A 166 18.69 -32.82 -36.65
C PHE A 166 19.55 -31.69 -36.09
N ASN A 167 20.86 -31.86 -36.15
CA ASN A 167 21.76 -30.83 -35.64
C ASN A 167 21.88 -29.66 -36.62
N ASP A 168 21.72 -29.94 -37.92
CA ASP A 168 21.83 -28.89 -38.94
C ASP A 168 20.50 -28.16 -39.11
N ALA A 169 19.47 -28.89 -39.49
CA ALA A 169 18.17 -28.30 -39.74
C ALA A 169 17.79 -27.35 -38.60
N ILE A 170 18.33 -27.59 -37.41
CA ILE A 170 18.05 -26.74 -36.26
C ILE A 170 19.10 -25.64 -36.15
N LYS A 171 20.36 -26.04 -36.00
CA LYS A 171 21.44 -25.10 -35.86
C LYS A 171 21.57 -24.25 -37.13
N ALA A 172 21.57 -24.90 -38.28
CA ALA A 172 21.71 -24.17 -39.54
C ALA A 172 20.57 -23.17 -39.72
N SER A 173 19.35 -23.60 -39.42
CA SER A 173 18.21 -22.70 -39.56
C SER A 173 18.29 -21.58 -38.53
N THR A 174 18.55 -21.95 -37.27
CA THR A 174 18.65 -20.97 -36.19
C THR A 174 20.08 -20.93 -35.65
N GLY A 175 21.03 -20.65 -36.52
CA GLY A 175 22.44 -20.57 -36.13
C GLY A 175 22.69 -19.43 -35.17
N GLY A 176 22.02 -18.30 -35.39
CA GLY A 176 22.18 -17.12 -34.52
C GLY A 176 21.02 -17.01 -33.54
N ALA A 177 20.94 -17.93 -32.59
CA ALA A 177 19.87 -17.90 -31.60
C ALA A 177 20.05 -19.00 -30.56
N TYR A 178 19.44 -20.16 -30.81
CA TYR A 178 19.54 -21.29 -29.89
C TYR A 178 20.45 -22.37 -30.43
N GLU A 179 21.72 -22.05 -30.65
CA GLU A 179 22.67 -23.03 -31.17
C GLU A 179 22.43 -24.39 -30.55
N SER A 180 22.66 -25.44 -31.36
CA SER A 180 22.47 -26.81 -30.88
C SER A 180 21.15 -26.95 -30.15
N TYR A 181 20.93 -28.15 -29.58
CA TYR A 181 19.72 -28.41 -28.83
C TYR A 181 19.82 -27.83 -27.43
N LYS A 182 19.14 -26.70 -27.21
CA LYS A 182 19.16 -26.02 -25.91
C LYS A 182 17.81 -25.40 -25.64
N PHE A 183 17.17 -24.94 -26.71
CA PHE A 183 15.87 -24.31 -26.61
C PHE A 183 14.85 -25.25 -25.97
N ILE A 184 14.09 -24.74 -25.03
CA ILE A 184 13.08 -25.55 -24.36
C ILE A 184 13.70 -26.82 -23.77
N PRO A 185 13.97 -26.85 -22.47
CA PRO A 185 14.58 -28.06 -21.82
C PRO A 185 13.86 -29.34 -22.22
N ALA A 186 14.32 -30.47 -21.67
CA ALA A 186 13.76 -31.80 -21.95
C ALA A 186 14.53 -32.46 -23.09
N LEU A 187 14.74 -31.71 -24.17
CA LEU A 187 15.50 -32.25 -25.30
C LEU A 187 16.92 -32.56 -24.84
N GLU A 188 17.40 -31.75 -23.91
CA GLU A 188 18.74 -31.93 -23.39
C GLU A 188 18.89 -33.32 -22.76
N ALA A 189 17.95 -33.66 -21.87
CA ALA A 189 17.97 -34.97 -21.22
C ALA A 189 17.26 -36.03 -22.06
N ALA A 190 16.04 -35.70 -22.48
CA ALA A 190 15.22 -36.65 -23.24
C ALA A 190 16.02 -37.29 -24.38
N VAL A 191 16.74 -36.49 -25.15
CA VAL A 191 17.54 -37.04 -26.25
C VAL A 191 18.59 -38.01 -25.71
N LYS A 192 19.18 -37.65 -24.58
CA LYS A 192 20.22 -38.46 -23.95
C LYS A 192 19.71 -39.86 -23.60
N GLN A 193 18.45 -39.98 -23.18
CA GLN A 193 17.89 -41.30 -22.87
C GLN A 193 17.70 -42.10 -24.15
N ALA A 194 17.21 -41.40 -25.17
CA ALA A 194 16.92 -42.03 -26.45
C ALA A 194 18.15 -42.77 -26.96
N TYR A 195 19.32 -42.13 -26.86
CA TYR A 195 20.57 -42.74 -27.29
C TYR A 195 21.03 -43.76 -26.24
N ALA A 196 20.44 -43.68 -25.05
CA ALA A 196 20.76 -44.62 -23.97
C ALA A 196 19.82 -45.83 -24.02
N ALA A 197 18.69 -45.66 -24.68
CA ALA A 197 17.68 -46.71 -24.81
C ALA A 197 17.81 -47.46 -26.14
N THR A 198 17.89 -46.70 -27.23
CA THR A 198 17.97 -47.29 -28.57
C THR A 198 18.83 -48.55 -28.57
N VAL A 199 20.15 -48.41 -28.59
CA VAL A 199 21.07 -49.55 -28.61
C VAL A 199 20.48 -50.79 -27.92
N ALA A 200 19.95 -50.59 -26.72
CA ALA A 200 19.34 -51.69 -25.96
C ALA A 200 17.82 -51.54 -25.94
N THR A 201 17.16 -52.07 -26.95
CA THR A 201 15.70 -51.98 -27.05
C THR A 201 15.13 -53.21 -27.76
N ALA A 202 13.96 -53.66 -27.32
CA ALA A 202 13.32 -54.83 -27.93
C ALA A 202 13.48 -54.78 -29.46
N PRO A 203 14.35 -55.59 -30.04
CA PRO A 203 14.56 -55.60 -31.53
C PRO A 203 13.26 -55.73 -32.33
N GLU A 204 12.55 -54.62 -32.50
CA GLU A 204 11.30 -54.64 -33.26
C GLU A 204 10.79 -53.21 -33.50
N VAL A 205 10.93 -52.36 -32.49
CA VAL A 205 10.48 -50.97 -32.57
C VAL A 205 11.63 -50.03 -32.23
N LYS A 206 12.86 -50.50 -32.44
CA LYS A 206 14.04 -49.71 -32.12
C LYS A 206 13.99 -48.36 -32.82
N TYR A 207 13.62 -48.34 -34.10
CA TYR A 207 13.52 -47.06 -34.80
C TYR A 207 12.20 -46.39 -34.41
N THR A 208 11.11 -47.13 -34.50
CA THR A 208 9.79 -46.59 -34.19
C THR A 208 9.82 -45.86 -32.84
N VAL A 209 10.52 -46.42 -31.86
CA VAL A 209 10.61 -45.77 -30.56
C VAL A 209 11.25 -44.39 -30.72
N PHE A 210 12.35 -44.36 -31.47
CA PHE A 210 13.07 -43.11 -31.70
C PHE A 210 12.15 -42.09 -32.37
N GLU A 211 11.36 -42.56 -33.31
CA GLU A 211 10.42 -41.67 -34.01
C GLU A 211 9.22 -41.33 -33.11
N THR A 212 8.67 -42.37 -32.48
CA THR A 212 7.50 -42.21 -31.62
C THR A 212 7.77 -41.38 -30.38
N ALA A 213 8.85 -41.68 -29.68
CA ALA A 213 9.17 -40.96 -28.44
C ALA A 213 9.45 -39.49 -28.72
N LEU A 214 10.19 -39.21 -29.78
CA LEU A 214 10.52 -37.83 -30.13
C LEU A 214 9.25 -37.03 -30.42
N LYS A 215 8.37 -37.61 -31.24
CA LYS A 215 7.13 -36.91 -31.59
C LYS A 215 6.31 -36.66 -30.32
N LYS A 216 6.28 -37.64 -29.43
CA LYS A 216 5.52 -37.51 -28.19
C LYS A 216 6.05 -36.38 -27.34
N ALA A 217 7.39 -36.29 -27.21
CA ALA A 217 7.99 -35.23 -26.41
C ALA A 217 7.74 -33.87 -27.05
N ILE A 218 7.95 -33.79 -28.36
CA ILE A 218 7.75 -32.54 -29.08
C ILE A 218 6.28 -32.12 -29.06
N THR A 219 5.38 -33.08 -29.23
CA THR A 219 3.95 -32.79 -29.19
C THR A 219 3.57 -32.27 -27.82
N ALA A 220 4.10 -32.94 -26.79
CA ALA A 220 3.78 -32.54 -25.43
C ALA A 220 4.10 -31.07 -25.26
N MET A 221 5.25 -30.67 -25.76
CA MET A 221 5.67 -29.27 -25.68
C MET A 221 4.84 -28.42 -26.65
N SER A 222 4.24 -29.07 -27.65
CA SER A 222 3.40 -28.34 -28.62
C SER A 222 2.08 -27.93 -27.97
N GLU A 223 1.43 -28.87 -27.31
CA GLU A 223 0.17 -28.59 -26.63
C GLU A 223 0.44 -27.62 -25.48
N ALA A 224 1.57 -27.83 -24.83
CA ALA A 224 2.00 -26.98 -23.72
C ALA A 224 1.90 -25.51 -24.10
N GLN A 225 1.77 -25.26 -25.40
CA GLN A 225 1.66 -23.89 -25.89
C GLN A 225 0.45 -23.20 -25.27
N LYS A 226 -0.66 -23.91 -25.10
CA LYS A 226 -1.85 -23.31 -24.51
C LYS A 226 -1.55 -22.84 -23.08
N ALA A 227 -0.66 -23.56 -22.40
CA ALA A 227 -0.28 -23.21 -21.04
C ALA A 227 1.11 -23.76 -20.70
N ALA A 228 1.93 -22.91 -20.08
CA ALA A 228 3.29 -23.31 -19.71
C ALA A 228 3.32 -23.85 -18.28
N LYS A 229 2.15 -23.90 -17.66
CA LYS A 229 2.05 -24.40 -16.28
C LYS A 229 2.34 -25.91 -16.24
N PRO A 230 2.90 -26.41 -15.16
CA PRO A 230 3.21 -27.86 -15.03
C PRO A 230 1.96 -28.72 -14.88
N ALA A 231 2.04 -29.95 -15.34
CA ALA A 231 0.90 -30.87 -15.26
C ALA A 231 0.79 -31.48 -13.87
N PRO A 1 7.34 2.39 -7.81
CA PRO A 1 7.94 2.56 -9.16
C PRO A 1 9.24 3.37 -9.05
N ALA A 2 9.91 3.55 -10.17
CA ALA A 2 11.17 4.30 -10.20
C ALA A 2 12.16 3.72 -9.19
N GLY A 3 12.03 2.42 -8.92
CA GLY A 3 12.92 1.75 -7.99
C GLY A 3 12.47 1.97 -6.54
N LYS A 4 11.33 2.62 -6.37
CA LYS A 4 10.81 2.89 -5.04
C LYS A 4 10.05 1.68 -4.50
N ALA A 5 10.72 0.91 -3.64
CA ALA A 5 10.11 -0.29 -3.06
C ALA A 5 10.49 -0.42 -1.59
N THR A 6 9.47 -0.40 -0.73
CA THR A 6 9.70 -0.51 0.71
C THR A 6 10.59 0.63 1.21
N THR A 7 10.06 1.41 2.15
CA THR A 7 10.80 2.55 2.71
C THR A 7 11.29 2.21 4.12
N GLU A 8 12.23 3.01 4.63
CA GLU A 8 12.75 2.78 5.97
C GLU A 8 11.67 3.05 7.01
N GLU A 9 10.91 4.12 6.79
CA GLU A 9 9.83 4.48 7.71
C GLU A 9 8.79 3.37 7.75
N GLN A 10 8.14 3.15 6.61
CA GLN A 10 7.09 2.13 6.55
C GLN A 10 7.63 0.80 7.00
N LYS A 11 8.86 0.50 6.62
CA LYS A 11 9.48 -0.75 7.04
C LYS A 11 9.79 -0.73 8.54
N LEU A 12 10.24 0.42 9.04
CA LEU A 12 10.58 0.58 10.46
C LEU A 12 9.34 0.60 11.37
N ILE A 13 8.29 1.28 10.92
CA ILE A 13 7.07 1.40 11.74
C ILE A 13 6.53 0.02 12.16
N GLU A 14 6.90 -1.02 11.43
CA GLU A 14 6.45 -2.37 11.76
C GLU A 14 7.37 -3.00 12.81
N LYS A 15 8.60 -2.51 12.86
CA LYS A 15 9.59 -3.03 13.78
C LYS A 15 9.51 -2.35 15.16
N ILE A 16 9.16 -1.06 15.17
CA ILE A 16 9.07 -0.33 16.43
C ILE A 16 7.97 -0.86 17.32
N ASN A 17 7.01 -1.57 16.72
CA ASN A 17 5.91 -2.10 17.50
C ASN A 17 6.43 -3.03 18.59
N ALA A 18 7.38 -3.88 18.22
CA ALA A 18 7.95 -4.81 19.19
C ALA A 18 8.63 -4.06 20.33
N GLY A 19 9.32 -2.97 19.99
CA GLY A 19 9.99 -2.17 21.01
C GLY A 19 8.96 -1.53 21.94
N PHE A 20 7.88 -1.02 21.35
CA PHE A 20 6.83 -0.38 22.12
C PHE A 20 6.04 -1.40 22.92
N LYS A 21 5.76 -2.53 22.30
CA LYS A 21 5.00 -3.55 22.98
C LYS A 21 5.75 -4.05 24.21
N ALA A 22 7.07 -4.14 24.08
CA ALA A 22 7.90 -4.62 25.18
C ALA A 22 7.73 -3.74 26.41
N ALA A 23 7.58 -2.43 26.22
CA ALA A 23 7.41 -1.52 27.34
C ALA A 23 5.94 -1.44 27.75
N LEU A 24 5.05 -1.29 26.78
CA LEU A 24 3.61 -1.21 27.06
C LEU A 24 3.12 -2.52 27.67
N ALA A 25 3.54 -3.64 27.10
CA ALA A 25 3.14 -4.95 27.61
C ALA A 25 3.79 -5.23 28.96
N ALA A 26 4.90 -4.54 29.22
CA ALA A 26 5.62 -4.72 30.47
C ALA A 26 4.99 -3.90 31.60
N ALA A 27 4.13 -2.95 31.24
CA ALA A 27 3.47 -2.13 32.26
C ALA A 27 2.61 -3.00 33.17
N ALA A 28 1.91 -3.95 32.59
CA ALA A 28 1.04 -4.86 33.35
C ALA A 28 1.75 -6.17 33.67
N GLY A 29 2.99 -6.30 33.21
CA GLY A 29 3.75 -7.52 33.47
C GLY A 29 3.97 -7.70 34.97
N VAL A 30 4.50 -6.66 35.61
CA VAL A 30 4.76 -6.71 37.05
C VAL A 30 3.51 -6.34 37.84
N GLN A 31 3.71 -6.01 39.12
CA GLN A 31 2.60 -5.63 39.99
C GLN A 31 3.09 -4.68 41.09
N PRO A 32 3.96 -5.13 41.97
CA PRO A 32 4.50 -4.27 43.08
C PRO A 32 5.30 -3.09 42.52
N ALA A 33 4.60 -2.03 42.13
CA ALA A 33 5.26 -0.85 41.58
C ALA A 33 6.16 -1.25 40.41
N ASP A 34 7.17 -0.43 40.15
CA ASP A 34 8.10 -0.67 39.06
C ASP A 34 7.38 -0.59 37.70
N LYS A 35 6.06 -0.57 37.75
CA LYS A 35 5.24 -0.48 36.54
C LYS A 35 5.25 0.93 35.97
N TYR A 36 5.50 1.91 36.84
CA TYR A 36 5.57 3.29 36.40
C TYR A 36 6.97 3.63 35.88
N ARG A 37 7.97 3.24 36.66
CA ARG A 37 9.37 3.47 36.31
C ARG A 37 9.74 2.76 35.02
N THR A 38 8.91 1.81 34.58
CA THR A 38 9.18 1.10 33.34
C THR A 38 8.71 1.92 32.14
N PHE A 39 7.50 2.46 32.24
CA PHE A 39 6.95 3.23 31.13
C PHE A 39 8.01 4.15 30.52
N VAL A 40 8.49 5.15 31.26
CA VAL A 40 9.47 6.08 30.71
C VAL A 40 10.84 5.41 30.51
N ALA A 41 11.34 4.78 31.56
CA ALA A 41 12.68 4.17 31.52
C ALA A 41 12.81 3.09 30.43
N THR A 42 11.80 2.23 30.29
CA THR A 42 11.86 1.18 29.27
C THR A 42 11.55 1.76 27.88
N PHE A 43 10.48 2.55 27.80
CA PHE A 43 10.08 3.17 26.53
C PHE A 43 11.22 4.02 25.99
N GLY A 44 12.02 4.56 26.90
CA GLY A 44 13.14 5.40 26.50
C GLY A 44 14.05 4.62 25.57
N ALA A 45 14.38 3.40 25.96
CA ALA A 45 15.23 2.53 25.15
C ALA A 45 14.55 2.11 23.86
N ALA A 46 13.23 1.82 23.94
CA ALA A 46 12.48 1.36 22.77
C ALA A 46 12.51 2.39 21.65
N SER A 47 12.29 3.65 21.98
CA SER A 47 12.30 4.67 20.96
C SER A 47 13.71 4.89 20.43
N ASN A 48 14.69 4.83 21.33
CA ASN A 48 16.08 5.03 20.96
C ASN A 48 16.50 4.01 19.91
N LYS A 49 16.07 2.76 20.09
CA LYS A 49 16.43 1.71 19.15
C LYS A 49 15.86 2.01 17.76
N ALA A 50 14.58 2.33 17.70
CA ALA A 50 13.95 2.64 16.42
C ALA A 50 14.58 3.90 15.82
N PHE A 51 14.78 4.88 16.69
CA PHE A 51 15.36 6.15 16.27
C PHE A 51 16.75 5.94 15.65
N ALA A 52 17.55 5.07 16.26
CA ALA A 52 18.89 4.80 15.75
C ALA A 52 18.84 3.82 14.58
N GLU A 53 17.74 3.08 14.47
CA GLU A 53 17.58 2.13 13.37
C GLU A 53 17.37 2.88 12.05
N GLY A 54 16.56 3.93 12.12
CA GLY A 54 16.26 4.74 10.94
C GLY A 54 17.20 5.94 10.86
N LEU A 55 18.14 6.00 11.80
CA LEU A 55 19.11 7.11 11.84
C LEU A 55 18.38 8.44 12.03
N SER A 56 18.18 8.82 13.29
CA SER A 56 17.51 10.09 13.61
C SER A 56 18.48 11.09 14.22
N GLY A 57 19.54 10.57 14.83
CA GLY A 57 20.55 11.41 15.46
C GLY A 57 21.73 11.67 14.52
N GLU A 58 21.67 11.08 13.32
CA GLU A 58 22.74 11.25 12.35
C GLU A 58 22.17 11.54 10.96
N PRO A 59 21.82 12.77 10.69
CA PRO A 59 21.26 13.18 9.37
C PRO A 59 22.22 12.85 8.23
N LYS A 60 21.67 12.50 7.06
CA LYS A 60 22.49 12.17 5.90
C LYS A 60 22.58 13.36 4.95
N GLY A 61 21.82 14.41 5.26
CA GLY A 61 21.82 15.60 4.44
C GLY A 61 20.98 15.40 3.19
N ALA A 62 20.98 16.39 2.30
CA ALA A 62 20.23 16.30 1.06
C ALA A 62 18.82 15.76 1.31
N ALA A 63 18.04 16.51 2.10
CA ALA A 63 16.68 16.09 2.42
C ALA A 63 16.69 14.83 3.30
N GLU A 64 15.84 13.87 2.96
CA GLU A 64 15.75 12.64 3.73
C GLU A 64 15.64 12.95 5.22
N SER A 65 15.10 14.12 5.53
CA SER A 65 14.93 14.54 6.92
C SER A 65 13.62 15.31 7.08
N SER A 66 12.99 15.63 5.96
CA SER A 66 11.73 16.35 5.99
C SER A 66 10.61 15.45 6.53
N SER A 67 10.60 14.21 6.07
CA SER A 67 9.59 13.23 6.52
C SER A 67 9.86 12.78 7.95
N LYS A 68 11.15 12.64 8.28
CA LYS A 68 11.56 12.18 9.59
C LYS A 68 11.07 13.11 10.70
N ALA A 69 11.07 14.42 10.43
CA ALA A 69 10.61 15.37 11.44
C ALA A 69 9.16 15.08 11.79
N ALA A 70 8.35 14.82 10.78
CA ALA A 70 6.93 14.56 11.00
C ALA A 70 6.76 13.38 11.97
N LEU A 71 7.52 12.31 11.74
CA LEU A 71 7.44 11.15 12.61
C LEU A 71 7.81 11.51 14.04
N THR A 72 8.91 12.27 14.20
CA THR A 72 9.35 12.63 15.54
C THR A 72 8.36 13.57 16.20
N SER A 73 7.96 14.64 15.52
CA SER A 73 7.02 15.58 16.10
C SER A 73 5.74 14.85 16.47
N LYS A 74 5.31 13.98 15.56
CA LYS A 74 4.11 13.18 15.78
C LYS A 74 4.27 12.30 17.01
N LEU A 75 5.43 11.66 17.14
CA LEU A 75 5.68 10.77 18.27
C LEU A 75 6.14 11.57 19.49
N ASP A 76 6.66 12.76 19.28
CA ASP A 76 7.12 13.59 20.39
C ASP A 76 5.94 14.20 21.13
N ALA A 77 5.16 15.01 20.42
CA ALA A 77 4.01 15.67 21.01
C ALA A 77 2.97 14.66 21.49
N ALA A 78 2.72 13.64 20.68
CA ALA A 78 1.74 12.61 21.04
C ALA A 78 2.16 11.86 22.30
N TYR A 79 3.43 11.48 22.36
CA TYR A 79 3.95 10.74 23.50
C TYR A 79 3.83 11.58 24.78
N LYS A 80 4.30 12.81 24.70
CA LYS A 80 4.25 13.72 25.84
C LYS A 80 2.82 14.15 26.13
N LEU A 81 2.05 14.42 25.08
CA LEU A 81 0.67 14.83 25.26
C LEU A 81 -0.16 13.66 25.79
N ALA A 82 0.08 12.48 25.22
CA ALA A 82 -0.64 11.30 25.64
C ALA A 82 -0.37 11.00 27.11
N TYR A 83 0.89 11.10 27.51
CA TYR A 83 1.26 10.84 28.90
C TYR A 83 0.81 11.99 29.81
N LYS A 84 0.96 13.22 29.34
CA LYS A 84 0.55 14.38 30.13
C LYS A 84 -0.92 14.28 30.49
N THR A 85 -1.74 13.87 29.54
CA THR A 85 -3.17 13.74 29.78
C THR A 85 -3.44 12.69 30.85
N ALA A 86 -2.44 11.83 31.10
CA ALA A 86 -2.60 10.78 32.11
C ALA A 86 -2.89 11.41 33.47
N GLU A 87 -2.16 12.47 33.78
CA GLU A 87 -2.35 13.16 35.06
C GLU A 87 -3.76 13.74 35.15
N GLY A 88 -4.27 14.25 34.02
CA GLY A 88 -5.62 14.82 33.97
C GLY A 88 -6.54 13.89 33.17
N ALA A 89 -6.89 12.76 33.77
CA ALA A 89 -7.76 11.77 33.12
C ALA A 89 -8.85 11.30 34.05
N THR A 90 -9.35 10.10 33.80
CA THR A 90 -10.41 9.51 34.60
C THR A 90 -9.85 8.34 35.43
N PRO A 91 -10.35 8.12 36.62
CA PRO A 91 -9.85 7.01 37.49
C PRO A 91 -10.28 5.64 36.94
N GLU A 92 -9.65 4.57 37.43
CA GLU A 92 -9.97 3.22 37.00
C GLU A 92 -9.71 3.05 35.51
N ALA A 93 -9.30 4.12 34.84
CA ALA A 93 -9.03 4.06 33.41
C ALA A 93 -8.04 5.15 32.99
N LYS A 94 -7.16 5.54 33.91
CA LYS A 94 -6.17 6.56 33.60
C LYS A 94 -5.07 5.99 32.69
N TYR A 95 -4.64 4.77 32.99
CA TYR A 95 -3.61 4.11 32.18
C TYR A 95 -4.16 3.72 30.82
N ASP A 96 -5.38 3.21 30.79
CA ASP A 96 -5.97 2.79 29.53
C ASP A 96 -6.07 3.96 28.56
N ALA A 97 -6.57 5.09 29.06
CA ALA A 97 -6.71 6.27 28.22
C ALA A 97 -5.35 6.74 27.72
N TYR A 98 -4.36 6.77 28.62
CA TYR A 98 -3.02 7.20 28.25
C TYR A 98 -2.41 6.25 27.24
N VAL A 99 -2.42 4.96 27.56
CA VAL A 99 -1.86 3.95 26.68
C VAL A 99 -2.66 3.87 25.38
N ALA A 100 -3.98 3.92 25.50
CA ALA A 100 -4.87 3.86 24.34
C ALA A 100 -4.61 5.04 23.41
N THR A 101 -4.33 6.20 23.99
CA THR A 101 -4.10 7.39 23.18
C THR A 101 -2.99 7.14 22.17
N LEU A 102 -1.86 6.62 22.62
CA LEU A 102 -0.73 6.33 21.74
C LEU A 102 -1.09 5.32 20.65
N SER A 103 -2.10 4.50 20.90
CA SER A 103 -2.50 3.52 19.90
C SER A 103 -3.10 4.23 18.70
N GLU A 104 -4.05 5.11 18.95
CA GLU A 104 -4.69 5.87 17.88
C GLU A 104 -3.66 6.75 17.17
N ALA A 105 -2.85 7.43 17.96
CA ALA A 105 -1.79 8.29 17.40
C ALA A 105 -0.81 7.45 16.61
N LEU A 106 -0.48 6.28 17.15
CA LEU A 106 0.45 5.39 16.49
C LEU A 106 -0.17 4.74 15.25
N ARG A 107 -1.42 4.30 15.35
CA ARG A 107 -2.08 3.62 14.24
C ARG A 107 -2.41 4.60 13.10
N ILE A 108 -2.90 5.78 13.44
CA ILE A 108 -3.29 6.76 12.41
C ILE A 108 -2.08 7.20 11.59
N ILE A 109 -0.89 7.16 12.19
CA ILE A 109 0.30 7.60 11.49
C ILE A 109 0.50 6.78 10.21
N ALA A 110 0.18 5.50 10.30
CA ALA A 110 0.32 4.60 9.17
C ALA A 110 -0.74 4.89 8.11
N GLY A 111 -1.83 5.51 8.53
CA GLY A 111 -2.92 5.84 7.62
C GLY A 111 -2.78 7.25 7.04
N THR A 112 -2.15 8.15 7.81
CA THR A 112 -1.95 9.52 7.35
C THR A 112 -0.89 9.56 6.25
N LEU A 113 0.21 8.84 6.47
CA LEU A 113 1.30 8.81 5.49
C LEU A 113 0.82 8.18 4.20
N GLU A 114 0.01 7.13 4.32
CA GLU A 114 -0.53 6.43 3.15
C GLU A 114 -1.83 7.07 2.70
N VAL A 115 -2.09 7.02 1.40
CA VAL A 115 -3.32 7.61 0.86
C VAL A 115 -4.53 6.80 1.30
N HIS A 116 -4.35 5.49 1.42
CA HIS A 116 -5.44 4.62 1.83
C HIS A 116 -6.71 4.95 1.05
N ALA A 117 -6.70 4.67 -0.24
CA ALA A 117 -7.86 4.96 -1.09
C ALA A 117 -7.80 4.16 -2.38
N VAL A 118 -6.71 3.42 -2.59
CA VAL A 118 -6.56 2.60 -3.80
C VAL A 118 -6.63 1.11 -3.46
N LYS A 119 -7.69 0.46 -3.93
CA LYS A 119 -7.89 -0.96 -3.68
C LYS A 119 -7.63 -1.30 -2.21
N PRO A 120 -8.39 -0.72 -1.30
CA PRO A 120 -8.20 -0.97 0.17
C PRO A 120 -8.35 -2.45 0.53
N ALA A 121 -7.49 -2.93 1.42
CA ALA A 121 -7.52 -4.32 1.85
C ALA A 121 -6.93 -4.48 3.24
N ALA A 122 -7.36 -5.51 3.95
CA ALA A 122 -6.87 -5.78 5.30
C ALA A 122 -7.26 -4.64 6.25
N GLU A 123 -8.24 -3.85 5.83
CA GLU A 123 -8.73 -2.73 6.64
C GLU A 123 -10.24 -2.67 6.62
N GLU A 124 -10.78 -1.92 7.57
CA GLU A 124 -12.22 -1.76 7.68
C GLU A 124 -12.76 -0.94 6.51
N VAL A 125 -13.77 -1.47 5.83
CA VAL A 125 -14.37 -0.78 4.68
C VAL A 125 -15.89 -0.75 4.82
N LYS A 126 -16.48 0.43 4.64
CA LYS A 126 -17.93 0.58 4.75
C LYS A 126 -18.62 -0.37 3.77
N VAL A 127 -19.94 -0.50 3.91
CA VAL A 127 -20.70 -1.38 3.04
C VAL A 127 -20.16 -2.80 3.10
N ILE A 128 -20.91 -3.76 2.57
CA ILE A 128 -20.47 -5.15 2.60
C ILE A 128 -19.27 -5.35 1.65
N PRO A 129 -18.45 -6.35 1.86
CA PRO A 129 -17.26 -6.59 0.97
C PRO A 129 -17.65 -6.63 -0.51
N ALA A 130 -16.89 -5.92 -1.33
CA ALA A 130 -17.14 -5.86 -2.78
C ALA A 130 -15.97 -6.46 -3.54
N GLY A 131 -15.29 -7.43 -2.92
CA GLY A 131 -14.15 -8.09 -3.55
C GLY A 131 -14.58 -9.33 -4.33
N GLU A 132 -15.90 -9.51 -4.48
CA GLU A 132 -16.42 -10.66 -5.22
C GLU A 132 -16.74 -10.25 -6.65
N LEU A 133 -17.25 -9.05 -6.81
CA LEU A 133 -17.58 -8.54 -8.14
C LEU A 133 -16.30 -8.24 -8.91
N GLN A 134 -15.22 -8.02 -8.18
CA GLN A 134 -13.94 -7.74 -8.78
C GLN A 134 -13.44 -8.95 -9.58
N VAL A 135 -13.68 -10.14 -9.03
CA VAL A 135 -13.25 -11.36 -9.69
C VAL A 135 -13.70 -11.35 -11.15
N ILE A 136 -14.76 -10.60 -11.41
CA ILE A 136 -15.33 -10.54 -12.74
C ILE A 136 -14.35 -9.90 -13.74
N GLU A 137 -13.32 -9.25 -13.24
CA GLU A 137 -12.35 -8.59 -14.12
C GLU A 137 -11.69 -9.60 -15.05
N LYS A 138 -11.23 -10.74 -14.51
CA LYS A 138 -10.58 -11.75 -15.34
C LYS A 138 -11.57 -12.43 -16.27
N VAL A 139 -12.82 -12.52 -15.85
CA VAL A 139 -13.82 -13.18 -16.68
C VAL A 139 -13.90 -12.49 -18.03
N ASP A 140 -13.86 -11.17 -18.03
CA ASP A 140 -13.93 -10.42 -19.29
C ASP A 140 -12.78 -10.82 -20.21
N ALA A 141 -11.55 -10.83 -19.67
CA ALA A 141 -10.41 -11.22 -20.50
C ALA A 141 -10.54 -12.67 -20.91
N ALA A 142 -10.63 -13.55 -19.92
CA ALA A 142 -10.73 -14.98 -20.18
C ALA A 142 -11.78 -15.25 -21.24
N PHE A 143 -12.68 -14.30 -21.45
CA PHE A 143 -13.73 -14.47 -22.45
C PHE A 143 -13.14 -14.24 -23.85
N LYS A 144 -12.14 -13.36 -23.94
CA LYS A 144 -11.52 -13.05 -25.23
C LYS A 144 -10.83 -14.28 -25.83
N VAL A 145 -9.93 -14.90 -25.08
CA VAL A 145 -9.20 -16.08 -25.55
C VAL A 145 -10.15 -17.20 -25.92
N ALA A 146 -11.38 -17.10 -25.44
CA ALA A 146 -12.39 -18.10 -25.77
C ALA A 146 -12.87 -17.87 -27.20
N ALA A 147 -13.09 -16.60 -27.54
CA ALA A 147 -13.57 -16.22 -28.85
C ALA A 147 -12.55 -16.57 -29.95
N THR A 148 -11.27 -16.33 -29.69
CA THR A 148 -10.24 -16.60 -30.68
C THR A 148 -9.97 -18.10 -30.75
N ALA A 149 -9.47 -18.65 -29.65
CA ALA A 149 -9.15 -20.06 -29.61
C ALA A 149 -10.30 -20.91 -30.14
N ALA A 150 -11.50 -20.35 -30.16
CA ALA A 150 -12.66 -21.06 -30.69
C ALA A 150 -12.67 -20.92 -32.22
N ASN A 151 -12.13 -19.80 -32.68
CA ASN A 151 -12.08 -19.50 -34.10
C ASN A 151 -11.34 -20.61 -34.85
N ALA A 152 -10.18 -21.00 -34.31
CA ALA A 152 -9.37 -22.05 -34.93
C ALA A 152 -10.14 -23.37 -34.97
N ALA A 153 -10.98 -23.60 -33.96
CA ALA A 153 -11.75 -24.85 -33.88
C ALA A 153 -12.57 -25.04 -35.17
N PRO A 154 -12.81 -26.28 -35.58
CA PRO A 154 -13.57 -26.58 -36.83
C PRO A 154 -15.00 -26.01 -36.80
N ALA A 155 -15.90 -26.62 -37.57
CA ALA A 155 -17.29 -26.17 -37.63
C ALA A 155 -17.98 -26.31 -36.27
N ASN A 156 -17.75 -27.44 -35.60
CA ASN A 156 -18.38 -27.69 -34.30
C ASN A 156 -17.33 -27.61 -33.19
N ASP A 157 -17.73 -28.00 -31.99
CA ASP A 157 -16.85 -27.98 -30.81
C ASP A 157 -16.66 -26.55 -30.33
N LYS A 158 -17.04 -25.58 -31.16
CA LYS A 158 -16.89 -24.18 -30.79
C LYS A 158 -17.37 -23.95 -29.36
N PHE A 159 -18.52 -24.53 -29.03
CA PHE A 159 -19.03 -24.39 -27.67
C PHE A 159 -18.08 -25.09 -26.70
N THR A 160 -17.74 -26.34 -27.03
CA THR A 160 -16.87 -27.13 -26.18
C THR A 160 -15.64 -26.32 -25.76
N VAL A 161 -15.06 -25.58 -26.70
CA VAL A 161 -13.88 -24.78 -26.39
C VAL A 161 -14.22 -23.78 -25.29
N PHE A 162 -15.37 -23.15 -25.42
CA PHE A 162 -15.78 -22.17 -24.43
C PHE A 162 -15.83 -22.84 -23.06
N GLU A 163 -16.54 -23.96 -22.99
CA GLU A 163 -16.67 -24.71 -21.75
C GLU A 163 -15.28 -25.13 -21.26
N ALA A 164 -14.33 -25.20 -22.19
CA ALA A 164 -12.98 -25.59 -21.84
C ALA A 164 -12.23 -24.42 -21.18
N ALA A 165 -12.02 -23.34 -21.93
CA ALA A 165 -11.33 -22.17 -21.38
C ALA A 165 -12.16 -21.47 -20.32
N PHE A 166 -13.46 -21.34 -20.61
CA PHE A 166 -14.36 -20.65 -19.69
C PHE A 166 -14.36 -21.36 -18.34
N ASN A 167 -14.50 -22.67 -18.36
CA ASN A 167 -14.50 -23.45 -17.13
C ASN A 167 -13.08 -23.60 -16.57
N ASP A 168 -12.10 -23.71 -17.47
CA ASP A 168 -10.70 -23.87 -17.05
C ASP A 168 -10.08 -22.55 -16.62
N ALA A 169 -10.02 -21.61 -17.54
CA ALA A 169 -9.40 -20.32 -17.26
C ALA A 169 -9.92 -19.71 -15.96
N ILE A 170 -11.13 -20.06 -15.57
CA ILE A 170 -11.70 -19.50 -14.33
C ILE A 170 -11.23 -20.28 -13.10
N LYS A 171 -11.44 -21.59 -13.09
CA LYS A 171 -11.05 -22.39 -11.93
C LYS A 171 -9.53 -22.54 -11.85
N ALA A 172 -8.86 -22.64 -12.99
CA ALA A 172 -7.41 -22.83 -12.98
C ALA A 172 -6.70 -21.69 -12.26
N SER A 173 -7.09 -20.44 -12.52
CA SER A 173 -6.44 -19.31 -11.86
C SER A 173 -7.00 -19.13 -10.45
N THR A 174 -8.31 -18.88 -10.38
CA THR A 174 -8.99 -18.67 -9.09
C THR A 174 -9.59 -19.99 -8.62
N GLY A 175 -8.79 -21.05 -8.61
CA GLY A 175 -9.25 -22.35 -8.17
C GLY A 175 -9.62 -22.32 -6.69
N GLY A 176 -8.80 -21.63 -5.90
CA GLY A 176 -9.04 -21.52 -4.47
C GLY A 176 -10.08 -20.45 -4.17
N ALA A 177 -11.29 -20.63 -4.70
CA ALA A 177 -12.35 -19.66 -4.48
C ALA A 177 -13.70 -20.21 -4.95
N TYR A 178 -13.91 -20.21 -6.27
CA TYR A 178 -15.16 -20.71 -6.83
C TYR A 178 -14.88 -21.50 -8.11
N GLU A 179 -14.58 -22.79 -7.97
CA GLU A 179 -14.29 -23.61 -9.12
C GLU A 179 -15.53 -23.84 -9.98
N SER A 180 -15.65 -23.06 -11.06
CA SER A 180 -16.79 -23.13 -12.00
C SER A 180 -17.75 -21.97 -11.78
N TYR A 181 -18.91 -22.01 -12.44
CA TYR A 181 -19.90 -20.94 -12.31
C TYR A 181 -20.53 -20.94 -10.91
N LYS A 182 -19.71 -21.19 -9.89
CA LYS A 182 -20.19 -21.20 -8.50
C LYS A 182 -19.96 -19.85 -7.83
N PHE A 183 -20.14 -18.76 -8.57
CA PHE A 183 -19.95 -17.42 -8.02
C PHE A 183 -20.90 -16.43 -8.69
N ILE A 184 -21.23 -15.34 -7.99
CA ILE A 184 -22.16 -14.36 -8.54
C ILE A 184 -23.44 -15.05 -9.02
N PRO A 185 -24.39 -15.25 -8.13
CA PRO A 185 -25.68 -15.93 -8.46
C PRO A 185 -26.38 -15.29 -9.65
N ALA A 186 -27.12 -16.12 -10.39
CA ALA A 186 -27.85 -15.70 -11.60
C ALA A 186 -27.02 -16.02 -12.83
N LEU A 187 -25.72 -16.22 -12.62
CA LEU A 187 -24.83 -16.56 -13.73
C LEU A 187 -25.07 -18.02 -14.13
N GLU A 188 -24.81 -18.93 -13.18
CA GLU A 188 -24.98 -20.35 -13.44
C GLU A 188 -26.31 -20.66 -14.09
N ALA A 189 -27.32 -19.83 -13.82
CA ALA A 189 -28.64 -20.03 -14.43
C ALA A 189 -28.63 -19.41 -15.82
N ALA A 190 -28.21 -18.15 -15.89
CA ALA A 190 -28.18 -17.43 -17.15
C ALA A 190 -27.50 -18.27 -18.22
N VAL A 191 -26.45 -19.00 -17.85
CA VAL A 191 -25.75 -19.86 -18.80
C VAL A 191 -26.70 -20.94 -19.32
N LYS A 192 -27.52 -21.46 -18.42
CA LYS A 192 -28.46 -22.53 -18.77
C LYS A 192 -29.36 -22.14 -19.93
N GLN A 193 -29.71 -20.85 -20.05
CA GLN A 193 -30.53 -20.41 -21.16
C GLN A 193 -29.78 -20.59 -22.47
N ALA A 194 -28.49 -20.30 -22.40
CA ALA A 194 -27.61 -20.39 -23.56
C ALA A 194 -27.89 -21.68 -24.34
N TYR A 195 -28.03 -22.78 -23.61
CA TYR A 195 -28.31 -24.07 -24.23
C TYR A 195 -29.81 -24.22 -24.51
N ALA A 196 -30.61 -23.36 -23.86
CA ALA A 196 -32.06 -23.38 -24.06
C ALA A 196 -32.46 -22.47 -25.24
N ALA A 197 -31.57 -21.53 -25.56
CA ALA A 197 -31.83 -20.57 -26.65
C ALA A 197 -31.18 -21.02 -27.96
N THR A 198 -29.84 -21.08 -27.98
CA THR A 198 -29.10 -21.44 -29.19
C THR A 198 -29.88 -22.46 -30.02
N VAL A 199 -29.79 -23.74 -29.63
CA VAL A 199 -30.47 -24.84 -30.35
C VAL A 199 -31.68 -24.34 -31.14
N ALA A 200 -32.57 -23.58 -30.48
CA ALA A 200 -33.76 -23.05 -31.13
C ALA A 200 -33.66 -21.52 -31.21
N THR A 201 -32.88 -21.03 -32.17
CA THR A 201 -32.71 -19.60 -32.37
C THR A 201 -32.61 -19.29 -33.85
N ALA A 202 -33.05 -18.10 -34.24
CA ALA A 202 -32.99 -17.72 -35.65
C ALA A 202 -31.60 -18.05 -36.22
N PRO A 203 -31.50 -18.39 -37.48
CA PRO A 203 -30.20 -18.76 -38.10
C PRO A 203 -29.20 -17.61 -38.02
N GLU A 204 -29.71 -16.41 -37.75
CA GLU A 204 -28.86 -15.23 -37.63
C GLU A 204 -28.48 -15.03 -36.16
N VAL A 205 -27.48 -14.16 -35.89
CA VAL A 205 -27.04 -13.88 -34.53
C VAL A 205 -26.91 -15.14 -33.66
N LYS A 206 -26.87 -16.30 -34.29
CA LYS A 206 -26.75 -17.55 -33.53
C LYS A 206 -25.63 -17.44 -32.48
N TYR A 207 -24.43 -17.08 -32.91
CA TYR A 207 -23.32 -16.93 -31.96
C TYR A 207 -23.36 -15.55 -31.31
N THR A 208 -23.62 -14.53 -32.12
CA THR A 208 -23.66 -13.16 -31.61
C THR A 208 -24.46 -13.10 -30.31
N VAL A 209 -25.51 -13.90 -30.21
CA VAL A 209 -26.31 -13.90 -28.98
C VAL A 209 -25.42 -14.33 -27.81
N PHE A 210 -24.69 -15.42 -28.03
CA PHE A 210 -23.80 -15.96 -27.01
C PHE A 210 -22.76 -14.93 -26.60
N GLU A 211 -22.22 -14.21 -27.57
CA GLU A 211 -21.24 -13.19 -27.28
C GLU A 211 -21.91 -11.95 -26.67
N THR A 212 -23.05 -11.58 -27.24
CA THR A 212 -23.79 -10.40 -26.79
C THR A 212 -24.44 -10.55 -25.42
N ALA A 213 -25.18 -11.64 -25.19
CA ALA A 213 -25.86 -11.83 -23.91
C ALA A 213 -24.88 -11.98 -22.75
N LEU A 214 -23.86 -12.80 -22.93
CA LEU A 214 -22.88 -13.01 -21.87
C LEU A 214 -22.16 -11.70 -21.55
N LYS A 215 -21.68 -11.04 -22.58
CA LYS A 215 -20.97 -9.79 -22.40
C LYS A 215 -21.88 -8.76 -21.74
N LYS A 216 -23.11 -8.65 -22.23
CA LYS A 216 -24.05 -7.69 -21.68
C LYS A 216 -24.40 -8.01 -20.23
N ALA A 217 -24.71 -9.27 -19.96
CA ALA A 217 -25.05 -9.68 -18.60
C ALA A 217 -23.87 -9.47 -17.65
N ILE A 218 -22.69 -9.83 -18.11
CA ILE A 218 -21.47 -9.69 -17.32
C ILE A 218 -21.18 -8.21 -17.04
N THR A 219 -21.44 -7.33 -18.01
CA THR A 219 -21.19 -5.91 -17.80
C THR A 219 -22.10 -5.37 -16.70
N ALA A 220 -23.35 -5.80 -16.71
CA ALA A 220 -24.30 -5.33 -15.71
C ALA A 220 -23.79 -5.68 -14.32
N MET A 221 -23.41 -6.94 -14.11
CA MET A 221 -22.91 -7.38 -12.82
C MET A 221 -21.57 -6.70 -12.50
N SER A 222 -20.91 -6.18 -13.53
CA SER A 222 -19.62 -5.50 -13.32
C SER A 222 -19.86 -4.06 -12.88
N GLU A 223 -20.79 -3.37 -13.56
CA GLU A 223 -21.12 -1.99 -13.21
C GLU A 223 -21.88 -1.97 -11.90
N ALA A 224 -22.72 -2.99 -11.71
CA ALA A 224 -23.52 -3.12 -10.50
C ALA A 224 -22.70 -2.80 -9.26
N GLN A 225 -21.38 -2.78 -9.41
CA GLN A 225 -20.49 -2.51 -8.29
C GLN A 225 -20.78 -1.13 -7.69
N LYS A 226 -20.98 -0.13 -8.55
CA LYS A 226 -21.27 1.21 -8.05
C LYS A 226 -22.68 1.28 -7.47
N ALA A 227 -23.63 0.65 -8.17
CA ALA A 227 -25.01 0.63 -7.72
C ALA A 227 -25.13 -0.12 -6.41
N ALA A 228 -24.40 -1.23 -6.30
CA ALA A 228 -24.43 -2.04 -5.09
C ALA A 228 -25.88 -2.27 -4.65
N LYS A 229 -26.77 -2.38 -5.63
CA LYS A 229 -28.19 -2.58 -5.32
C LYS A 229 -28.44 -3.99 -4.75
N PRO A 230 -29.48 -4.19 -3.96
CA PRO A 230 -29.79 -5.55 -3.40
C PRO A 230 -29.94 -6.60 -4.51
N ALA A 231 -29.49 -7.82 -4.23
CA ALA A 231 -29.59 -8.90 -5.19
C ALA A 231 -29.08 -8.45 -6.56
N PRO A 1 13.45 -3.57 0.08
CA PRO A 1 14.40 -4.69 -0.15
C PRO A 1 13.67 -5.86 -0.81
N ALA A 2 14.34 -7.00 -0.90
CA ALA A 2 13.76 -8.18 -1.51
C ALA A 2 13.30 -7.87 -2.93
N GLY A 3 13.85 -6.81 -3.51
CA GLY A 3 13.49 -6.43 -4.88
C GLY A 3 12.19 -5.64 -4.90
N LYS A 4 11.61 -5.40 -3.71
CA LYS A 4 10.36 -4.66 -3.60
C LYS A 4 10.63 -3.17 -3.50
N ALA A 5 9.58 -2.37 -3.72
CA ALA A 5 9.70 -0.91 -3.64
C ALA A 5 9.12 -0.40 -2.32
N THR A 6 9.98 -0.32 -1.30
CA THR A 6 9.56 0.14 0.03
C THR A 6 10.60 1.08 0.62
N THR A 7 10.23 1.74 1.72
CA THR A 7 11.14 2.68 2.40
C THR A 7 11.41 2.19 3.82
N GLU A 8 12.42 2.77 4.46
CA GLU A 8 12.76 2.39 5.82
C GLU A 8 11.67 2.89 6.79
N GLU A 9 11.23 4.12 6.56
CA GLU A 9 10.18 4.73 7.38
C GLU A 9 8.87 3.98 7.24
N GLN A 10 8.72 3.26 6.14
CA GLN A 10 7.53 2.46 5.89
C GLN A 10 7.62 1.12 6.59
N LYS A 11 8.81 0.52 6.51
CA LYS A 11 9.07 -0.80 7.11
C LYS A 11 9.47 -0.69 8.57
N LEU A 12 10.05 0.45 8.94
CA LEU A 12 10.49 0.68 10.31
C LEU A 12 9.30 0.80 11.26
N ILE A 13 8.26 1.48 10.78
CA ILE A 13 7.07 1.72 11.58
C ILE A 13 6.46 0.40 12.08
N GLU A 14 6.74 -0.71 11.40
CA GLU A 14 6.21 -2.01 11.82
C GLU A 14 7.13 -2.65 12.86
N LYS A 15 8.39 -2.24 12.82
CA LYS A 15 9.40 -2.79 13.74
C LYS A 15 9.38 -2.06 15.08
N ILE A 16 9.01 -0.78 15.07
CA ILE A 16 8.98 0.01 16.29
C ILE A 16 8.05 -0.62 17.32
N ASN A 17 7.15 -1.48 16.87
CA ASN A 17 6.22 -2.09 17.79
C ASN A 17 6.99 -2.87 18.85
N ALA A 18 8.00 -3.62 18.45
CA ALA A 18 8.76 -4.42 19.40
C ALA A 18 9.31 -3.55 20.52
N GLY A 19 9.86 -2.39 20.19
CA GLY A 19 10.39 -1.51 21.23
C GLY A 19 9.26 -1.09 22.16
N PHE A 20 8.09 -0.81 21.57
CA PHE A 20 6.92 -0.39 22.34
C PHE A 20 6.36 -1.54 23.15
N LYS A 21 6.36 -2.73 22.55
CA LYS A 21 5.84 -3.89 23.23
C LYS A 21 6.64 -4.20 24.49
N ALA A 22 7.94 -3.97 24.44
CA ALA A 22 8.78 -4.24 25.59
C ALA A 22 8.30 -3.44 26.80
N ALA A 23 7.90 -2.19 26.57
CA ALA A 23 7.41 -1.36 27.67
C ALA A 23 5.92 -1.60 27.93
N LEU A 24 5.12 -1.65 26.86
CA LEU A 24 3.68 -1.88 27.00
C LEU A 24 3.42 -3.26 27.59
N ALA A 25 4.08 -4.28 27.03
CA ALA A 25 3.92 -5.64 27.53
C ALA A 25 4.42 -5.74 28.96
N ALA A 26 5.46 -4.97 29.25
CA ALA A 26 6.07 -4.95 30.57
C ALA A 26 5.16 -4.29 31.60
N ALA A 27 4.11 -3.60 31.15
CA ALA A 27 3.21 -2.93 32.09
C ALA A 27 2.60 -3.95 33.05
N ALA A 28 2.24 -5.13 32.53
CA ALA A 28 1.64 -6.19 33.35
C ALA A 28 2.55 -7.41 33.40
N GLY A 29 2.53 -8.12 34.53
CA GLY A 29 3.36 -9.31 34.69
C GLY A 29 4.83 -8.93 34.84
N VAL A 30 5.14 -8.12 35.86
CA VAL A 30 6.52 -7.70 36.10
C VAL A 30 6.76 -7.51 37.61
N GLN A 31 5.99 -8.20 38.42
CA GLN A 31 6.11 -8.11 39.88
C GLN A 31 5.62 -6.73 40.37
N PRO A 32 5.45 -6.53 41.66
CA PRO A 32 4.95 -5.23 42.22
C PRO A 32 5.78 -4.03 41.73
N ALA A 33 5.10 -2.92 41.50
CA ALA A 33 5.77 -1.71 41.03
C ALA A 33 6.57 -2.00 39.77
N ASP A 34 7.35 -1.01 39.34
CA ASP A 34 8.16 -1.12 38.13
C ASP A 34 7.29 -0.96 36.90
N LYS A 35 6.02 -1.36 37.03
CA LYS A 35 5.08 -1.26 35.92
C LYS A 35 4.94 0.18 35.45
N TYR A 36 5.08 1.13 36.37
CA TYR A 36 4.98 2.55 36.01
C TYR A 36 6.34 3.06 35.51
N ARG A 37 7.35 2.95 36.36
CA ARG A 37 8.68 3.45 36.01
C ARG A 37 9.19 2.84 34.71
N THR A 38 9.07 1.53 34.53
CA THR A 38 9.55 0.89 33.31
C THR A 38 8.86 1.49 32.09
N PHE A 39 7.56 1.69 32.20
CA PHE A 39 6.78 2.23 31.10
C PHE A 39 7.34 3.58 30.65
N VAL A 40 7.84 4.36 31.60
CA VAL A 40 8.41 5.66 31.30
C VAL A 40 9.88 5.56 30.88
N ALA A 41 10.66 4.75 31.61
CA ALA A 41 12.10 4.61 31.33
C ALA A 41 12.42 3.62 30.22
N THR A 42 11.52 2.68 29.92
CA THR A 42 11.77 1.70 28.85
C THR A 42 11.27 2.21 27.51
N PHE A 43 10.20 3.00 27.53
CA PHE A 43 9.65 3.56 26.31
C PHE A 43 10.68 4.51 25.69
N GLY A 44 11.41 5.22 26.56
CA GLY A 44 12.42 6.16 26.09
C GLY A 44 13.46 5.40 25.27
N ALA A 45 13.83 4.22 25.75
CA ALA A 45 14.80 3.39 25.05
C ALA A 45 14.20 2.82 23.77
N ALA A 46 12.88 2.62 23.77
CA ALA A 46 12.20 2.07 22.62
C ALA A 46 12.38 2.95 21.40
N SER A 47 12.26 4.26 21.57
CA SER A 47 12.43 5.16 20.46
C SER A 47 13.90 5.21 20.05
N ASN A 48 14.79 5.03 21.01
CA ASN A 48 16.22 5.06 20.73
C ASN A 48 16.58 3.97 19.73
N LYS A 49 16.06 2.76 19.96
CA LYS A 49 16.34 1.64 19.08
C LYS A 49 15.83 1.94 17.67
N ALA A 50 14.58 2.37 17.57
CA ALA A 50 13.99 2.70 16.27
C ALA A 50 14.76 3.85 15.63
N PHE A 51 15.10 4.84 16.45
CA PHE A 51 15.83 6.01 15.97
C PHE A 51 17.16 5.55 15.37
N ALA A 52 17.80 4.59 16.02
CA ALA A 52 19.07 4.06 15.54
C ALA A 52 18.87 3.29 14.23
N GLU A 53 17.64 2.87 13.98
CA GLU A 53 17.32 2.13 12.75
C GLU A 53 16.86 3.09 11.65
N GLY A 54 16.69 4.36 11.99
CA GLY A 54 16.27 5.36 11.02
C GLY A 54 17.46 5.93 10.26
N LEU A 55 18.66 5.46 10.63
CA LEU A 55 19.91 5.92 10.02
C LEU A 55 19.70 6.41 8.58
N SER A 56 20.28 7.58 8.30
CA SER A 56 20.15 8.19 6.98
C SER A 56 20.76 7.30 5.91
N GLY A 57 21.95 6.77 6.21
CA GLY A 57 22.64 5.91 5.26
C GLY A 57 23.39 6.74 4.22
N GLU A 58 22.95 6.64 2.97
CA GLU A 58 23.57 7.37 1.87
C GLU A 58 22.52 7.88 0.87
N PRO A 59 21.63 8.73 1.31
CA PRO A 59 20.56 9.29 0.43
C PRO A 59 21.09 10.32 -0.56
N LYS A 60 20.46 10.41 -1.72
CA LYS A 60 20.88 11.37 -2.74
C LYS A 60 20.78 12.79 -2.22
N GLY A 61 19.69 13.06 -1.51
CA GLY A 61 19.47 14.39 -0.94
C GLY A 61 17.99 14.77 -1.04
N ALA A 62 17.12 13.78 -0.94
CA ALA A 62 15.67 14.02 -1.02
C ALA A 62 14.91 13.03 -0.16
N ALA A 63 13.75 13.44 0.33
CA ALA A 63 12.93 12.59 1.18
C ALA A 63 13.77 12.00 2.32
N GLU A 64 13.12 11.25 3.19
CA GLU A 64 13.80 10.63 4.33
C GLU A 64 14.51 11.69 5.18
N SER A 65 14.35 12.95 4.80
CA SER A 65 14.97 14.06 5.53
C SER A 65 13.90 14.90 6.23
N SER A 66 12.83 15.21 5.51
CA SER A 66 11.73 16.01 6.05
C SER A 66 10.61 15.12 6.56
N SER A 67 10.63 13.85 6.16
CA SER A 67 9.61 12.90 6.59
C SER A 67 9.94 12.34 7.98
N LYS A 68 11.23 12.18 8.25
CA LYS A 68 11.68 11.64 9.52
C LYS A 68 11.28 12.58 10.66
N ALA A 69 11.38 13.88 10.43
CA ALA A 69 11.02 14.85 11.46
C ALA A 69 9.56 14.70 11.85
N ALA A 70 8.71 14.49 10.85
CA ALA A 70 7.28 14.35 11.09
C ALA A 70 7.00 13.16 12.02
N LEU A 71 7.72 12.07 11.79
CA LEU A 71 7.55 10.88 12.62
C LEU A 71 7.93 11.14 14.07
N THR A 72 9.06 11.79 14.28
CA THR A 72 9.52 12.06 15.65
C THR A 72 8.66 13.09 16.33
N SER A 73 8.37 14.18 15.63
CA SER A 73 7.59 15.26 16.22
C SER A 73 6.22 14.74 16.66
N LYS A 74 5.64 13.86 15.85
CA LYS A 74 4.35 13.28 16.19
C LYS A 74 4.50 12.37 17.40
N LEU A 75 5.59 11.59 17.41
CA LEU A 75 5.86 10.67 18.51
C LEU A 75 6.27 11.45 19.76
N ASP A 76 6.82 12.64 19.58
CA ASP A 76 7.23 13.45 20.72
C ASP A 76 6.03 14.18 21.33
N ALA A 77 5.29 14.89 20.49
CA ALA A 77 4.12 15.62 20.97
C ALA A 77 3.01 14.68 21.46
N ALA A 78 2.75 13.63 20.69
CA ALA A 78 1.70 12.68 21.06
C ALA A 78 2.03 11.94 22.34
N TYR A 79 3.27 11.47 22.45
CA TYR A 79 3.69 10.74 23.64
C TYR A 79 3.61 11.63 24.88
N LYS A 80 4.17 12.83 24.75
CA LYS A 80 4.16 13.79 25.86
C LYS A 80 2.74 14.32 26.10
N LEU A 81 2.02 14.56 25.02
CA LEU A 81 0.65 15.04 25.15
C LEU A 81 -0.23 13.95 25.73
N ALA A 82 -0.04 12.74 25.22
CA ALA A 82 -0.81 11.60 25.67
C ALA A 82 -0.55 11.34 27.16
N TYR A 83 0.72 11.41 27.56
CA TYR A 83 1.09 11.19 28.96
C TYR A 83 0.64 12.37 29.82
N LYS A 84 0.77 13.58 29.29
CA LYS A 84 0.39 14.77 30.04
C LYS A 84 -1.08 14.69 30.44
N THR A 85 -1.90 14.19 29.52
CA THR A 85 -3.33 14.05 29.79
C THR A 85 -3.56 13.03 30.90
N ALA A 86 -2.57 12.19 31.17
CA ALA A 86 -2.70 11.16 32.20
C ALA A 86 -2.98 11.81 33.56
N GLU A 87 -2.29 12.91 33.84
CA GLU A 87 -2.49 13.61 35.11
C GLU A 87 -3.90 14.21 35.15
N GLY A 88 -4.36 14.74 34.03
CA GLY A 88 -5.69 15.34 33.96
C GLY A 88 -6.80 14.32 34.20
N ALA A 89 -6.63 13.12 33.65
CA ALA A 89 -7.63 12.07 33.81
C ALA A 89 -7.71 11.58 35.25
N THR A 90 -8.91 11.20 35.66
CA THR A 90 -9.15 10.73 37.02
C THR A 90 -8.31 9.46 37.32
N PRO A 91 -7.61 9.40 38.45
CA PRO A 91 -6.81 8.18 38.81
C PRO A 91 -7.65 6.90 38.77
N GLU A 92 -6.97 5.74 38.74
CA GLU A 92 -7.64 4.43 38.72
C GLU A 92 -7.95 4.01 37.29
N ALA A 93 -8.03 4.97 36.37
CA ALA A 93 -8.32 4.67 34.98
C ALA A 93 -7.56 5.62 34.05
N LYS A 94 -6.81 6.55 34.63
CA LYS A 94 -6.04 7.50 33.83
C LYS A 94 -4.99 6.80 32.99
N TYR A 95 -4.48 5.68 33.49
CA TYR A 95 -3.45 4.97 32.77
C TYR A 95 -4.00 4.33 31.50
N ASP A 96 -5.19 3.73 31.57
CA ASP A 96 -5.78 3.11 30.39
C ASP A 96 -6.03 4.15 29.31
N ALA A 97 -6.54 5.30 29.72
CA ALA A 97 -6.80 6.38 28.76
C ALA A 97 -5.51 6.86 28.14
N TYR A 98 -4.47 6.99 28.96
CA TYR A 98 -3.17 7.45 28.49
C TYR A 98 -2.60 6.49 27.44
N VAL A 99 -2.58 5.21 27.80
CA VAL A 99 -2.06 4.20 26.90
C VAL A 99 -2.94 4.08 25.66
N ALA A 100 -4.24 4.18 25.86
CA ALA A 100 -5.18 4.09 24.75
C ALA A 100 -4.94 5.19 23.73
N THR A 101 -4.62 6.39 24.22
CA THR A 101 -4.39 7.51 23.32
C THR A 101 -3.30 7.16 22.31
N LEU A 102 -2.16 6.66 22.79
CA LEU A 102 -1.04 6.27 21.95
C LEU A 102 -1.44 5.27 20.86
N SER A 103 -2.53 4.53 21.09
CA SER A 103 -2.97 3.57 20.08
C SER A 103 -3.52 4.29 18.87
N GLU A 104 -4.34 5.31 19.12
CA GLU A 104 -4.93 6.09 18.04
C GLU A 104 -3.86 6.84 17.27
N ALA A 105 -2.90 7.39 18.01
CA ALA A 105 -1.81 8.15 17.38
C ALA A 105 -1.05 7.25 16.41
N LEU A 106 -0.76 6.03 16.84
CA LEU A 106 -0.05 5.08 15.99
C LEU A 106 -0.93 4.60 14.84
N ARG A 107 -2.21 4.42 15.12
CA ARG A 107 -3.13 3.94 14.10
C ARG A 107 -3.18 4.89 12.91
N ILE A 108 -3.28 6.19 13.18
CA ILE A 108 -3.34 7.17 12.09
C ILE A 108 -1.99 7.34 11.40
N ILE A 109 -0.89 7.30 12.15
CA ILE A 109 0.41 7.48 11.51
C ILE A 109 0.65 6.34 10.53
N ALA A 110 0.12 5.19 10.88
CA ALA A 110 0.25 4.00 10.05
C ALA A 110 -0.42 4.20 8.69
N GLY A 111 -1.56 4.90 8.68
CA GLY A 111 -2.29 5.14 7.44
C GLY A 111 -1.84 6.43 6.76
N THR A 112 -0.96 7.19 7.41
CA THR A 112 -0.48 8.45 6.83
C THR A 112 0.94 8.29 6.27
N LEU A 113 1.56 7.14 6.54
CA LEU A 113 2.93 6.87 6.06
C LEU A 113 2.89 5.81 4.96
N GLU A 114 1.81 5.04 4.92
CA GLU A 114 1.66 3.97 3.93
C GLU A 114 1.01 4.49 2.66
N VAL A 115 0.83 5.81 2.57
CA VAL A 115 0.22 6.43 1.39
C VAL A 115 1.11 7.56 0.88
N HIS A 116 1.37 7.56 -0.43
CA HIS A 116 2.21 8.59 -1.03
C HIS A 116 1.52 9.95 -1.00
N ALA A 117 2.30 10.99 -0.73
CA ALA A 117 1.76 12.35 -0.67
C ALA A 117 2.90 13.35 -0.53
N VAL A 118 3.70 13.47 -1.58
CA VAL A 118 4.84 14.40 -1.59
C VAL A 118 4.60 15.52 -2.61
N LYS A 119 3.81 15.22 -3.64
CA LYS A 119 3.52 16.19 -4.69
C LYS A 119 2.00 16.33 -4.89
N PRO A 120 1.34 17.07 -4.05
CA PRO A 120 -0.14 17.29 -4.13
C PRO A 120 -0.56 17.85 -5.50
N ALA A 121 0.40 18.44 -6.20
CA ALA A 121 0.11 19.01 -7.52
C ALA A 121 -0.37 17.93 -8.48
N ALA A 122 0.24 16.75 -8.41
CA ALA A 122 -0.16 15.63 -9.28
C ALA A 122 -0.23 16.09 -10.73
N GLU A 123 -0.96 15.35 -11.54
CA GLU A 123 -1.10 15.67 -12.95
C GLU A 123 -1.50 17.13 -13.14
N GLU A 124 -0.92 17.77 -14.14
CA GLU A 124 -1.21 19.18 -14.41
C GLU A 124 -2.67 19.37 -14.81
N VAL A 125 -3.53 19.59 -13.82
CA VAL A 125 -4.96 19.80 -14.07
C VAL A 125 -5.48 20.91 -13.16
N LYS A 126 -6.61 21.49 -13.51
CA LYS A 126 -7.19 22.56 -12.70
C LYS A 126 -7.47 22.04 -11.29
N VAL A 127 -7.16 22.87 -10.29
CA VAL A 127 -7.36 22.48 -8.90
C VAL A 127 -8.77 22.79 -8.44
N ILE A 128 -9.75 22.08 -9.01
CA ILE A 128 -11.17 22.28 -8.63
C ILE A 128 -11.85 20.93 -8.36
N PRO A 129 -11.52 20.27 -7.28
CA PRO A 129 -12.12 18.95 -6.91
C PRO A 129 -13.64 19.06 -6.70
N ALA A 130 -14.08 20.23 -6.27
CA ALA A 130 -15.51 20.46 -6.01
C ALA A 130 -15.87 21.92 -6.23
N GLY A 131 -17.18 22.15 -6.38
CA GLY A 131 -17.71 23.49 -6.60
C GLY A 131 -18.94 23.41 -7.49
N GLU A 132 -20.10 23.74 -6.92
CA GLU A 132 -21.38 23.70 -7.63
C GLU A 132 -21.83 22.25 -7.82
N LEU A 133 -20.94 21.40 -8.30
CA LEU A 133 -21.28 20.00 -8.51
C LEU A 133 -21.55 19.34 -7.16
N GLN A 134 -20.93 19.88 -6.12
CA GLN A 134 -21.11 19.34 -4.77
C GLN A 134 -22.56 19.45 -4.32
N VAL A 135 -23.26 20.45 -4.84
CA VAL A 135 -24.67 20.64 -4.49
C VAL A 135 -25.47 19.42 -4.90
N ILE A 136 -24.94 18.71 -5.89
CA ILE A 136 -25.61 17.54 -6.40
C ILE A 136 -25.82 16.51 -5.29
N GLU A 137 -25.07 16.64 -4.21
CA GLU A 137 -25.22 15.70 -3.11
C GLU A 137 -26.66 15.77 -2.61
N LYS A 138 -27.16 16.97 -2.37
CA LYS A 138 -28.52 17.18 -1.88
C LYS A 138 -29.54 16.59 -2.86
N VAL A 139 -29.28 16.76 -4.15
CA VAL A 139 -30.21 16.26 -5.14
C VAL A 139 -30.43 14.77 -4.96
N ASP A 140 -29.35 14.04 -4.74
CA ASP A 140 -29.45 12.59 -4.55
C ASP A 140 -30.34 12.29 -3.34
N ALA A 141 -30.17 13.06 -2.27
CA ALA A 141 -30.98 12.84 -1.07
C ALA A 141 -32.43 13.19 -1.37
N ALA A 142 -32.66 14.44 -1.71
CA ALA A 142 -34.02 14.93 -1.99
C ALA A 142 -34.74 14.00 -2.98
N PHE A 143 -33.99 13.20 -3.71
CA PHE A 143 -34.60 12.30 -4.68
C PHE A 143 -35.35 11.17 -3.97
N LYS A 144 -34.82 10.73 -2.83
CA LYS A 144 -35.44 9.63 -2.08
C LYS A 144 -36.86 9.96 -1.64
N VAL A 145 -37.04 11.12 -1.01
CA VAL A 145 -38.36 11.53 -0.54
C VAL A 145 -39.33 11.68 -1.72
N ALA A 146 -38.77 11.81 -2.92
CA ALA A 146 -39.59 11.92 -4.12
C ALA A 146 -39.98 10.53 -4.60
N ALA A 147 -39.23 9.52 -4.16
CA ALA A 147 -39.48 8.15 -4.57
C ALA A 147 -40.56 7.49 -3.71
N THR A 148 -40.39 7.54 -2.40
CA THR A 148 -41.36 6.93 -1.49
C THR A 148 -42.67 7.71 -1.49
N ALA A 149 -42.59 9.00 -1.20
CA ALA A 149 -43.78 9.83 -1.14
C ALA A 149 -44.55 9.78 -2.45
N ALA A 150 -43.87 9.44 -3.54
CA ALA A 150 -44.53 9.31 -4.84
C ALA A 150 -45.09 7.89 -4.99
N ASN A 151 -44.27 6.92 -4.61
CA ASN A 151 -44.65 5.51 -4.70
C ASN A 151 -45.92 5.23 -3.91
N ALA A 152 -46.08 5.92 -2.79
CA ALA A 152 -47.25 5.74 -1.96
C ALA A 152 -48.53 6.08 -2.73
N ALA A 153 -48.36 6.47 -4.01
CA ALA A 153 -49.51 6.82 -4.85
C ALA A 153 -49.43 6.07 -6.21
N PRO A 154 -50.55 5.70 -6.82
CA PRO A 154 -50.54 5.00 -8.15
C PRO A 154 -49.62 5.68 -9.17
N ALA A 155 -49.45 5.04 -10.33
CA ALA A 155 -48.61 5.59 -11.39
C ALA A 155 -49.18 6.93 -11.86
N ASN A 156 -50.41 6.88 -12.37
CA ASN A 156 -51.06 8.07 -12.90
C ASN A 156 -50.72 9.31 -12.08
N ASP A 157 -50.75 9.17 -10.75
CA ASP A 157 -50.43 10.27 -9.85
C ASP A 157 -49.08 10.04 -9.16
N LYS A 158 -48.05 9.77 -9.96
CA LYS A 158 -46.69 9.54 -9.43
C LYS A 158 -45.74 10.62 -9.93
N PHE A 159 -45.89 11.00 -11.20
CA PHE A 159 -45.07 12.05 -11.78
C PHE A 159 -45.38 13.37 -11.10
N THR A 160 -46.66 13.60 -10.86
CA THR A 160 -47.11 14.83 -10.25
C THR A 160 -46.30 15.11 -8.99
N VAL A 161 -46.19 14.11 -8.12
CA VAL A 161 -45.43 14.27 -6.88
C VAL A 161 -43.98 14.62 -7.20
N PHE A 162 -43.42 13.90 -8.17
CA PHE A 162 -42.03 14.15 -8.54
C PHE A 162 -41.88 15.60 -8.99
N GLU A 163 -42.73 16.01 -9.94
CA GLU A 163 -42.68 17.36 -10.45
C GLU A 163 -42.91 18.35 -9.32
N ALA A 164 -43.54 17.88 -8.25
CA ALA A 164 -43.81 18.73 -7.11
C ALA A 164 -42.54 18.91 -6.28
N ALA A 165 -42.03 17.82 -5.72
CA ALA A 165 -40.81 17.87 -4.91
C ALA A 165 -39.56 18.13 -5.74
N PHE A 166 -39.48 17.46 -6.89
CA PHE A 166 -38.29 17.61 -7.74
C PHE A 166 -38.10 19.07 -8.16
N ASN A 167 -39.16 19.68 -8.65
CA ASN A 167 -39.10 21.07 -9.07
C ASN A 167 -39.06 22.02 -7.87
N ASP A 168 -39.72 21.62 -6.78
CA ASP A 168 -39.77 22.44 -5.56
C ASP A 168 -38.54 22.24 -4.68
N ALA A 169 -38.34 21.02 -4.22
CA ALA A 169 -37.24 20.71 -3.31
C ALA A 169 -35.92 21.25 -3.83
N ILE A 170 -35.86 21.55 -5.13
CA ILE A 170 -34.63 22.10 -5.70
C ILE A 170 -34.58 23.62 -5.60
N LYS A 171 -35.57 24.29 -6.19
CA LYS A 171 -35.60 25.74 -6.16
C LYS A 171 -35.97 26.27 -4.78
N ALA A 172 -36.88 25.60 -4.10
CA ALA A 172 -37.32 26.09 -2.79
C ALA A 172 -36.17 26.19 -1.80
N SER A 173 -35.34 25.15 -1.70
CA SER A 173 -34.21 25.22 -0.78
C SER A 173 -33.22 26.27 -1.26
N THR A 174 -32.88 26.20 -2.54
CA THR A 174 -31.94 27.14 -3.15
C THR A 174 -32.69 28.15 -4.01
N GLY A 175 -33.56 28.94 -3.38
CA GLY A 175 -34.33 29.95 -4.09
C GLY A 175 -33.42 31.05 -4.64
N GLY A 176 -32.44 31.44 -3.85
CA GLY A 176 -31.50 32.50 -4.24
C GLY A 176 -30.29 31.93 -4.96
N ALA A 177 -30.52 31.28 -6.10
CA ALA A 177 -29.41 30.69 -6.87
C ALA A 177 -29.92 30.05 -8.15
N TYR A 178 -31.07 29.38 -8.06
CA TYR A 178 -31.65 28.70 -9.24
C TYR A 178 -33.15 28.98 -9.30
N GLU A 179 -33.74 28.76 -10.48
CA GLU A 179 -35.17 28.98 -10.67
C GLU A 179 -35.77 27.89 -11.56
N SER A 180 -34.92 26.95 -11.98
CA SER A 180 -35.39 25.85 -12.83
C SER A 180 -34.27 24.84 -13.04
N TYR A 181 -34.61 23.72 -13.67
CA TYR A 181 -33.62 22.69 -13.92
C TYR A 181 -32.62 23.15 -14.98
N LYS A 182 -31.39 23.41 -14.56
CA LYS A 182 -30.34 23.86 -15.46
C LYS A 182 -29.05 24.09 -14.68
N PHE A 183 -29.21 24.37 -13.39
CA PHE A 183 -28.08 24.63 -12.52
C PHE A 183 -26.93 23.67 -12.82
N ILE A 184 -27.27 22.52 -13.41
CA ILE A 184 -26.26 21.52 -13.80
C ILE A 184 -26.61 20.95 -15.20
N PRO A 185 -25.84 21.23 -16.24
CA PRO A 185 -26.13 20.73 -17.62
C PRO A 185 -26.46 19.24 -17.65
N ALA A 186 -27.09 18.81 -18.76
CA ALA A 186 -27.50 17.42 -18.98
C ALA A 186 -28.95 17.22 -18.57
N LEU A 187 -29.35 17.84 -17.47
CA LEU A 187 -30.73 17.73 -17.02
C LEU A 187 -31.65 18.36 -18.05
N GLU A 188 -31.10 19.31 -18.80
CA GLU A 188 -31.90 19.97 -19.85
C GLU A 188 -32.32 18.95 -20.89
N ALA A 189 -31.34 18.18 -21.39
CA ALA A 189 -31.62 17.15 -22.40
C ALA A 189 -32.01 15.82 -21.75
N ALA A 190 -31.19 15.39 -20.80
CA ALA A 190 -31.41 14.10 -20.15
C ALA A 190 -32.86 13.94 -19.67
N VAL A 191 -33.41 14.96 -19.02
CA VAL A 191 -34.78 14.88 -18.55
C VAL A 191 -35.73 14.75 -19.74
N LYS A 192 -35.41 15.49 -20.80
CA LYS A 192 -36.24 15.50 -22.01
C LYS A 192 -36.40 14.09 -22.60
N GLN A 193 -35.36 13.27 -22.53
CA GLN A 193 -35.48 11.90 -23.04
C GLN A 193 -36.40 11.09 -22.14
N ALA A 194 -36.26 11.33 -20.86
CA ALA A 194 -37.05 10.62 -19.86
C ALA A 194 -38.53 10.68 -20.23
N TYR A 195 -38.99 11.85 -20.62
CA TYR A 195 -40.38 12.03 -21.03
C TYR A 195 -40.58 11.47 -22.44
N ALA A 196 -39.47 11.21 -23.13
CA ALA A 196 -39.51 10.64 -24.48
C ALA A 196 -39.50 9.11 -24.40
N ALA A 197 -39.06 8.60 -23.24
CA ALA A 197 -38.99 7.15 -23.02
C ALA A 197 -40.24 6.65 -22.29
N THR A 198 -40.65 7.39 -21.27
CA THR A 198 -41.82 7.02 -20.48
C THR A 198 -43.10 7.20 -21.30
N VAL A 199 -43.07 6.78 -22.56
CA VAL A 199 -44.23 6.90 -23.44
C VAL A 199 -44.90 5.55 -23.66
N ALA A 200 -44.13 4.57 -24.14
CA ALA A 200 -44.65 3.22 -24.40
C ALA A 200 -43.90 2.18 -23.59
N THR A 201 -42.62 2.45 -23.33
CA THR A 201 -41.72 1.55 -22.57
C THR A 201 -42.38 0.26 -22.09
N ALA A 202 -41.78 -0.87 -22.48
CA ALA A 202 -42.30 -2.20 -22.11
C ALA A 202 -42.89 -2.17 -20.68
N PRO A 203 -44.20 -2.20 -20.54
CA PRO A 203 -44.86 -2.19 -19.20
C PRO A 203 -44.24 -3.20 -18.22
N GLU A 204 -43.14 -2.81 -17.59
CA GLU A 204 -42.47 -3.67 -16.62
C GLU A 204 -41.45 -2.88 -15.81
N VAL A 205 -40.69 -2.02 -16.48
CA VAL A 205 -39.69 -1.19 -15.82
C VAL A 205 -39.92 0.28 -16.17
N LYS A 206 -41.15 0.60 -16.55
CA LYS A 206 -41.49 1.96 -16.95
C LYS A 206 -41.10 2.95 -15.85
N TYR A 207 -41.39 2.64 -14.60
CA TYR A 207 -41.00 3.54 -13.52
C TYR A 207 -39.52 3.32 -13.21
N THR A 208 -39.14 2.06 -13.05
CA THR A 208 -37.75 1.73 -12.72
C THR A 208 -36.80 2.47 -13.65
N VAL A 209 -37.14 2.57 -14.93
CA VAL A 209 -36.28 3.28 -15.87
C VAL A 209 -36.14 4.74 -15.43
N PHE A 210 -37.28 5.35 -15.10
CA PHE A 210 -37.30 6.74 -14.66
C PHE A 210 -36.44 6.91 -13.41
N GLU A 211 -36.53 5.95 -12.51
CA GLU A 211 -35.75 6.00 -11.29
C GLU A 211 -34.28 5.64 -11.56
N THR A 212 -34.08 4.58 -12.34
CA THR A 212 -32.75 4.09 -12.66
C THR A 212 -31.95 5.05 -13.54
N ALA A 213 -32.55 5.52 -14.62
CA ALA A 213 -31.84 6.42 -15.54
C ALA A 213 -31.43 7.73 -14.87
N LEU A 214 -32.32 8.27 -14.05
CA LEU A 214 -32.03 9.53 -13.37
C LEU A 214 -30.83 9.38 -12.43
N LYS A 215 -30.81 8.31 -11.65
CA LYS A 215 -29.69 8.09 -10.72
C LYS A 215 -28.38 7.91 -11.47
N LYS A 216 -28.41 7.19 -12.58
CA LYS A 216 -27.19 6.95 -13.36
C LYS A 216 -26.65 8.27 -13.91
N ALA A 217 -27.51 9.08 -14.52
CA ALA A 217 -27.07 10.34 -15.08
C ALA A 217 -26.53 11.25 -13.98
N ILE A 218 -27.26 11.32 -12.87
CA ILE A 218 -26.85 12.15 -11.75
C ILE A 218 -25.53 11.66 -11.15
N THR A 219 -25.35 10.34 -11.06
CA THR A 219 -24.11 9.79 -10.51
C THR A 219 -22.93 10.16 -11.40
N ALA A 220 -23.14 10.07 -12.71
CA ALA A 220 -22.07 10.38 -13.66
C ALA A 220 -21.59 11.80 -13.44
N MET A 221 -22.53 12.74 -13.36
CA MET A 221 -22.20 14.15 -13.15
C MET A 221 -21.61 14.37 -11.75
N SER A 222 -21.86 13.43 -10.84
CA SER A 222 -21.33 13.55 -9.49
C SER A 222 -19.87 13.11 -9.44
N GLU A 223 -19.57 11.98 -10.07
CA GLU A 223 -18.20 11.48 -10.12
C GLU A 223 -17.36 12.37 -11.04
N ALA A 224 -17.99 12.82 -12.11
CA ALA A 224 -17.33 13.67 -13.10
C ALA A 224 -16.52 14.76 -12.42
N GLN A 225 -16.79 14.98 -11.14
CA GLN A 225 -16.07 16.00 -10.39
C GLN A 225 -14.57 15.70 -10.38
N LYS A 226 -14.22 14.42 -10.24
CA LYS A 226 -12.82 14.03 -10.22
C LYS A 226 -12.14 14.36 -11.56
N ALA A 227 -12.94 14.35 -12.63
CA ALA A 227 -12.42 14.66 -13.96
C ALA A 227 -13.51 15.24 -14.83
N ALA A 228 -13.24 16.40 -15.42
CA ALA A 228 -14.22 17.07 -16.30
C ALA A 228 -14.10 16.55 -17.72
N LYS A 229 -13.15 15.65 -17.95
CA LYS A 229 -12.95 15.06 -19.27
C LYS A 229 -12.67 13.57 -19.16
N PRO A 230 -13.64 12.80 -18.72
CA PRO A 230 -13.51 11.33 -18.58
C PRO A 230 -13.52 10.61 -19.93
N ALA A 231 -12.90 9.44 -19.97
CA ALA A 231 -12.85 8.66 -21.21
C ALA A 231 -14.20 8.02 -21.50
N PRO A 1 10.62 -2.08 -9.92
CA PRO A 1 11.56 -3.14 -9.47
C PRO A 1 12.51 -2.55 -8.42
N ALA A 2 12.51 -3.15 -7.23
CA ALA A 2 13.37 -2.68 -6.14
C ALA A 2 13.73 -3.85 -5.22
N GLY A 3 14.90 -3.77 -4.60
CA GLY A 3 15.33 -4.81 -3.67
C GLY A 3 14.44 -4.84 -2.44
N LYS A 4 14.10 -3.65 -1.96
CA LYS A 4 13.25 -3.52 -0.77
C LYS A 4 11.77 -3.58 -1.14
N ALA A 5 11.00 -4.32 -0.35
CA ALA A 5 9.57 -4.45 -0.59
C ALA A 5 8.89 -3.09 -0.46
N THR A 6 9.33 -2.30 0.51
CA THR A 6 8.76 -0.97 0.75
C THR A 6 9.86 0.03 1.11
N THR A 7 9.55 0.92 2.05
CA THR A 7 10.51 1.94 2.49
C THR A 7 11.02 1.61 3.89
N GLU A 8 12.06 2.33 4.32
CA GLU A 8 12.62 2.12 5.65
C GLU A 8 11.64 2.56 6.73
N GLU A 9 10.95 3.67 6.48
CA GLU A 9 10.00 4.19 7.46
C GLU A 9 8.84 3.22 7.63
N GLN A 10 8.04 3.05 6.59
CA GLN A 10 6.88 2.15 6.65
C GLN A 10 7.21 0.88 7.42
N LYS A 11 8.13 0.10 6.89
CA LYS A 11 8.50 -1.18 7.53
C LYS A 11 8.98 -0.97 8.97
N LEU A 12 9.50 0.22 9.29
CA LEU A 12 9.96 0.49 10.66
C LEU A 12 8.77 0.50 11.63
N ILE A 13 7.66 1.03 11.13
CA ILE A 13 6.44 1.16 11.92
C ILE A 13 5.93 -0.20 12.42
N GLU A 14 6.03 -1.24 11.60
CA GLU A 14 5.57 -2.55 12.02
C GLU A 14 6.56 -3.17 13.01
N LYS A 15 7.80 -2.73 12.90
CA LYS A 15 8.87 -3.22 13.75
C LYS A 15 8.93 -2.49 15.09
N ILE A 16 8.55 -1.21 15.10
CA ILE A 16 8.61 -0.43 16.34
C ILE A 16 7.67 -1.01 17.39
N ASN A 17 6.65 -1.73 16.95
CA ASN A 17 5.69 -2.32 17.87
C ASN A 17 6.40 -3.15 18.93
N ALA A 18 7.39 -3.94 18.51
CA ALA A 18 8.11 -4.78 19.45
C ALA A 18 8.79 -3.93 20.52
N GLY A 19 9.40 -2.82 20.10
CA GLY A 19 10.06 -1.95 21.06
C GLY A 19 9.03 -1.38 22.04
N PHE A 20 7.86 -1.02 21.51
CA PHE A 20 6.80 -0.46 22.33
C PHE A 20 6.22 -1.52 23.24
N LYS A 21 6.04 -2.71 22.70
CA LYS A 21 5.46 -3.79 23.47
C LYS A 21 6.32 -4.14 24.69
N ALA A 22 7.63 -4.10 24.51
CA ALA A 22 8.55 -4.43 25.60
C ALA A 22 8.32 -3.51 26.80
N ALA A 23 8.10 -2.23 26.54
CA ALA A 23 7.87 -1.27 27.63
C ALA A 23 6.42 -1.27 28.08
N LEU A 24 5.52 -1.24 27.11
CA LEU A 24 4.09 -1.22 27.40
C LEU A 24 3.66 -2.52 28.08
N ALA A 25 4.16 -3.64 27.58
CA ALA A 25 3.81 -4.94 28.17
C ALA A 25 4.48 -5.07 29.53
N ALA A 26 5.58 -4.35 29.70
CA ALA A 26 6.33 -4.37 30.95
C ALA A 26 5.60 -3.58 32.03
N ALA A 27 4.62 -2.77 31.63
CA ALA A 27 3.87 -1.98 32.60
C ALA A 27 3.18 -2.90 33.60
N ALA A 28 2.59 -3.99 33.09
CA ALA A 28 1.89 -4.96 33.95
C ALA A 28 2.77 -6.17 34.23
N GLY A 29 3.84 -6.33 33.47
CA GLY A 29 4.73 -7.47 33.66
C GLY A 29 5.39 -7.42 35.04
N VAL A 30 6.07 -6.31 35.32
CA VAL A 30 6.75 -6.15 36.60
C VAL A 30 5.74 -6.14 37.76
N GLN A 31 6.22 -6.38 38.99
CA GLN A 31 5.34 -6.39 40.17
C GLN A 31 5.43 -5.06 40.91
N PRO A 32 6.63 -4.57 41.17
CA PRO A 32 6.82 -3.28 41.89
C PRO A 32 6.17 -2.11 41.15
N ALA A 33 6.32 -0.91 41.70
CA ALA A 33 5.77 0.30 41.09
C ALA A 33 6.71 0.87 40.04
N ASP A 34 7.66 0.06 39.57
CA ASP A 34 8.59 0.50 38.56
C ASP A 34 7.86 0.66 37.22
N LYS A 35 6.65 0.12 37.16
CA LYS A 35 5.84 0.20 35.96
C LYS A 35 5.65 1.64 35.52
N TYR A 36 5.73 2.56 36.48
CA TYR A 36 5.61 3.97 36.15
C TYR A 36 6.93 4.47 35.56
N ARG A 37 8.01 4.27 36.33
CA ARG A 37 9.32 4.74 35.92
C ARG A 37 9.73 4.15 34.56
N THR A 38 9.48 2.86 34.33
CA THR A 38 9.85 2.25 33.06
C THR A 38 9.10 2.88 31.89
N PHE A 39 7.84 3.25 32.11
CA PHE A 39 7.04 3.81 31.02
C PHE A 39 7.86 4.82 30.20
N VAL A 40 8.41 5.85 30.84
CA VAL A 40 9.20 6.84 30.11
C VAL A 40 10.63 6.35 29.88
N ALA A 41 11.29 5.96 30.97
CA ALA A 41 12.69 5.53 30.94
C ALA A 41 12.94 4.34 30.02
N THR A 42 12.03 3.39 29.96
CA THR A 42 12.22 2.25 29.07
C THR A 42 12.03 2.69 27.62
N PHE A 43 10.97 3.45 27.38
CA PHE A 43 10.67 3.96 26.05
C PHE A 43 11.94 4.52 25.41
N GLY A 44 12.88 4.87 26.25
CA GLY A 44 14.14 5.40 25.77
C GLY A 44 14.80 4.35 24.88
N ALA A 45 14.81 3.11 25.36
CA ALA A 45 15.39 2.00 24.61
C ALA A 45 14.55 1.66 23.37
N ALA A 46 13.23 1.69 23.51
CA ALA A 46 12.34 1.36 22.40
C ALA A 46 12.53 2.30 21.23
N SER A 47 12.58 3.60 21.51
CA SER A 47 12.77 4.56 20.44
C SER A 47 14.20 4.55 19.93
N ASN A 48 15.13 4.14 20.80
CA ASN A 48 16.54 4.07 20.41
C ASN A 48 16.73 3.09 19.27
N LYS A 49 16.10 1.92 19.38
CA LYS A 49 16.21 0.91 18.33
C LYS A 49 15.66 1.46 17.02
N ALA A 50 14.47 2.04 17.08
CA ALA A 50 13.84 2.58 15.88
C ALA A 50 14.70 3.72 15.32
N PHE A 51 15.15 4.58 16.22
CA PHE A 51 15.97 5.73 15.84
C PHE A 51 17.30 5.24 15.24
N ALA A 52 17.86 4.20 15.84
CA ALA A 52 19.12 3.64 15.35
C ALA A 52 18.91 2.94 14.01
N GLU A 53 17.66 2.59 13.73
CA GLU A 53 17.32 1.91 12.48
C GLU A 53 16.75 2.92 11.48
N GLY A 54 16.14 3.97 12.02
CA GLY A 54 15.53 5.01 11.20
C GLY A 54 16.56 5.78 10.38
N LEU A 55 17.83 5.70 10.76
CA LEU A 55 18.87 6.41 10.03
C LEU A 55 18.89 6.00 8.56
N SER A 56 19.48 4.84 8.27
CA SER A 56 19.55 4.34 6.90
C SER A 56 19.80 5.48 5.91
N GLY A 57 20.64 6.43 6.30
CA GLY A 57 20.95 7.58 5.44
C GLY A 57 22.22 7.35 4.63
N GLU A 58 22.05 6.89 3.40
CA GLU A 58 23.20 6.64 2.53
C GLU A 58 24.02 7.92 2.31
N PRO A 59 23.41 9.05 1.97
CA PRO A 59 24.18 10.32 1.76
C PRO A 59 24.86 10.79 3.05
N LYS A 60 24.33 10.34 4.19
CA LYS A 60 24.89 10.70 5.48
C LYS A 60 24.66 12.18 5.76
N GLY A 61 23.83 12.82 4.94
CA GLY A 61 23.55 14.24 5.11
C GLY A 61 22.68 14.49 6.34
N ALA A 62 22.87 15.65 6.96
CA ALA A 62 22.11 16.02 8.15
C ALA A 62 20.61 16.11 7.83
N ALA A 63 20.30 16.61 6.63
CA ALA A 63 18.91 16.77 6.21
C ALA A 63 18.16 15.44 6.24
N GLU A 64 18.89 14.35 6.44
CA GLU A 64 18.25 13.03 6.48
C GLU A 64 17.23 12.97 7.61
N SER A 65 17.37 13.85 8.59
CA SER A 65 16.46 13.90 9.73
C SER A 65 15.34 14.90 9.47
N SER A 66 15.32 15.46 8.26
CA SER A 66 14.29 16.42 7.90
C SER A 66 12.95 15.71 7.75
N SER A 67 12.94 14.64 6.96
CA SER A 67 11.72 13.86 6.74
C SER A 67 11.34 13.06 7.98
N LYS A 68 12.34 12.51 8.65
CA LYS A 68 12.11 11.71 9.84
C LYS A 68 11.65 12.56 11.01
N ALA A 69 11.91 13.86 10.94
CA ALA A 69 11.52 14.77 12.03
C ALA A 69 10.02 14.70 12.27
N ALA A 70 9.25 14.60 11.19
CA ALA A 70 7.79 14.53 11.33
C ALA A 70 7.41 13.33 12.19
N LEU A 71 8.04 12.20 11.95
CA LEU A 71 7.77 10.99 12.72
C LEU A 71 8.14 11.19 14.19
N THR A 72 9.31 11.75 14.44
CA THR A 72 9.78 11.93 15.81
C THR A 72 9.00 13.00 16.56
N SER A 73 8.76 14.13 15.92
CA SER A 73 8.05 15.22 16.56
C SER A 73 6.67 14.76 17.00
N LYS A 74 5.98 14.05 16.13
CA LYS A 74 4.66 13.54 16.46
C LYS A 74 4.77 12.53 17.61
N LEU A 75 5.79 11.69 17.55
CA LEU A 75 5.99 10.68 18.59
C LEU A 75 6.40 11.36 19.90
N ASP A 76 7.02 12.53 19.82
CA ASP A 76 7.41 13.25 21.02
C ASP A 76 6.22 13.92 21.68
N ALA A 77 5.47 14.69 20.88
CA ALA A 77 4.30 15.42 21.38
C ALA A 77 3.13 14.48 21.69
N ALA A 78 2.89 13.50 20.82
CA ALA A 78 1.79 12.56 21.02
C ALA A 78 2.02 11.71 22.27
N TYR A 79 3.25 11.26 22.43
CA TYR A 79 3.62 10.44 23.57
C TYR A 79 3.38 11.20 24.87
N LYS A 80 3.88 12.42 24.92
CA LYS A 80 3.72 13.26 26.10
C LYS A 80 2.28 13.71 26.25
N LEU A 81 1.61 13.94 25.13
CA LEU A 81 0.22 14.38 25.16
C LEU A 81 -0.66 13.24 25.64
N ALA A 82 -0.40 12.05 25.13
CA ALA A 82 -1.16 10.88 25.50
C ALA A 82 -0.99 10.60 26.99
N TYR A 83 0.25 10.70 27.45
CA TYR A 83 0.57 10.49 28.85
C TYR A 83 0.02 11.62 29.73
N LYS A 84 0.12 12.84 29.23
CA LYS A 84 -0.35 14.00 29.98
C LYS A 84 -1.82 13.83 30.36
N THR A 85 -2.60 13.29 29.44
CA THR A 85 -4.02 13.07 29.68
C THR A 85 -4.21 12.05 30.81
N ALA A 86 -3.17 11.26 31.07
CA ALA A 86 -3.25 10.26 32.14
C ALA A 86 -3.52 10.91 33.48
N GLU A 87 -2.80 11.99 33.75
CA GLU A 87 -2.97 12.71 35.02
C GLU A 87 -4.36 13.35 35.10
N GLY A 88 -4.85 13.85 33.97
CA GLY A 88 -6.16 14.49 33.93
C GLY A 88 -7.27 13.51 34.29
N ALA A 89 -7.15 12.28 33.81
CA ALA A 89 -8.17 11.26 34.09
C ALA A 89 -8.01 10.70 35.49
N THR A 90 -9.15 10.40 36.11
CA THR A 90 -9.16 9.86 37.47
C THR A 90 -8.39 8.52 37.50
N PRO A 91 -7.66 8.25 38.56
CA PRO A 91 -6.86 6.98 38.68
C PRO A 91 -7.75 5.75 38.86
N GLU A 92 -8.77 5.65 38.03
CA GLU A 92 -9.70 4.51 38.07
C GLU A 92 -9.53 3.68 36.81
N ALA A 93 -8.98 4.29 35.78
CA ALA A 93 -8.76 3.61 34.50
C ALA A 93 -7.97 4.53 33.56
N LYS A 94 -7.25 5.48 34.14
CA LYS A 94 -6.48 6.42 33.33
C LYS A 94 -5.41 5.70 32.50
N TYR A 95 -4.90 4.59 33.02
CA TYR A 95 -3.89 3.84 32.30
C TYR A 95 -4.44 3.28 31.00
N ASP A 96 -5.64 2.71 31.04
CA ASP A 96 -6.22 2.14 29.84
C ASP A 96 -6.41 3.22 28.78
N ALA A 97 -6.92 4.38 29.20
CA ALA A 97 -7.13 5.49 28.27
C ALA A 97 -5.80 5.98 27.71
N TYR A 98 -4.84 6.19 28.60
CA TYR A 98 -3.51 6.66 28.18
C TYR A 98 -2.84 5.61 27.30
N VAL A 99 -2.84 4.38 27.76
CA VAL A 99 -2.22 3.31 27.00
C VAL A 99 -2.92 3.12 25.66
N ALA A 100 -4.24 3.13 25.69
CA ALA A 100 -5.03 2.98 24.46
C ALA A 100 -4.83 4.16 23.52
N THR A 101 -4.54 5.33 24.10
CA THR A 101 -4.36 6.55 23.31
C THR A 101 -3.21 6.43 22.32
N LEU A 102 -2.11 5.76 22.68
CA LEU A 102 -0.98 5.63 21.75
C LEU A 102 -1.45 5.06 20.40
N SER A 103 -2.06 3.88 20.42
CA SER A 103 -2.47 3.24 19.18
C SER A 103 -3.19 4.21 18.25
N GLU A 104 -3.93 5.17 18.81
CA GLU A 104 -4.60 6.14 17.96
C GLU A 104 -3.55 6.94 17.21
N ALA A 105 -2.52 7.36 17.95
CA ALA A 105 -1.43 8.15 17.39
C ALA A 105 -0.71 7.35 16.29
N LEU A 106 -0.42 6.09 16.57
CA LEU A 106 0.27 5.24 15.59
C LEU A 106 -0.68 4.82 14.48
N ARG A 107 -1.94 4.62 14.81
CA ARG A 107 -2.92 4.20 13.80
C ARG A 107 -3.07 5.27 12.71
N ILE A 108 -3.19 6.53 13.15
CA ILE A 108 -3.36 7.63 12.20
C ILE A 108 -2.08 7.95 11.44
N ILE A 109 -0.93 7.84 12.10
CA ILE A 109 0.32 8.17 11.41
C ILE A 109 0.46 7.27 10.19
N ALA A 110 0.03 6.03 10.32
CA ALA A 110 0.09 5.07 9.24
C ALA A 110 -0.81 5.51 8.09
N GLY A 111 -1.81 6.33 8.41
CA GLY A 111 -2.75 6.83 7.40
C GLY A 111 -2.32 8.19 6.84
N THR A 112 -1.44 8.89 7.57
CA THR A 112 -0.99 10.21 7.14
C THR A 112 0.27 10.13 6.27
N LEU A 113 1.09 9.11 6.51
CA LEU A 113 2.31 8.95 5.74
C LEU A 113 1.97 8.64 4.28
N GLU A 114 0.94 7.82 4.08
CA GLU A 114 0.52 7.45 2.74
C GLU A 114 -0.46 8.48 2.18
N VAL A 115 -0.42 8.69 0.86
CA VAL A 115 -1.31 9.66 0.22
C VAL A 115 -2.34 8.94 -0.64
N HIS A 116 -3.62 9.24 -0.39
CA HIS A 116 -4.71 8.61 -1.14
C HIS A 116 -5.88 9.58 -1.29
N ALA A 117 -6.47 9.60 -2.49
CA ALA A 117 -7.59 10.48 -2.76
C ALA A 117 -8.32 10.04 -4.02
N VAL A 118 -8.51 8.73 -4.17
CA VAL A 118 -9.21 8.20 -5.33
C VAL A 118 -10.71 8.16 -5.09
N LYS A 119 -11.15 7.33 -4.15
CA LYS A 119 -12.57 7.21 -3.82
C LYS A 119 -12.90 8.07 -2.59
N PRO A 120 -14.11 8.56 -2.45
CA PRO A 120 -14.50 9.39 -1.27
C PRO A 120 -14.10 8.74 0.06
N ALA A 121 -14.29 7.42 0.15
CA ALA A 121 -13.95 6.70 1.37
C ALA A 121 -13.81 5.20 1.10
N ALA A 122 -13.06 4.52 1.96
CA ALA A 122 -12.84 3.09 1.83
C ALA A 122 -14.12 2.34 2.20
N GLU A 123 -14.25 1.11 1.71
CA GLU A 123 -15.43 0.30 2.00
C GLU A 123 -15.51 -0.02 3.48
N GLU A 124 -16.72 -0.01 4.02
CA GLU A 124 -16.93 -0.29 5.43
C GLU A 124 -16.57 -1.74 5.76
N VAL A 125 -15.84 -1.92 6.85
CA VAL A 125 -15.43 -3.26 7.27
C VAL A 125 -16.57 -3.94 8.04
N LYS A 126 -16.88 -5.17 7.65
CA LYS A 126 -17.94 -5.92 8.32
C LYS A 126 -17.43 -6.52 9.62
N VAL A 127 -18.35 -6.76 10.55
CA VAL A 127 -17.99 -7.34 11.84
C VAL A 127 -17.83 -8.84 11.70
N ILE A 128 -16.66 -9.35 12.12
CA ILE A 128 -16.35 -10.78 12.02
C ILE A 128 -15.79 -11.31 13.35
N PRO A 129 -16.65 -11.64 14.29
CA PRO A 129 -16.23 -12.16 15.63
C PRO A 129 -15.39 -13.43 15.51
N ALA A 130 -15.72 -14.26 14.51
CA ALA A 130 -15.02 -15.52 14.29
C ALA A 130 -15.01 -15.88 12.81
N GLY A 131 -14.15 -16.81 12.42
CA GLY A 131 -14.06 -17.24 11.02
C GLY A 131 -12.62 -17.17 10.53
N GLU A 132 -12.09 -18.33 10.12
CA GLU A 132 -10.72 -18.43 9.62
C GLU A 132 -9.75 -18.62 10.78
N LEU A 133 -10.07 -18.00 11.91
CA LEU A 133 -9.22 -18.13 13.09
C LEU A 133 -9.31 -19.54 13.64
N GLN A 134 -10.37 -20.25 13.26
CA GLN A 134 -10.56 -21.62 13.71
C GLN A 134 -9.51 -22.53 13.08
N VAL A 135 -8.99 -22.11 11.94
CA VAL A 135 -7.97 -22.89 11.24
C VAL A 135 -6.72 -23.00 12.11
N ILE A 136 -6.57 -22.03 12.99
CA ILE A 136 -5.42 -21.96 13.87
C ILE A 136 -5.34 -23.21 14.76
N GLU A 137 -6.43 -23.97 14.84
CA GLU A 137 -6.43 -25.15 15.69
C GLU A 137 -5.35 -26.14 15.26
N LYS A 138 -5.29 -26.47 13.96
CA LYS A 138 -4.28 -27.40 13.48
C LYS A 138 -2.88 -26.85 13.66
N VAL A 139 -2.74 -25.54 13.50
CA VAL A 139 -1.45 -24.90 13.64
C VAL A 139 -0.88 -25.21 15.02
N ASP A 140 -1.73 -25.15 16.04
CA ASP A 140 -1.28 -25.44 17.39
C ASP A 140 -0.81 -26.89 17.50
N ALA A 141 -1.55 -27.80 16.85
CA ALA A 141 -1.20 -29.22 16.90
C ALA A 141 0.10 -29.50 16.14
N ALA A 142 0.09 -29.26 14.84
CA ALA A 142 1.25 -29.54 14.00
C ALA A 142 2.51 -28.84 14.52
N PHE A 143 2.35 -27.81 15.34
CA PHE A 143 3.52 -27.11 15.84
C PHE A 143 4.41 -28.10 16.60
N LYS A 144 3.79 -29.01 17.35
CA LYS A 144 4.56 -30.01 18.09
C LYS A 144 5.39 -30.84 17.11
N VAL A 145 4.73 -31.35 16.08
CA VAL A 145 5.40 -32.18 15.08
C VAL A 145 6.67 -31.50 14.59
N ALA A 146 6.73 -30.18 14.74
CA ALA A 146 7.92 -29.44 14.33
C ALA A 146 8.95 -29.48 15.46
N ALA A 147 8.46 -29.36 16.69
CA ALA A 147 9.35 -29.36 17.86
C ALA A 147 10.08 -30.70 18.02
N THR A 148 9.37 -31.81 17.83
CA THR A 148 9.99 -33.13 17.98
C THR A 148 10.80 -33.48 16.73
N ALA A 149 10.11 -33.59 15.60
CA ALA A 149 10.77 -33.95 14.36
C ALA A 149 12.03 -33.10 14.14
N ALA A 150 12.09 -31.95 14.83
CA ALA A 150 13.27 -31.09 14.74
C ALA A 150 14.32 -31.57 15.75
N ASN A 151 13.82 -32.12 16.86
CA ASN A 151 14.69 -32.60 17.92
C ASN A 151 15.65 -33.68 17.39
N ALA A 152 15.13 -34.59 16.57
CA ALA A 152 15.95 -35.66 16.02
C ALA A 152 17.06 -35.09 15.15
N ALA A 153 16.88 -33.83 14.72
CA ALA A 153 17.87 -33.20 13.86
C ALA A 153 19.26 -33.32 14.50
N PRO A 154 20.31 -33.53 13.72
CA PRO A 154 21.69 -33.68 14.28
C PRO A 154 22.21 -32.41 14.94
N ALA A 155 21.30 -31.48 15.23
CA ALA A 155 21.67 -30.22 15.89
C ALA A 155 22.36 -29.28 14.90
N ASN A 156 22.67 -29.79 13.72
CA ASN A 156 23.33 -28.97 12.70
C ASN A 156 22.29 -28.12 11.97
N ASP A 157 21.02 -28.39 12.24
CA ASP A 157 19.94 -27.65 11.60
C ASP A 157 18.62 -27.83 12.35
N LYS A 158 18.01 -26.72 12.81
CA LYS A 158 16.73 -26.77 13.53
C LYS A 158 15.68 -25.92 12.83
N PHE A 159 16.14 -24.83 12.20
CA PHE A 159 15.23 -23.95 11.47
C PHE A 159 14.76 -24.64 10.20
N THR A 160 15.68 -25.35 9.57
CA THR A 160 15.38 -26.04 8.32
C THR A 160 14.13 -26.91 8.49
N VAL A 161 14.11 -27.74 9.52
CA VAL A 161 12.95 -28.61 9.75
C VAL A 161 11.70 -27.75 9.97
N PHE A 162 11.85 -26.71 10.77
CA PHE A 162 10.70 -25.85 11.06
C PHE A 162 10.17 -25.28 9.76
N GLU A 163 11.05 -24.65 8.99
CA GLU A 163 10.66 -24.08 7.70
C GLU A 163 10.09 -25.17 6.79
N ALA A 164 10.48 -26.40 7.07
CA ALA A 164 9.99 -27.52 6.28
C ALA A 164 8.56 -27.88 6.66
N ALA A 165 8.36 -28.31 7.91
CA ALA A 165 7.03 -28.68 8.38
C ALA A 165 6.11 -27.46 8.51
N PHE A 166 6.65 -26.38 9.05
CA PHE A 166 5.87 -25.17 9.27
C PHE A 166 5.31 -24.64 7.95
N ASN A 167 6.18 -24.50 6.95
CA ASN A 167 5.76 -24.01 5.65
C ASN A 167 5.01 -25.09 4.85
N ASP A 168 5.42 -26.34 5.02
CA ASP A 168 4.80 -27.45 4.30
C ASP A 168 3.54 -27.96 5.00
N ALA A 169 3.71 -28.47 6.22
CA ALA A 169 2.58 -29.04 6.95
C ALA A 169 1.35 -28.15 6.91
N ILE A 170 1.55 -26.84 7.01
CA ILE A 170 0.42 -25.92 6.99
C ILE A 170 -0.31 -25.98 5.65
N LYS A 171 0.45 -25.89 4.56
CA LYS A 171 -0.12 -25.92 3.22
C LYS A 171 -0.59 -27.32 2.85
N ALA A 172 0.22 -28.33 3.15
CA ALA A 172 -0.10 -29.71 2.81
C ALA A 172 -1.37 -30.21 3.48
N SER A 173 -1.56 -29.89 4.76
CA SER A 173 -2.75 -30.36 5.45
C SER A 173 -4.01 -29.81 4.80
N THR A 174 -3.97 -28.52 4.48
CA THR A 174 -5.12 -27.86 3.86
C THR A 174 -5.29 -28.34 2.42
N GLY A 175 -4.42 -29.25 1.98
CA GLY A 175 -4.49 -29.79 0.63
C GLY A 175 -3.42 -29.13 -0.26
N GLY A 176 -3.65 -27.88 -0.68
CA GLY A 176 -2.68 -27.19 -1.53
C GLY A 176 -2.92 -25.69 -1.50
N ALA A 177 -4.16 -25.30 -1.24
CA ALA A 177 -4.52 -23.89 -1.18
C ALA A 177 -3.77 -23.19 -0.06
N TYR A 178 -4.09 -21.90 0.15
CA TYR A 178 -3.42 -21.11 1.19
C TYR A 178 -1.92 -21.08 0.93
N GLU A 179 -1.55 -20.95 -0.34
CA GLU A 179 -0.14 -20.91 -0.72
C GLU A 179 0.67 -20.09 0.28
N SER A 180 1.86 -20.59 0.60
CA SER A 180 2.74 -19.89 1.54
C SER A 180 1.97 -19.52 2.81
N TYR A 181 2.67 -18.90 3.75
CA TYR A 181 2.03 -18.49 4.98
C TYR A 181 1.28 -17.16 4.76
N LYS A 182 1.79 -16.10 5.36
CA LYS A 182 1.20 -14.76 5.23
C LYS A 182 -0.23 -14.71 5.81
N PHE A 183 -0.92 -15.85 5.84
CA PHE A 183 -2.28 -15.92 6.37
C PHE A 183 -2.32 -15.40 7.80
N ILE A 184 -3.39 -14.66 8.14
CA ILE A 184 -3.51 -14.12 9.49
C ILE A 184 -2.32 -13.21 9.83
N PRO A 185 -2.45 -11.91 9.63
CA PRO A 185 -1.35 -10.95 9.92
C PRO A 185 -0.78 -11.14 11.32
N ALA A 186 0.48 -10.69 11.48
CA ALA A 186 1.24 -10.80 12.73
C ALA A 186 2.36 -11.82 12.56
N LEU A 187 2.02 -12.94 11.92
CA LEU A 187 3.03 -13.97 11.66
C LEU A 187 4.10 -13.37 10.74
N GLU A 188 3.63 -12.74 9.67
CA GLU A 188 4.53 -12.15 8.69
C GLU A 188 5.51 -11.19 9.35
N ALA A 189 5.03 -10.37 10.29
CA ALA A 189 5.91 -9.44 10.99
C ALA A 189 6.60 -10.15 12.14
N ALA A 190 5.79 -10.78 12.99
CA ALA A 190 6.32 -11.46 14.18
C ALA A 190 7.41 -12.45 13.79
N VAL A 191 7.21 -13.26 12.75
CA VAL A 191 8.22 -14.21 12.33
C VAL A 191 9.49 -13.46 11.91
N LYS A 192 9.28 -12.35 11.21
CA LYS A 192 10.38 -11.52 10.71
C LYS A 192 11.28 -11.03 11.85
N GLN A 193 10.70 -10.72 13.01
CA GLN A 193 11.50 -10.28 14.14
C GLN A 193 12.34 -11.46 14.66
N ALA A 194 11.67 -12.61 14.69
CA ALA A 194 12.30 -13.83 15.20
C ALA A 194 13.63 -14.08 14.48
N TYR A 195 13.62 -13.94 13.16
CA TYR A 195 14.85 -14.11 12.38
C TYR A 195 15.74 -12.87 12.51
N ALA A 196 15.16 -11.78 13.00
CA ALA A 196 15.91 -10.54 13.21
C ALA A 196 16.51 -10.51 14.62
N ALA A 197 15.92 -11.30 15.52
CA ALA A 197 16.37 -11.34 16.92
C ALA A 197 17.32 -12.52 17.18
N THR A 198 16.87 -13.73 16.81
CA THR A 198 17.68 -14.94 17.04
C THR A 198 19.17 -14.64 16.92
N VAL A 199 19.66 -14.47 15.68
CA VAL A 199 21.08 -14.21 15.44
C VAL A 199 21.68 -13.36 16.55
N ALA A 200 21.02 -12.25 16.90
CA ALA A 200 21.50 -11.36 17.96
C ALA A 200 20.59 -11.45 19.18
N THR A 201 20.76 -12.51 19.96
CA THR A 201 19.96 -12.74 21.17
C THR A 201 20.82 -13.34 22.27
N ALA A 202 20.39 -13.16 23.52
CA ALA A 202 21.14 -13.69 24.64
C ALA A 202 21.49 -15.17 24.40
N PRO A 203 22.73 -15.58 24.56
CA PRO A 203 23.14 -17.00 24.32
C PRO A 203 22.73 -17.96 25.45
N GLU A 204 21.45 -18.36 25.44
CA GLU A 204 20.96 -19.29 26.46
C GLU A 204 19.52 -19.73 26.16
N VAL A 205 18.78 -18.88 25.44
CA VAL A 205 17.38 -19.17 25.11
C VAL A 205 17.09 -18.90 23.64
N LYS A 206 18.13 -18.96 22.80
CA LYS A 206 17.96 -18.67 21.37
C LYS A 206 16.84 -19.50 20.77
N TYR A 207 16.78 -20.79 21.13
CA TYR A 207 15.71 -21.65 20.61
C TYR A 207 14.45 -21.44 21.43
N THR A 208 14.60 -21.48 22.76
CA THR A 208 13.47 -21.33 23.64
C THR A 208 12.65 -20.10 23.27
N VAL A 209 13.32 -19.01 22.89
CA VAL A 209 12.60 -17.81 22.50
C VAL A 209 11.71 -18.13 21.30
N PHE A 210 12.29 -18.80 20.32
CA PHE A 210 11.57 -19.16 19.10
C PHE A 210 10.33 -19.97 19.47
N GLU A 211 10.46 -20.84 20.46
CA GLU A 211 9.34 -21.65 20.91
C GLU A 211 8.39 -20.84 21.80
N THR A 212 8.97 -20.07 22.70
CA THR A 212 8.18 -19.27 23.64
C THR A 212 7.40 -18.13 22.96
N ALA A 213 8.07 -17.37 22.10
CA ALA A 213 7.41 -16.25 21.43
C ALA A 213 6.32 -16.71 20.47
N LEU A 214 6.59 -17.77 19.73
CA LEU A 214 5.63 -18.28 18.76
C LEU A 214 4.35 -18.73 19.47
N LYS A 215 4.52 -19.46 20.56
CA LYS A 215 3.37 -19.92 21.31
C LYS A 215 2.59 -18.74 21.86
N LYS A 216 3.29 -17.72 22.32
CA LYS A 216 2.64 -16.54 22.87
C LYS A 216 1.82 -15.81 21.81
N ALA A 217 2.39 -15.59 20.62
CA ALA A 217 1.67 -14.88 19.56
C ALA A 217 0.45 -15.67 19.10
N ILE A 218 0.65 -16.96 18.88
CA ILE A 218 -0.44 -17.83 18.41
C ILE A 218 -1.53 -17.94 19.46
N THR A 219 -1.14 -18.02 20.72
CA THR A 219 -2.11 -18.11 21.81
C THR A 219 -2.99 -16.86 21.80
N ALA A 220 -2.35 -15.71 21.63
CA ALA A 220 -3.08 -14.45 21.64
C ALA A 220 -4.15 -14.47 20.55
N MET A 221 -3.76 -14.84 19.33
CA MET A 221 -4.71 -14.91 18.23
C MET A 221 -5.69 -16.07 18.44
N SER A 222 -5.29 -17.04 19.24
CA SER A 222 -6.15 -18.18 19.52
C SER A 222 -7.30 -17.77 20.45
N GLU A 223 -6.95 -17.13 21.57
CA GLU A 223 -7.94 -16.67 22.54
C GLU A 223 -8.73 -15.50 21.98
N ALA A 224 -8.04 -14.63 21.25
CA ALA A 224 -8.67 -13.45 20.67
C ALA A 224 -9.79 -13.86 19.71
N GLN A 225 -9.73 -15.10 19.24
CA GLN A 225 -10.75 -15.58 18.31
C GLN A 225 -12.13 -15.53 18.95
N LYS A 226 -12.25 -16.02 20.18
CA LYS A 226 -13.54 -16.00 20.87
C LYS A 226 -13.71 -14.70 21.65
N ALA A 227 -12.64 -14.28 22.32
CA ALA A 227 -12.67 -13.05 23.10
C ALA A 227 -12.90 -11.84 22.19
N ALA A 228 -12.25 -11.86 21.02
CA ALA A 228 -12.38 -10.77 20.06
C ALA A 228 -11.79 -9.48 20.64
N LYS A 229 -10.73 -9.62 21.42
CA LYS A 229 -10.06 -8.45 22.01
C LYS A 229 -11.07 -7.56 22.73
N PRO A 230 -11.65 -8.03 23.80
CA PRO A 230 -12.66 -7.26 24.58
C PRO A 230 -12.03 -6.14 25.40
N ALA A 231 -12.80 -5.10 25.69
CA ALA A 231 -12.31 -3.97 26.46
C ALA A 231 -11.56 -4.46 27.70
N PRO A 1 23.07 -3.35 -2.03
CA PRO A 1 22.30 -3.61 -3.28
C PRO A 1 20.87 -4.00 -2.93
N ALA A 2 20.35 -3.44 -1.85
CA ALA A 2 18.99 -3.74 -1.41
C ALA A 2 17.99 -3.29 -2.46
N GLY A 3 16.96 -4.09 -2.67
CA GLY A 3 15.92 -3.76 -3.66
C GLY A 3 15.25 -2.44 -3.34
N LYS A 4 14.99 -2.20 -2.06
CA LYS A 4 14.34 -0.96 -1.65
C LYS A 4 12.95 -0.85 -2.28
N ALA A 5 12.05 -1.73 -1.87
CA ALA A 5 10.69 -1.71 -2.40
C ALA A 5 9.84 -0.68 -1.66
N THR A 6 10.34 -0.23 -0.51
CA THR A 6 9.63 0.75 0.31
C THR A 6 10.61 1.74 0.94
N THR A 7 10.19 2.37 2.05
CA THR A 7 11.03 3.34 2.75
C THR A 7 11.28 2.90 4.18
N GLU A 8 12.32 3.47 4.80
CA GLU A 8 12.66 3.14 6.17
C GLU A 8 11.54 3.54 7.14
N GLU A 9 10.91 4.67 6.86
CA GLU A 9 9.82 5.13 7.72
C GLU A 9 8.69 4.11 7.69
N GLN A 10 8.12 3.94 6.51
CA GLN A 10 6.99 3.02 6.35
C GLN A 10 7.40 1.62 6.79
N LYS A 11 8.62 1.23 6.48
CA LYS A 11 9.11 -0.09 6.88
C LYS A 11 9.37 -0.18 8.38
N LEU A 12 9.98 0.87 8.93
CA LEU A 12 10.33 0.92 10.36
C LEU A 12 9.09 0.96 11.25
N ILE A 13 8.07 1.70 10.82
CA ILE A 13 6.85 1.84 11.62
C ILE A 13 6.30 0.47 12.04
N GLU A 14 6.66 -0.59 11.31
CA GLU A 14 6.20 -1.94 11.63
C GLU A 14 7.11 -2.61 12.66
N LYS A 15 8.37 -2.22 12.62
CA LYS A 15 9.37 -2.79 13.52
C LYS A 15 9.35 -2.11 14.89
N ILE A 16 9.03 -0.81 14.92
CA ILE A 16 9.02 -0.07 16.17
C ILE A 16 8.04 -0.70 17.16
N ASN A 17 7.10 -1.48 16.65
CA ASN A 17 6.11 -2.09 17.52
C ASN A 17 6.83 -2.94 18.56
N ALA A 18 7.81 -3.73 18.13
CA ALA A 18 8.55 -4.57 19.06
C ALA A 18 9.23 -3.73 20.13
N GLY A 19 9.84 -2.61 19.74
CA GLY A 19 10.50 -1.76 20.71
C GLY A 19 9.49 -1.21 21.71
N PHE A 20 8.32 -0.82 21.20
CA PHE A 20 7.26 -0.28 22.05
C PHE A 20 6.69 -1.38 22.91
N LYS A 21 6.58 -2.55 22.32
CA LYS A 21 6.04 -3.68 23.05
C LYS A 21 6.86 -3.96 24.29
N ALA A 22 8.16 -3.70 24.22
CA ALA A 22 9.04 -3.94 25.35
C ALA A 22 8.59 -3.15 26.58
N ALA A 23 8.16 -1.90 26.37
CA ALA A 23 7.70 -1.08 27.50
C ALA A 23 6.22 -1.30 27.78
N LEU A 24 5.42 -1.36 26.71
CA LEU A 24 3.98 -1.54 26.88
C LEU A 24 3.69 -2.90 27.52
N ALA A 25 4.39 -3.93 27.04
CA ALA A 25 4.22 -5.27 27.59
C ALA A 25 4.75 -5.33 29.01
N ALA A 26 5.80 -4.57 29.26
CA ALA A 26 6.42 -4.54 30.59
C ALA A 26 5.57 -3.75 31.58
N ALA A 27 4.59 -3.00 31.08
CA ALA A 27 3.72 -2.24 31.96
C ALA A 27 2.94 -3.20 32.88
N ALA A 28 2.50 -4.31 32.30
CA ALA A 28 1.73 -5.32 33.04
C ALA A 28 2.59 -6.55 33.32
N GLY A 29 2.23 -7.30 34.36
CA GLY A 29 2.96 -8.51 34.74
C GLY A 29 3.78 -8.26 36.00
N VAL A 30 4.36 -7.07 36.09
CA VAL A 30 5.16 -6.71 37.25
C VAL A 30 4.24 -6.41 38.44
N GLN A 31 4.75 -6.55 39.68
CA GLN A 31 3.93 -6.29 40.86
C GLN A 31 3.56 -4.80 40.92
N PRO A 32 2.41 -4.46 41.46
CA PRO A 32 1.98 -3.03 41.57
C PRO A 32 3.13 -2.10 41.96
N ALA A 33 3.86 -1.63 40.95
CA ALA A 33 4.99 -0.73 41.15
C ALA A 33 5.95 -0.83 39.96
N ASP A 34 6.83 0.16 39.79
CA ASP A 34 7.79 0.15 38.67
C ASP A 34 7.07 0.24 37.33
N LYS A 35 5.85 -0.30 37.27
CA LYS A 35 5.06 -0.30 36.04
C LYS A 35 4.88 1.12 35.50
N TYR A 36 4.99 2.11 36.38
CA TYR A 36 4.86 3.51 35.96
C TYR A 36 6.20 4.02 35.44
N ARG A 37 7.22 3.90 36.28
CA ARG A 37 8.56 4.37 35.93
C ARG A 37 9.13 3.59 34.75
N THR A 38 8.59 2.41 34.47
CA THR A 38 9.06 1.61 33.35
C THR A 38 8.76 2.31 32.04
N PHE A 39 7.56 2.89 31.95
CA PHE A 39 7.14 3.54 30.72
C PHE A 39 8.25 4.44 30.18
N VAL A 40 8.57 5.53 30.89
CA VAL A 40 9.60 6.43 30.42
C VAL A 40 10.98 5.78 30.41
N ALA A 41 11.28 5.11 31.51
CA ALA A 41 12.59 4.47 31.69
C ALA A 41 12.89 3.42 30.60
N THR A 42 11.89 2.61 30.26
CA THR A 42 12.08 1.57 29.24
C THR A 42 11.81 2.09 27.83
N PHE A 43 10.78 2.92 27.68
CA PHE A 43 10.42 3.46 26.37
C PHE A 43 11.59 4.26 25.81
N GLY A 44 12.41 4.80 26.69
CA GLY A 44 13.56 5.58 26.26
C GLY A 44 14.46 4.72 25.37
N ALA A 45 14.64 3.47 25.77
CA ALA A 45 15.45 2.54 25.00
C ALA A 45 14.76 2.15 23.70
N ALA A 46 13.43 1.97 23.76
CA ALA A 46 12.66 1.55 22.59
C ALA A 46 12.76 2.54 21.45
N SER A 47 12.64 3.82 21.74
CA SER A 47 12.73 4.81 20.69
C SER A 47 14.16 4.90 20.17
N ASN A 48 15.11 4.72 21.08
CA ASN A 48 16.51 4.77 20.71
C ASN A 48 16.84 3.70 19.68
N LYS A 49 16.34 2.49 19.90
CA LYS A 49 16.58 1.40 18.96
C LYS A 49 15.99 1.74 17.60
N ALA A 50 14.73 2.17 17.59
CA ALA A 50 14.08 2.53 16.33
C ALA A 50 14.81 3.70 15.68
N PHE A 51 15.13 4.68 16.50
CA PHE A 51 15.82 5.88 16.03
C PHE A 51 17.19 5.51 15.44
N ALA A 52 17.88 4.59 16.11
CA ALA A 52 19.18 4.14 15.64
C ALA A 52 19.05 3.14 14.50
N GLU A 53 17.86 2.57 14.36
CA GLU A 53 17.60 1.60 13.30
C GLU A 53 17.10 2.28 12.02
N GLY A 54 16.42 3.41 12.17
CA GLY A 54 15.87 4.11 11.02
C GLY A 54 16.96 4.45 10.02
N LEU A 55 18.01 5.15 10.45
CA LEU A 55 19.08 5.53 9.54
C LEU A 55 19.92 4.31 9.19
N SER A 56 20.34 4.24 7.93
CA SER A 56 21.17 3.13 7.46
C SER A 56 22.61 3.30 7.95
N GLY A 57 23.42 2.27 7.76
CA GLY A 57 24.81 2.31 8.19
C GLY A 57 25.62 3.24 7.30
N GLU A 58 24.97 3.75 6.25
CA GLU A 58 25.61 4.67 5.32
C GLU A 58 24.63 5.74 4.85
N PRO A 59 24.28 6.67 5.71
CA PRO A 59 23.30 7.75 5.37
C PRO A 59 23.94 8.85 4.54
N LYS A 60 23.16 9.44 3.64
CA LYS A 60 23.65 10.52 2.78
C LYS A 60 24.09 11.70 3.63
N GLY A 61 23.28 12.03 4.62
CA GLY A 61 23.58 13.16 5.50
C GLY A 61 22.41 13.43 6.45
N ALA A 62 22.45 14.58 7.11
CA ALA A 62 21.40 14.97 8.04
C ALA A 62 20.07 15.11 7.32
N ALA A 63 20.14 15.30 6.01
CA ALA A 63 18.94 15.45 5.19
C ALA A 63 18.05 14.21 5.31
N GLU A 64 18.68 13.06 5.49
CA GLU A 64 17.94 11.81 5.62
C GLU A 64 16.96 11.88 6.79
N SER A 65 17.40 12.50 7.88
CA SER A 65 16.56 12.63 9.06
C SER A 65 15.56 13.77 8.91
N SER A 66 15.48 14.32 7.70
CA SER A 66 14.53 15.41 7.44
C SER A 66 13.11 14.86 7.38
N SER A 67 12.93 13.78 6.62
CA SER A 67 11.63 13.16 6.47
C SER A 67 11.21 12.43 7.75
N LYS A 68 12.17 11.78 8.40
CA LYS A 68 11.92 11.04 9.62
C LYS A 68 11.50 11.95 10.76
N ALA A 69 11.84 13.23 10.66
CA ALA A 69 11.50 14.18 11.71
C ALA A 69 9.99 14.20 11.95
N ALA A 70 9.22 14.13 10.88
CA ALA A 70 7.76 14.16 11.03
C ALA A 70 7.32 13.02 11.94
N LEU A 71 7.90 11.84 11.74
CA LEU A 71 7.56 10.70 12.57
C LEU A 71 7.92 10.97 14.03
N THR A 72 9.10 11.52 14.26
CA THR A 72 9.55 11.77 15.63
C THR A 72 8.72 12.85 16.31
N SER A 73 8.49 13.95 15.62
CA SER A 73 7.72 15.03 16.20
C SER A 73 6.33 14.54 16.56
N LYS A 74 5.76 13.73 15.67
CA LYS A 74 4.45 13.16 15.91
C LYS A 74 4.51 12.21 17.11
N LEU A 75 5.57 11.41 17.16
CA LEU A 75 5.73 10.45 18.25
C LEU A 75 6.20 11.15 19.53
N ASP A 76 6.83 12.30 19.39
CA ASP A 76 7.30 13.03 20.56
C ASP A 76 6.13 13.74 21.24
N ALA A 77 5.40 14.53 20.46
CA ALA A 77 4.26 15.27 20.98
C ALA A 77 3.13 14.35 21.44
N ALA A 78 2.83 13.32 20.65
CA ALA A 78 1.75 12.39 21.00
C ALA A 78 2.08 11.59 22.25
N TYR A 79 3.31 11.12 22.33
CA TYR A 79 3.74 10.32 23.48
C TYR A 79 3.63 11.13 24.76
N LYS A 80 4.17 12.34 24.74
CA LYS A 80 4.13 13.23 25.89
C LYS A 80 2.71 13.75 26.12
N LEU A 81 2.00 14.01 25.04
CA LEU A 81 0.63 14.51 25.14
C LEU A 81 -0.28 13.41 25.69
N ALA A 82 -0.07 12.20 25.21
CA ALA A 82 -0.88 11.08 25.65
C ALA A 82 -0.71 10.83 27.14
N TYR A 83 0.54 10.86 27.60
CA TYR A 83 0.82 10.66 29.02
C TYR A 83 0.36 11.86 29.84
N LYS A 84 0.62 13.06 29.33
CA LYS A 84 0.24 14.28 30.01
C LYS A 84 -1.27 14.28 30.24
N THR A 85 -2.02 13.84 29.23
CA THR A 85 -3.46 13.79 29.32
C THR A 85 -3.88 12.98 30.55
N ALA A 86 -3.03 12.04 30.96
CA ALA A 86 -3.33 11.21 32.12
C ALA A 86 -3.53 12.08 33.35
N GLU A 87 -2.71 13.12 33.47
CA GLU A 87 -2.82 14.03 34.62
C GLU A 87 -4.18 14.71 34.61
N GLY A 88 -4.67 15.05 33.41
CA GLY A 88 -5.98 15.69 33.26
C GLY A 88 -6.96 14.71 32.62
N ALA A 89 -7.37 13.70 33.40
CA ALA A 89 -8.30 12.68 32.92
C ALA A 89 -9.34 12.37 33.97
N THR A 90 -10.06 11.28 33.78
CA THR A 90 -11.10 10.87 34.73
C THR A 90 -10.65 9.60 35.46
N PRO A 91 -10.88 9.49 36.76
CA PRO A 91 -10.47 8.26 37.52
C PRO A 91 -10.87 6.97 36.79
N GLU A 92 -10.33 5.83 37.25
CA GLU A 92 -10.64 4.53 36.65
C GLU A 92 -10.04 4.40 35.25
N ALA A 93 -10.09 5.49 34.48
CA ALA A 93 -9.57 5.48 33.11
C ALA A 93 -8.30 6.33 32.99
N LYS A 94 -7.46 6.29 34.03
CA LYS A 94 -6.22 7.08 33.99
C LYS A 94 -5.17 6.39 33.12
N TYR A 95 -4.68 5.21 33.56
CA TYR A 95 -3.68 4.49 32.80
C TYR A 95 -4.25 3.87 31.53
N ASP A 96 -5.44 3.29 31.61
CA ASP A 96 -6.02 2.66 30.42
C ASP A 96 -6.19 3.68 29.31
N ALA A 97 -6.67 4.87 29.65
CA ALA A 97 -6.87 5.91 28.65
C ALA A 97 -5.52 6.33 28.06
N TYR A 98 -4.52 6.47 28.92
CA TYR A 98 -3.19 6.89 28.48
C TYR A 98 -2.63 5.88 27.48
N VAL A 99 -2.67 4.62 27.85
CA VAL A 99 -2.17 3.56 26.99
C VAL A 99 -3.01 3.50 25.72
N ALA A 100 -4.33 3.56 25.90
CA ALA A 100 -5.24 3.53 24.76
C ALA A 100 -5.03 4.77 23.88
N THR A 101 -4.73 5.89 24.54
CA THR A 101 -4.52 7.15 23.82
C THR A 101 -3.41 7.05 22.78
N LEU A 102 -2.30 6.36 23.09
CA LEU A 102 -1.23 6.27 22.12
C LEU A 102 -1.74 5.61 20.85
N SER A 103 -2.37 4.43 20.96
CA SER A 103 -2.84 3.73 19.77
C SER A 103 -3.54 4.65 18.79
N GLU A 104 -4.34 5.59 19.27
CA GLU A 104 -5.02 6.49 18.35
C GLU A 104 -3.99 7.33 17.58
N ALA A 105 -3.05 7.91 18.32
CA ALA A 105 -1.99 8.72 17.70
C ALA A 105 -1.06 7.84 16.87
N LEU A 106 -0.74 6.67 17.40
CA LEU A 106 0.14 5.75 16.70
C LEU A 106 -0.57 5.12 15.50
N ARG A 107 -1.84 4.79 15.67
CA ARG A 107 -2.62 4.15 14.60
C ARG A 107 -2.90 5.10 13.44
N ILE A 108 -3.26 6.34 13.76
CA ILE A 108 -3.60 7.31 12.71
C ILE A 108 -2.40 7.62 11.80
N ILE A 109 -1.19 7.54 12.33
CA ILE A 109 -0.02 7.83 11.51
C ILE A 109 0.04 6.85 10.34
N ALA A 110 -0.27 5.60 10.63
CA ALA A 110 -0.28 4.55 9.63
C ALA A 110 -1.38 4.80 8.60
N GLY A 111 -2.48 5.39 9.06
CA GLY A 111 -3.60 5.70 8.19
C GLY A 111 -3.30 6.93 7.34
N THR A 112 -2.42 7.79 7.84
CA THR A 112 -2.06 9.01 7.11
C THR A 112 -1.04 8.70 6.01
N LEU A 113 0.18 8.36 6.40
CA LEU A 113 1.23 8.06 5.43
C LEU A 113 0.81 6.88 4.56
N GLU A 114 1.08 7.00 3.26
CA GLU A 114 0.73 5.94 2.31
C GLU A 114 1.70 4.77 2.43
N VAL A 115 1.24 3.58 2.03
CA VAL A 115 2.08 2.38 2.08
C VAL A 115 2.14 1.69 0.71
N HIS A 116 1.15 1.97 -0.13
CA HIS A 116 1.09 1.37 -1.47
C HIS A 116 1.58 2.36 -2.53
N ALA A 117 2.89 2.35 -2.78
CA ALA A 117 3.47 3.25 -3.76
C ALA A 117 4.78 2.69 -4.30
N VAL A 118 4.72 1.46 -4.80
CA VAL A 118 5.89 0.80 -5.34
C VAL A 118 5.94 0.95 -6.86
N LYS A 119 6.84 1.80 -7.35
CA LYS A 119 7.00 2.03 -8.78
C LYS A 119 5.63 2.07 -9.46
N PRO A 120 4.76 2.95 -9.03
CA PRO A 120 3.39 3.08 -9.62
C PRO A 120 3.42 3.75 -10.99
N ALA A 121 2.65 3.19 -11.93
CA ALA A 121 2.57 3.76 -13.27
C ALA A 121 1.72 5.01 -13.27
N ALA A 122 0.56 4.91 -12.60
CA ALA A 122 -0.37 6.03 -12.53
C ALA A 122 0.17 7.15 -11.65
N GLU A 123 -0.15 8.39 -12.03
CA GLU A 123 0.30 9.56 -11.28
C GLU A 123 1.82 9.65 -11.28
N GLU A 124 2.35 10.54 -12.12
CA GLU A 124 3.79 10.72 -12.22
C GLU A 124 4.39 10.99 -10.85
N VAL A 125 5.61 10.51 -10.63
CA VAL A 125 6.29 10.70 -9.35
C VAL A 125 6.55 12.17 -9.08
N LYS A 126 6.93 12.92 -10.13
CA LYS A 126 7.21 14.35 -9.98
C LYS A 126 6.69 15.11 -11.20
N VAL A 127 6.59 16.43 -11.08
CA VAL A 127 6.11 17.26 -12.18
C VAL A 127 6.75 16.83 -13.49
N ILE A 128 6.13 17.24 -14.61
CA ILE A 128 6.63 16.91 -15.94
C ILE A 128 6.67 18.15 -16.82
N PRO A 129 7.73 18.92 -16.77
CA PRO A 129 7.86 20.16 -17.60
C PRO A 129 8.27 19.84 -19.04
N ALA A 130 9.58 19.78 -19.28
CA ALA A 130 10.10 19.48 -20.62
C ALA A 130 11.23 18.47 -20.54
N GLY A 131 10.90 17.27 -20.06
CA GLY A 131 11.89 16.20 -19.93
C GLY A 131 11.37 14.93 -20.61
N GLU A 132 12.30 14.07 -21.01
CA GLU A 132 11.97 12.82 -21.69
C GLU A 132 11.48 13.10 -23.11
N LEU A 133 10.84 14.24 -23.31
CA LEU A 133 10.37 14.60 -24.65
C LEU A 133 11.57 14.89 -25.54
N GLN A 134 12.65 15.31 -24.90
CA GLN A 134 13.87 15.66 -25.62
C GLN A 134 14.33 14.48 -26.48
N VAL A 135 14.14 13.26 -25.99
CA VAL A 135 14.54 12.09 -26.79
C VAL A 135 13.99 12.21 -28.21
N ILE A 136 13.02 13.12 -28.38
CA ILE A 136 12.43 13.33 -29.70
C ILE A 136 13.51 13.74 -30.71
N GLU A 137 14.55 14.39 -30.21
CA GLU A 137 15.60 14.85 -31.08
C GLU A 137 16.25 13.68 -31.81
N LYS A 138 16.67 12.66 -31.07
CA LYS A 138 17.28 11.48 -31.67
C LYS A 138 16.29 10.71 -32.54
N VAL A 139 15.04 10.64 -32.07
CA VAL A 139 14.01 9.92 -32.79
C VAL A 139 13.88 10.47 -34.20
N ASP A 140 13.82 11.79 -34.31
CA ASP A 140 13.70 12.42 -35.63
C ASP A 140 14.90 12.07 -36.50
N ALA A 141 16.10 12.16 -35.92
CA ALA A 141 17.32 11.86 -36.68
C ALA A 141 17.34 10.41 -37.14
N ALA A 142 17.31 9.49 -36.19
CA ALA A 142 17.37 8.06 -36.51
C ALA A 142 16.25 7.65 -37.46
N PHE A 143 15.20 8.45 -37.53
CA PHE A 143 14.08 8.12 -38.41
C PHE A 143 14.58 8.00 -39.85
N LYS A 144 15.54 8.86 -40.20
CA LYS A 144 16.11 8.84 -41.55
C LYS A 144 16.72 7.47 -41.85
N VAL A 145 17.52 6.97 -40.90
CA VAL A 145 18.18 5.68 -41.06
C VAL A 145 17.18 4.62 -41.53
N ALA A 146 15.89 4.88 -41.32
CA ALA A 146 14.85 3.96 -41.75
C ALA A 146 14.47 4.26 -43.20
N ALA A 147 14.39 5.55 -43.52
CA ALA A 147 14.02 5.98 -44.87
C ALA A 147 15.04 5.51 -45.93
N THR A 148 16.33 5.64 -45.62
CA THR A 148 17.36 5.22 -46.57
C THR A 148 17.55 3.71 -46.52
N ALA A 149 17.98 3.22 -45.37
CA ALA A 149 18.21 1.79 -45.20
C ALA A 149 17.05 0.98 -45.78
N ALA A 150 15.90 1.64 -45.94
CA ALA A 150 14.73 0.98 -46.53
C ALA A 150 14.78 1.09 -48.05
N ASN A 151 15.33 2.20 -48.54
CA ASN A 151 15.41 2.46 -49.97
C ASN A 151 16.25 1.40 -50.68
N ALA A 152 17.43 1.10 -50.16
CA ALA A 152 18.30 0.10 -50.77
C ALA A 152 17.63 -1.26 -50.80
N ALA A 153 16.69 -1.46 -49.88
CA ALA A 153 15.96 -2.71 -49.81
C ALA A 153 14.88 -2.72 -50.91
N PRO A 154 14.62 -3.82 -51.56
CA PRO A 154 13.58 -3.88 -52.64
C PRO A 154 12.19 -3.73 -52.04
N ALA A 155 11.27 -3.08 -52.77
CA ALA A 155 9.89 -2.88 -52.31
C ALA A 155 9.44 -4.01 -51.40
N ASN A 156 8.75 -5.00 -51.98
CA ASN A 156 8.27 -6.16 -51.21
C ASN A 156 8.03 -5.79 -49.75
N ASP A 157 8.96 -6.23 -48.88
CA ASP A 157 8.87 -5.95 -47.45
C ASP A 157 9.61 -4.65 -47.13
N LYS A 158 8.87 -3.60 -46.74
CA LYS A 158 9.48 -2.31 -46.39
C LYS A 158 9.19 -1.98 -44.93
N PHE A 159 8.05 -2.46 -44.46
CA PHE A 159 7.66 -2.25 -43.07
C PHE A 159 8.62 -2.99 -42.15
N THR A 160 9.02 -4.18 -42.60
CA THR A 160 9.92 -5.01 -41.82
C THR A 160 11.16 -4.20 -41.43
N VAL A 161 11.78 -3.55 -42.41
CA VAL A 161 12.98 -2.76 -42.13
C VAL A 161 12.65 -1.67 -41.13
N PHE A 162 11.52 -1.01 -41.34
CA PHE A 162 11.11 0.05 -40.43
C PHE A 162 10.94 -0.52 -39.02
N GLU A 163 10.16 -1.58 -38.92
CA GLU A 163 9.93 -2.23 -37.63
C GLU A 163 11.25 -2.70 -37.03
N ALA A 164 12.24 -2.90 -37.89
CA ALA A 164 13.55 -3.33 -37.43
C ALA A 164 14.31 -2.17 -36.79
N ALA A 165 14.62 -1.15 -37.59
CA ALA A 165 15.35 0.02 -37.10
C ALA A 165 14.51 0.85 -36.13
N PHE A 166 13.24 1.02 -36.47
CA PHE A 166 12.34 1.83 -35.65
C PHE A 166 12.28 1.25 -34.24
N ASN A 167 12.03 -0.06 -34.16
CA ASN A 167 11.95 -0.74 -32.87
C ASN A 167 13.32 -0.90 -32.22
N ASP A 168 14.35 -1.10 -33.05
CA ASP A 168 15.72 -1.29 -32.55
C ASP A 168 16.39 0.06 -32.28
N ALA A 169 16.51 0.88 -33.31
CA ALA A 169 17.19 2.17 -33.16
C ALA A 169 16.75 2.86 -31.87
N ILE A 170 15.56 2.50 -31.38
CA ILE A 170 15.07 3.07 -30.13
C ILE A 170 15.47 2.17 -28.96
N LYS A 171 15.12 0.89 -29.07
CA LYS A 171 15.42 -0.08 -28.02
C LYS A 171 16.92 -0.23 -27.81
N ALA A 172 17.67 -0.37 -28.90
CA ALA A 172 19.11 -0.58 -28.78
C ALA A 172 19.80 0.57 -28.07
N SER A 173 19.44 1.81 -28.39
CA SER A 173 20.08 2.95 -27.73
C SER A 173 19.44 3.20 -26.37
N THR A 174 18.12 3.41 -26.37
CA THR A 174 17.39 3.66 -25.12
C THR A 174 16.73 2.37 -24.63
N GLY A 175 17.51 1.30 -24.59
CA GLY A 175 16.99 0.02 -24.12
C GLY A 175 16.61 0.13 -22.64
N GLY A 176 17.45 0.82 -21.88
CA GLY A 176 17.20 1.02 -20.45
C GLY A 176 16.25 2.19 -20.21
N ALA A 177 15.01 2.07 -20.68
CA ALA A 177 14.04 3.13 -20.52
C ALA A 177 12.69 2.70 -21.10
N TYR A 178 12.60 2.67 -22.42
CA TYR A 178 11.37 2.28 -23.10
C TYR A 178 11.70 1.51 -24.38
N GLU A 179 11.79 0.19 -24.28
CA GLU A 179 12.09 -0.63 -25.44
C GLU A 179 10.93 -0.62 -26.43
N SER A 180 9.76 -1.01 -25.95
CA SER A 180 8.57 -1.06 -26.79
C SER A 180 8.16 0.33 -27.24
N TYR A 181 7.55 0.41 -28.42
CA TYR A 181 7.10 1.68 -28.96
C TYR A 181 6.13 2.35 -28.00
N LYS A 182 5.26 3.21 -28.53
CA LYS A 182 4.28 3.93 -27.70
C LYS A 182 4.93 4.30 -26.34
N PHE A 183 6.00 5.12 -26.38
CA PHE A 183 6.70 5.52 -25.16
C PHE A 183 6.24 6.89 -24.66
N ILE A 184 5.23 7.45 -25.32
CA ILE A 184 4.70 8.76 -24.91
C ILE A 184 3.25 8.92 -25.39
N PRO A 185 2.41 9.65 -24.68
CA PRO A 185 0.97 9.85 -25.12
C PRO A 185 0.86 10.52 -26.50
N ALA A 186 -0.23 10.21 -27.19
CA ALA A 186 -0.49 10.78 -28.51
C ALA A 186 0.20 9.98 -29.61
N LEU A 187 1.47 9.65 -29.40
CA LEU A 187 2.20 8.90 -30.41
C LEU A 187 1.53 7.55 -30.65
N GLU A 188 1.28 6.82 -29.57
CA GLU A 188 0.67 5.50 -29.70
C GLU A 188 -0.41 5.46 -30.77
N ALA A 189 -1.11 6.57 -30.94
CA ALA A 189 -2.14 6.63 -31.98
C ALA A 189 -1.50 6.76 -33.36
N ALA A 190 -0.45 7.59 -33.42
CA ALA A 190 0.23 7.85 -34.68
C ALA A 190 0.45 6.56 -35.45
N VAL A 191 1.06 5.56 -34.83
CA VAL A 191 1.29 4.29 -35.52
C VAL A 191 -0.05 3.63 -35.88
N LYS A 192 -1.02 3.70 -34.96
CA LYS A 192 -2.33 3.08 -35.20
C LYS A 192 -3.03 3.69 -36.43
N GLN A 193 -2.94 5.01 -36.58
CA GLN A 193 -3.58 5.65 -37.74
C GLN A 193 -2.75 5.36 -38.99
N ALA A 194 -1.45 5.51 -38.83
CA ALA A 194 -0.53 5.31 -39.94
C ALA A 194 -0.69 3.90 -40.49
N TYR A 195 -0.78 2.92 -39.59
CA TYR A 195 -0.96 1.53 -40.00
C TYR A 195 -2.38 1.32 -40.54
N ALA A 196 -3.25 2.28 -40.23
CA ALA A 196 -4.65 2.25 -40.72
C ALA A 196 -4.75 3.05 -42.02
N ALA A 197 -3.75 3.89 -42.24
CA ALA A 197 -3.68 4.76 -43.41
C ALA A 197 -3.16 4.02 -44.64
N THR A 198 -3.05 2.70 -44.52
CA THR A 198 -2.57 1.87 -45.64
C THR A 198 -3.72 1.03 -46.21
N VAL A 199 -4.09 -0.04 -45.52
CA VAL A 199 -5.17 -0.90 -46.01
C VAL A 199 -6.52 -0.21 -45.94
N ALA A 200 -6.61 0.96 -46.56
CA ALA A 200 -7.85 1.77 -46.59
C ALA A 200 -7.48 3.23 -46.77
N THR A 201 -6.76 3.54 -47.85
CA THR A 201 -6.33 4.91 -48.12
C THR A 201 -6.24 5.18 -49.62
N ALA A 202 -6.41 6.44 -49.97
CA ALA A 202 -6.38 6.86 -51.36
C ALA A 202 -5.26 6.15 -52.13
N PRO A 203 -5.37 6.15 -53.44
CA PRO A 203 -4.32 5.58 -54.30
C PRO A 203 -3.08 6.46 -54.15
N GLU A 204 -1.96 6.11 -54.76
CA GLU A 204 -0.79 6.95 -54.62
C GLU A 204 -0.52 7.24 -53.14
N VAL A 205 0.50 8.06 -52.85
CA VAL A 205 0.89 8.41 -51.49
C VAL A 205 0.78 7.24 -50.52
N LYS A 206 0.68 6.03 -51.04
CA LYS A 206 0.55 4.86 -50.18
C LYS A 206 1.62 4.86 -49.09
N TYR A 207 2.90 5.01 -49.48
CA TYR A 207 3.97 5.05 -48.49
C TYR A 207 4.11 6.47 -47.95
N THR A 208 4.10 7.45 -48.86
CA THR A 208 4.26 8.85 -48.47
C THR A 208 3.45 9.15 -47.22
N VAL A 209 2.27 8.56 -47.11
CA VAL A 209 1.45 8.79 -45.94
C VAL A 209 2.16 8.30 -44.68
N PHE A 210 2.71 7.10 -44.78
CA PHE A 210 3.42 6.50 -43.65
C PHE A 210 4.59 7.39 -43.24
N GLU A 211 5.30 7.90 -44.24
CA GLU A 211 6.43 8.77 -43.96
C GLU A 211 5.95 10.15 -43.49
N THR A 212 4.94 10.69 -44.18
CA THR A 212 4.41 12.02 -43.88
C THR A 212 3.69 12.09 -42.54
N ALA A 213 2.80 11.14 -42.26
CA ALA A 213 2.05 11.15 -41.01
C ALA A 213 2.96 11.00 -39.80
N LEU A 214 3.95 10.12 -39.90
CA LEU A 214 4.87 9.88 -38.80
C LEU A 214 5.62 11.17 -38.46
N LYS A 215 6.19 11.82 -39.46
CA LYS A 215 6.91 13.05 -39.23
C LYS A 215 5.98 14.12 -38.68
N LYS A 216 4.76 14.17 -39.21
CA LYS A 216 3.78 15.15 -38.76
C LYS A 216 3.44 14.96 -37.28
N ALA A 217 3.22 13.72 -36.87
CA ALA A 217 2.90 13.45 -35.47
C ALA A 217 4.08 13.78 -34.56
N ILE A 218 5.27 13.39 -35.00
CA ILE A 218 6.49 13.64 -34.24
C ILE A 218 6.81 15.13 -34.18
N THR A 219 6.60 15.83 -35.29
CA THR A 219 6.86 17.27 -35.34
C THR A 219 5.87 17.99 -34.43
N ALA A 220 4.61 17.60 -34.50
CA ALA A 220 3.60 18.26 -33.67
C ALA A 220 4.04 18.16 -32.22
N MET A 221 4.44 16.96 -31.82
CA MET A 221 4.91 16.72 -30.46
C MET A 221 6.28 17.34 -30.23
N SER A 222 7.00 17.63 -31.32
CA SER A 222 8.31 18.26 -31.20
C SER A 222 8.15 19.68 -30.63
N GLU A 223 7.20 20.42 -31.19
CA GLU A 223 6.94 21.79 -30.74
C GLU A 223 6.34 21.78 -29.34
N ALA A 224 5.64 20.70 -29.03
CA ALA A 224 5.01 20.56 -27.71
C ALA A 224 6.08 20.64 -26.62
N GLN A 225 7.32 20.47 -27.03
CA GLN A 225 8.44 20.51 -26.09
C GLN A 225 8.49 21.83 -25.33
N LYS A 226 8.28 22.94 -26.04
CA LYS A 226 8.30 24.25 -25.38
C LYS A 226 7.00 24.50 -24.61
N ALA A 227 5.90 23.94 -25.10
CA ALA A 227 4.60 24.12 -24.45
C ALA A 227 4.38 23.08 -23.36
N ALA A 228 5.29 22.12 -23.27
CA ALA A 228 5.18 21.07 -22.26
C ALA A 228 5.21 21.67 -20.86
N LYS A 229 5.98 22.74 -20.73
CA LYS A 229 6.13 23.42 -19.45
C LYS A 229 4.80 24.01 -18.98
N PRO A 230 4.55 24.10 -17.68
CA PRO A 230 3.29 24.66 -17.13
C PRO A 230 3.24 26.18 -17.28
N ALA A 231 2.03 26.73 -17.33
CA ALA A 231 1.85 28.18 -17.46
C ALA A 231 2.63 28.92 -16.38
N PRO A 1 9.53 1.34 -8.78
CA PRO A 1 8.88 0.20 -8.07
C PRO A 1 9.83 -1.00 -8.04
N ALA A 2 10.48 -1.25 -9.17
CA ALA A 2 11.42 -2.36 -9.26
C ALA A 2 12.57 -2.19 -8.26
N GLY A 3 13.04 -0.96 -8.13
CA GLY A 3 14.14 -0.68 -7.20
C GLY A 3 13.75 -1.04 -5.77
N LYS A 4 12.53 -0.71 -5.39
CA LYS A 4 12.05 -1.01 -4.04
C LYS A 4 10.52 -1.04 -4.02
N ALA A 5 9.96 -1.79 -3.07
CA ALA A 5 8.50 -1.90 -2.93
C ALA A 5 8.01 -0.97 -1.83
N THR A 6 8.80 -0.87 -0.75
CA THR A 6 8.43 -0.04 0.41
C THR A 6 9.59 0.86 0.82
N THR A 7 9.36 1.66 1.86
CA THR A 7 10.37 2.59 2.37
C THR A 7 10.80 2.20 3.77
N GLU A 8 11.90 2.80 4.25
CA GLU A 8 12.41 2.50 5.58
C GLU A 8 11.38 2.89 6.64
N GLU A 9 10.73 4.04 6.45
CA GLU A 9 9.71 4.47 7.40
C GLU A 9 8.53 3.51 7.37
N GLN A 10 7.93 3.39 6.20
CA GLN A 10 6.78 2.52 6.06
C GLN A 10 7.13 1.09 6.48
N LYS A 11 8.34 0.66 6.13
CA LYS A 11 8.78 -0.69 6.50
C LYS A 11 9.12 -0.78 7.99
N LEU A 12 9.83 0.23 8.50
CA LEU A 12 10.25 0.26 9.92
C LEU A 12 9.07 0.40 10.88
N ILE A 13 8.09 1.23 10.51
CA ILE A 13 6.93 1.46 11.36
C ILE A 13 6.32 0.13 11.84
N GLU A 14 6.63 -0.95 11.13
CA GLU A 14 6.12 -2.28 11.52
C GLU A 14 7.03 -2.92 12.55
N LYS A 15 8.29 -2.53 12.52
CA LYS A 15 9.29 -3.06 13.44
C LYS A 15 9.29 -2.34 14.78
N ILE A 16 8.94 -1.05 14.77
CA ILE A 16 8.95 -0.26 16.00
C ILE A 16 7.96 -0.83 17.01
N ASN A 17 7.00 -1.61 16.53
CA ASN A 17 6.01 -2.18 17.43
C ASN A 17 6.70 -3.01 18.50
N ALA A 18 7.66 -3.84 18.09
CA ALA A 18 8.39 -4.68 19.03
C ALA A 18 9.10 -3.83 20.07
N GLY A 19 9.66 -2.70 19.65
CA GLY A 19 10.34 -1.82 20.58
C GLY A 19 9.36 -1.29 21.63
N PHE A 20 8.14 -1.00 21.18
CA PHE A 20 7.11 -0.48 22.07
C PHE A 20 6.70 -1.54 23.08
N LYS A 21 6.63 -2.78 22.63
CA LYS A 21 6.23 -3.86 23.50
C LYS A 21 7.17 -3.96 24.69
N ALA A 22 8.45 -3.74 24.44
CA ALA A 22 9.45 -3.82 25.51
C ALA A 22 9.13 -2.82 26.61
N ALA A 23 8.67 -1.63 26.23
CA ALA A 23 8.33 -0.60 27.22
C ALA A 23 6.93 -0.80 27.78
N LEU A 24 5.97 -1.05 26.89
CA LEU A 24 4.59 -1.24 27.31
C LEU A 24 4.46 -2.49 28.17
N ALA A 25 5.16 -3.55 27.77
CA ALA A 25 5.12 -4.80 28.52
C ALA A 25 5.75 -4.62 29.90
N ALA A 26 6.64 -3.64 30.00
CA ALA A 26 7.32 -3.36 31.26
C ALA A 26 6.38 -2.66 32.24
N ALA A 27 5.27 -2.13 31.73
CA ALA A 27 4.30 -1.43 32.56
C ALA A 27 3.58 -2.42 33.48
N ALA A 28 4.00 -3.68 33.45
CA ALA A 28 3.38 -4.72 34.27
C ALA A 28 4.43 -5.69 34.80
N GLY A 29 4.08 -6.41 35.88
CA GLY A 29 4.98 -7.38 36.50
C GLY A 29 5.65 -6.80 37.75
N VAL A 30 5.63 -5.48 37.86
CA VAL A 30 6.25 -4.80 39.02
C VAL A 30 5.19 -4.21 39.94
N GLN A 31 5.51 -4.06 41.23
CA GLN A 31 4.56 -3.51 42.20
C GLN A 31 4.19 -2.08 41.80
N PRO A 32 2.92 -1.72 41.81
CA PRO A 32 2.50 -0.34 41.43
C PRO A 32 3.42 0.73 42.01
N ALA A 33 4.44 1.11 41.24
CA ALA A 33 5.38 2.13 41.69
C ALA A 33 6.35 2.52 40.58
N ASP A 34 6.86 1.53 39.85
CA ASP A 34 7.80 1.79 38.76
C ASP A 34 7.09 1.67 37.42
N LYS A 35 5.97 0.94 37.41
CA LYS A 35 5.20 0.74 36.19
C LYS A 35 4.95 2.05 35.47
N TYR A 36 5.00 3.17 36.20
CA TYR A 36 4.79 4.47 35.60
C TYR A 36 6.11 5.00 35.01
N ARG A 37 7.17 4.91 35.80
CA ARG A 37 8.47 5.40 35.38
C ARG A 37 9.05 4.56 34.25
N THR A 38 8.55 3.34 34.08
CA THR A 38 9.04 2.47 33.01
C THR A 38 8.66 3.09 31.66
N PHE A 39 7.46 3.62 31.58
CA PHE A 39 6.98 4.20 30.33
C PHE A 39 8.05 5.11 29.72
N VAL A 40 8.36 6.22 30.39
CA VAL A 40 9.35 7.15 29.86
C VAL A 40 10.76 6.56 29.90
N ALA A 41 11.10 5.96 31.05
CA ALA A 41 12.43 5.40 31.26
C ALA A 41 12.79 4.29 30.27
N THR A 42 11.86 3.38 29.99
CA THR A 42 12.15 2.29 29.05
C THR A 42 11.95 2.71 27.60
N PHE A 43 10.89 3.47 27.35
CA PHE A 43 10.59 3.94 26.00
C PHE A 43 11.84 4.57 25.36
N GLY A 44 12.77 4.97 26.20
CA GLY A 44 13.99 5.59 25.71
C GLY A 44 14.71 4.63 24.76
N ALA A 45 14.77 3.36 25.15
CA ALA A 45 15.41 2.34 24.33
C ALA A 45 14.59 2.01 23.08
N ALA A 46 13.26 1.99 23.23
CA ALA A 46 12.39 1.65 22.11
C ALA A 46 12.54 2.60 20.94
N SER A 47 12.51 3.90 21.19
CA SER A 47 12.66 4.85 20.10
C SER A 47 14.10 4.85 19.61
N ASN A 48 15.03 4.62 20.51
CA ASN A 48 16.44 4.58 20.15
C ASN A 48 16.70 3.48 19.13
N LYS A 49 16.09 2.32 19.36
CA LYS A 49 16.25 1.19 18.45
C LYS A 49 15.74 1.56 17.06
N ALA A 50 14.54 2.13 17.01
CA ALA A 50 13.97 2.53 15.73
C ALA A 50 14.84 3.59 15.06
N PHE A 51 15.32 4.52 15.87
CA PHE A 51 16.19 5.59 15.37
C PHE A 51 17.50 5.00 14.85
N ALA A 52 18.05 4.04 15.58
CA ALA A 52 19.29 3.39 15.18
C ALA A 52 19.07 2.50 13.96
N GLU A 53 17.83 2.06 13.77
CA GLU A 53 17.49 1.19 12.64
C GLU A 53 17.10 2.02 11.41
N GLY A 54 16.34 3.08 11.64
CA GLY A 54 15.89 3.94 10.55
C GLY A 54 16.93 5.01 10.22
N LEU A 55 18.07 4.94 10.89
CA LEU A 55 19.14 5.91 10.67
C LEU A 55 19.57 5.91 9.21
N SER A 56 19.72 4.72 8.63
CA SER A 56 20.13 4.59 7.24
C SER A 56 21.64 4.82 7.10
N GLY A 57 22.10 4.96 5.87
CA GLY A 57 23.52 5.18 5.62
C GLY A 57 23.92 6.62 5.91
N GLU A 58 23.83 7.48 4.90
CA GLU A 58 24.19 8.88 5.07
C GLU A 58 23.16 9.59 5.95
N PRO A 59 23.56 10.20 7.05
CA PRO A 59 22.59 10.90 7.95
C PRO A 59 22.08 12.22 7.35
N LYS A 60 22.82 12.74 6.38
CA LYS A 60 22.44 13.98 5.72
C LYS A 60 21.50 13.72 4.54
N GLY A 61 20.28 13.31 4.85
CA GLY A 61 19.29 13.03 3.82
C GLY A 61 18.99 14.29 3.00
N ALA A 62 18.90 15.42 3.70
CA ALA A 62 18.61 16.69 3.05
C ALA A 62 17.29 16.62 2.28
N ALA A 63 16.58 15.50 2.45
CA ALA A 63 15.29 15.32 1.78
C ALA A 63 14.69 13.98 2.15
N GLU A 64 15.54 13.00 2.45
CA GLU A 64 15.09 11.67 2.83
C GLU A 64 15.16 11.47 4.34
N SER A 65 15.77 12.44 5.03
CA SER A 65 15.91 12.39 6.49
C SER A 65 15.14 13.55 7.13
N SER A 66 14.38 14.26 6.31
CA SER A 66 13.59 15.38 6.80
C SER A 66 12.23 14.90 7.31
N SER A 67 11.74 13.81 6.73
CA SER A 67 10.46 13.25 7.14
C SER A 67 10.57 12.53 8.48
N LYS A 68 11.80 12.15 8.84
CA LYS A 68 12.02 11.44 10.11
C LYS A 68 11.60 12.30 11.29
N ALA A 69 11.89 13.59 11.22
CA ALA A 69 11.54 14.51 12.30
C ALA A 69 10.03 14.54 12.50
N ALA A 70 9.29 14.53 11.40
CA ALA A 70 7.82 14.55 11.48
C ALA A 70 7.32 13.32 12.22
N LEU A 71 7.93 12.17 11.92
CA LEU A 71 7.57 10.93 12.58
C LEU A 71 7.84 10.97 14.07
N THR A 72 9.03 11.46 14.42
CA THR A 72 9.46 11.52 15.81
C THR A 72 8.75 12.62 16.59
N SER A 73 8.56 13.77 15.95
CA SER A 73 7.96 14.92 16.62
C SER A 73 6.60 14.57 17.23
N LYS A 74 5.74 13.92 16.47
CA LYS A 74 4.44 13.55 17.01
C LYS A 74 4.59 12.38 17.97
N LEU A 75 5.68 11.63 17.81
CA LEU A 75 5.91 10.48 18.67
C LEU A 75 6.12 10.94 20.11
N ASP A 76 6.91 12.01 20.29
CA ASP A 76 7.17 12.52 21.64
C ASP A 76 5.99 13.31 22.17
N ALA A 77 5.33 14.06 21.30
CA ALA A 77 4.19 14.86 21.71
C ALA A 77 3.05 13.99 22.22
N ALA A 78 2.73 12.94 21.46
CA ALA A 78 1.65 12.03 21.85
C ALA A 78 2.01 11.27 23.12
N TYR A 79 3.24 10.81 23.19
CA TYR A 79 3.69 10.04 24.35
C TYR A 79 3.55 10.88 25.62
N LYS A 80 3.95 12.15 25.52
CA LYS A 80 3.88 13.06 26.65
C LYS A 80 2.47 13.64 26.82
N LEU A 81 1.79 13.90 25.71
CA LEU A 81 0.43 14.42 25.78
C LEU A 81 -0.53 13.35 26.25
N ALA A 82 -0.35 12.14 25.74
CA ALA A 82 -1.21 11.04 26.10
C ALA A 82 -1.10 10.75 27.60
N TYR A 83 0.12 10.77 28.12
CA TYR A 83 0.34 10.54 29.54
C TYR A 83 -0.29 11.67 30.36
N LYS A 84 -0.16 12.90 29.85
CA LYS A 84 -0.72 14.06 30.55
C LYS A 84 -2.21 13.88 30.77
N THR A 85 -2.87 13.25 29.80
CA THR A 85 -4.31 13.01 29.89
C THR A 85 -4.64 12.23 31.16
N ALA A 86 -3.70 11.38 31.59
CA ALA A 86 -3.91 10.57 32.79
C ALA A 86 -4.18 11.48 33.99
N GLU A 87 -3.48 12.61 34.02
CA GLU A 87 -3.67 13.57 35.11
C GLU A 87 -5.11 14.09 35.09
N GLY A 88 -5.65 14.29 33.88
CA GLY A 88 -7.03 14.78 33.71
C GLY A 88 -7.90 13.71 33.06
N ALA A 89 -8.07 12.59 33.76
CA ALA A 89 -8.88 11.48 33.26
C ALA A 89 -9.88 11.05 34.29
N THR A 90 -10.27 9.78 34.23
CA THR A 90 -11.24 9.22 35.17
C THR A 90 -10.54 8.30 36.18
N PRO A 91 -10.47 8.68 37.45
CA PRO A 91 -9.80 7.83 38.49
C PRO A 91 -10.26 6.38 38.47
N GLU A 92 -11.25 6.08 37.64
CA GLU A 92 -11.75 4.71 37.51
C GLU A 92 -10.74 3.82 36.81
N ALA A 93 -10.05 4.39 35.83
CA ALA A 93 -9.05 3.65 35.08
C ALA A 93 -8.29 4.58 34.12
N LYS A 94 -7.59 5.56 34.68
CA LYS A 94 -6.85 6.51 33.85
C LYS A 94 -5.71 5.84 33.09
N TYR A 95 -5.16 4.77 33.63
CA TYR A 95 -4.05 4.08 32.96
C TYR A 95 -4.50 3.45 31.63
N ASP A 96 -5.67 2.83 31.61
CA ASP A 96 -6.14 2.20 30.39
C ASP A 96 -6.28 3.24 29.28
N ALA A 97 -6.88 4.38 29.62
CA ALA A 97 -7.07 5.42 28.63
C ALA A 97 -5.73 5.94 28.13
N TYR A 98 -4.78 6.15 29.05
CA TYR A 98 -3.46 6.64 28.68
C TYR A 98 -2.78 5.69 27.70
N VAL A 99 -2.76 4.42 28.07
CA VAL A 99 -2.14 3.41 27.23
C VAL A 99 -2.88 3.29 25.90
N ALA A 100 -4.20 3.25 25.96
CA ALA A 100 -5.02 3.15 24.75
C ALA A 100 -4.90 4.42 23.90
N THR A 101 -4.61 5.54 24.56
CA THR A 101 -4.48 6.81 23.86
C THR A 101 -3.31 6.83 22.88
N LEU A 102 -2.27 6.04 23.17
CA LEU A 102 -1.11 6.03 22.27
C LEU A 102 -1.54 5.58 20.87
N SER A 103 -2.25 4.46 20.76
CA SER A 103 -2.65 3.95 19.46
C SER A 103 -3.31 5.01 18.60
N GLU A 104 -3.94 6.00 19.22
CA GLU A 104 -4.56 7.06 18.44
C GLU A 104 -3.50 7.83 17.67
N ALA A 105 -2.41 8.16 18.36
CA ALA A 105 -1.31 8.89 17.75
C ALA A 105 -0.50 7.99 16.83
N LEU A 106 -0.48 6.69 17.12
CA LEU A 106 0.26 5.74 16.31
C LEU A 106 -0.55 5.36 15.07
N ARG A 107 -1.86 5.25 15.23
CA ARG A 107 -2.74 4.87 14.12
C ARG A 107 -2.71 5.91 12.99
N ILE A 108 -2.79 7.18 13.36
CA ILE A 108 -2.78 8.26 12.36
C ILE A 108 -1.49 8.28 11.57
N ILE A 109 -0.39 7.94 12.21
CA ILE A 109 0.90 7.99 11.53
C ILE A 109 0.84 7.11 10.27
N ALA A 110 0.08 6.04 10.36
CA ALA A 110 -0.06 5.12 9.24
C ALA A 110 -0.90 5.75 8.14
N GLY A 111 -1.73 6.73 8.50
CA GLY A 111 -2.58 7.42 7.53
C GLY A 111 -1.88 8.67 6.97
N THR A 112 -0.73 9.03 7.55
CA THR A 112 0.00 10.22 7.12
C THR A 112 1.21 9.85 6.26
N LEU A 113 1.65 8.60 6.38
CA LEU A 113 2.80 8.12 5.61
C LEU A 113 2.33 7.41 4.35
N GLU A 114 1.01 7.28 4.20
CA GLU A 114 0.42 6.62 3.03
C GLU A 114 -0.42 7.61 2.23
N VAL A 115 0.18 8.74 1.89
CA VAL A 115 -0.51 9.77 1.11
C VAL A 115 0.49 10.64 0.35
N HIS A 116 0.16 10.94 -0.90
CA HIS A 116 1.04 11.77 -1.74
C HIS A 116 0.24 12.46 -2.83
N ALA A 117 0.81 13.52 -3.41
CA ALA A 117 0.13 14.24 -4.47
C ALA A 117 1.07 15.27 -5.11
N VAL A 118 2.37 15.08 -4.89
CA VAL A 118 3.35 16.04 -5.42
C VAL A 118 3.18 16.25 -6.92
N LYS A 119 3.09 15.17 -7.69
CA LYS A 119 2.90 15.32 -9.14
C LYS A 119 2.41 14.02 -9.76
N PRO A 120 1.20 13.61 -9.47
CA PRO A 120 0.60 12.37 -10.02
C PRO A 120 0.53 12.41 -11.55
N ALA A 121 0.76 11.26 -12.18
CA ALA A 121 0.72 11.17 -13.64
C ALA A 121 0.44 9.74 -14.08
N ALA A 122 -0.19 9.60 -15.24
CA ALA A 122 -0.52 8.28 -15.77
C ALA A 122 0.76 7.57 -16.24
N GLU A 123 0.70 6.24 -16.29
CA GLU A 123 1.86 5.47 -16.72
C GLU A 123 2.45 6.05 -18.00
N GLU A 124 3.62 5.56 -18.41
CA GLU A 124 4.28 6.05 -19.61
C GLU A 124 4.69 4.89 -20.52
N VAL A 125 3.75 3.97 -20.75
CA VAL A 125 4.02 2.81 -21.60
C VAL A 125 3.08 2.84 -22.82
N LYS A 126 3.68 2.82 -24.01
CA LYS A 126 2.90 2.85 -25.26
C LYS A 126 3.50 1.90 -26.29
N VAL A 127 2.77 1.74 -27.39
CA VAL A 127 3.22 0.86 -28.47
C VAL A 127 4.37 1.52 -29.24
N ILE A 128 5.51 0.83 -29.29
CA ILE A 128 6.70 1.37 -29.98
C ILE A 128 7.50 0.29 -30.73
N PRO A 129 6.98 -0.23 -31.81
CA PRO A 129 7.68 -1.28 -32.61
C PRO A 129 8.88 -0.72 -33.38
N ALA A 130 8.99 0.60 -33.43
CA ALA A 130 10.08 1.24 -34.15
C ALA A 130 11.43 0.81 -33.57
N GLY A 131 11.50 0.69 -32.25
CA GLY A 131 12.74 0.27 -31.61
C GLY A 131 12.91 -1.24 -31.70
N GLU A 132 13.98 -1.75 -31.11
CA GLU A 132 14.28 -3.19 -31.11
C GLU A 132 15.07 -3.56 -32.36
N LEU A 133 14.97 -2.73 -33.40
CA LEU A 133 15.71 -3.00 -34.62
C LEU A 133 17.19 -2.79 -34.35
N GLN A 134 17.48 -2.13 -33.24
CA GLN A 134 18.85 -1.83 -32.85
C GLN A 134 19.60 -3.14 -32.62
N VAL A 135 18.86 -4.22 -32.42
CA VAL A 135 19.49 -5.53 -32.22
C VAL A 135 20.34 -5.89 -33.42
N ILE A 136 19.87 -5.53 -34.62
CA ILE A 136 20.60 -5.87 -35.85
C ILE A 136 22.09 -5.56 -35.70
N GLU A 137 22.44 -4.77 -34.69
CA GLU A 137 23.83 -4.43 -34.48
C GLU A 137 24.64 -5.70 -34.18
N LYS A 138 24.34 -6.38 -33.08
CA LYS A 138 25.06 -7.60 -32.72
C LYS A 138 24.89 -8.70 -33.75
N VAL A 139 23.71 -8.78 -34.35
CA VAL A 139 23.46 -9.83 -35.33
C VAL A 139 24.56 -9.80 -36.38
N ASP A 140 24.88 -8.62 -36.89
CA ASP A 140 25.93 -8.49 -37.88
C ASP A 140 27.27 -8.95 -37.33
N ALA A 141 27.56 -8.63 -36.06
CA ALA A 141 28.81 -9.02 -35.41
C ALA A 141 28.73 -10.46 -34.90
N ALA A 142 27.51 -10.95 -34.78
CA ALA A 142 27.28 -12.32 -34.31
C ALA A 142 27.29 -13.29 -35.49
N PHE A 143 27.01 -12.77 -36.68
CA PHE A 143 26.95 -13.60 -37.87
C PHE A 143 28.34 -14.07 -38.29
N LYS A 144 29.33 -13.18 -38.15
CA LYS A 144 30.69 -13.55 -38.55
C LYS A 144 31.17 -14.75 -37.74
N VAL A 145 31.02 -14.67 -36.42
CA VAL A 145 31.44 -15.75 -35.53
C VAL A 145 30.89 -17.09 -36.03
N ALA A 146 29.82 -17.05 -36.80
CA ALA A 146 29.22 -18.26 -37.35
C ALA A 146 29.87 -18.60 -38.70
N ALA A 147 30.13 -17.57 -39.49
CA ALA A 147 30.74 -17.75 -40.81
C ALA A 147 32.14 -18.36 -40.71
N THR A 148 32.95 -17.86 -39.78
CA THR A 148 34.31 -18.37 -39.62
C THR A 148 34.31 -19.70 -38.88
N ALA A 149 33.84 -19.69 -37.65
CA ALA A 149 33.81 -20.90 -36.84
C ALA A 149 33.17 -22.06 -37.60
N ALA A 150 32.42 -21.72 -38.66
CA ALA A 150 31.81 -22.76 -39.50
C ALA A 150 32.79 -23.16 -40.60
N ASN A 151 33.54 -22.16 -41.08
CA ASN A 151 34.51 -22.37 -42.16
C ASN A 151 35.60 -23.36 -41.75
N ALA A 152 36.03 -23.30 -40.50
CA ALA A 152 37.08 -24.19 -40.03
C ALA A 152 36.70 -25.65 -40.26
N ALA A 153 35.47 -25.87 -40.71
CA ALA A 153 34.97 -27.23 -40.98
C ALA A 153 34.76 -27.40 -42.49
N PRO A 154 34.97 -28.59 -43.03
CA PRO A 154 34.78 -28.84 -44.49
C PRO A 154 33.30 -28.86 -44.87
N ALA A 155 33.02 -28.90 -46.17
CA ALA A 155 31.63 -28.90 -46.65
C ALA A 155 30.90 -30.18 -46.23
N ASN A 156 31.18 -30.66 -45.01
CA ASN A 156 30.53 -31.85 -44.48
C ASN A 156 29.55 -31.47 -43.38
N ASP A 157 29.94 -30.48 -42.57
CA ASP A 157 29.09 -30.00 -41.46
C ASP A 157 29.24 -28.49 -41.28
N LYS A 158 28.25 -27.72 -41.75
CA LYS A 158 28.29 -26.26 -41.60
C LYS A 158 26.97 -25.75 -41.02
N PHE A 159 25.89 -26.46 -41.31
CA PHE A 159 24.58 -26.06 -40.79
C PHE A 159 24.57 -26.25 -39.27
N THR A 160 25.15 -27.36 -38.83
CA THR A 160 25.19 -27.67 -37.41
C THR A 160 25.74 -26.47 -36.63
N VAL A 161 26.86 -25.94 -37.08
CA VAL A 161 27.46 -24.80 -36.40
C VAL A 161 26.53 -23.59 -36.47
N PHE A 162 25.92 -23.38 -37.63
CA PHE A 162 25.04 -22.23 -37.80
C PHE A 162 23.89 -22.26 -36.80
N GLU A 163 23.14 -23.36 -36.77
CA GLU A 163 22.02 -23.48 -35.84
C GLU A 163 22.54 -23.38 -34.40
N ALA A 164 23.83 -23.62 -34.25
CA ALA A 164 24.44 -23.54 -32.93
C ALA A 164 24.67 -22.09 -32.52
N ALA A 165 25.52 -21.39 -33.28
CA ALA A 165 25.82 -19.98 -33.00
C ALA A 165 24.63 -19.06 -33.32
N PHE A 166 23.99 -19.32 -34.46
CA PHE A 166 22.87 -18.49 -34.90
C PHE A 166 21.76 -18.50 -33.86
N ASN A 167 21.39 -19.69 -33.40
CA ASN A 167 20.33 -19.82 -32.40
C ASN A 167 20.84 -19.47 -30.99
N ASP A 168 22.12 -19.73 -30.75
CA ASP A 168 22.72 -19.45 -29.43
C ASP A 168 23.16 -17.99 -29.33
N ALA A 169 24.08 -17.59 -30.20
CA ALA A 169 24.61 -16.23 -30.17
C ALA A 169 23.51 -15.19 -30.12
N ILE A 170 22.31 -15.53 -30.59
CA ILE A 170 21.20 -14.59 -30.58
C ILE A 170 20.38 -14.74 -29.30
N LYS A 171 19.83 -15.93 -29.10
CA LYS A 171 19.02 -16.19 -27.92
C LYS A 171 19.87 -16.08 -26.65
N ALA A 172 21.05 -16.67 -26.68
CA ALA A 172 21.94 -16.65 -25.53
C ALA A 172 22.35 -15.22 -25.15
N SER A 173 22.67 -14.40 -26.15
CA SER A 173 23.08 -13.03 -25.88
C SER A 173 21.93 -12.24 -25.26
N THR A 174 20.74 -12.40 -25.81
CA THR A 174 19.57 -11.68 -25.31
C THR A 174 19.19 -12.12 -23.90
N GLY A 175 19.72 -13.27 -23.48
CA GLY A 175 19.43 -13.77 -22.13
C GLY A 175 18.13 -14.59 -22.10
N GLY A 176 18.04 -15.61 -22.96
CA GLY A 176 16.85 -16.45 -22.98
C GLY A 176 15.71 -15.80 -23.74
N ALA A 177 15.56 -14.48 -23.54
CA ALA A 177 14.48 -13.75 -24.19
C ALA A 177 14.42 -14.06 -25.69
N TYR A 178 13.49 -13.42 -26.38
CA TYR A 178 13.29 -13.63 -27.83
C TYR A 178 12.80 -15.04 -28.11
N GLU A 179 13.22 -16.01 -27.30
CA GLU A 179 12.79 -17.39 -27.47
C GLU A 179 12.88 -17.80 -28.94
N SER A 180 14.00 -18.43 -29.30
CA SER A 180 14.21 -18.90 -30.67
C SER A 180 14.30 -17.74 -31.65
N TYR A 181 14.45 -18.07 -32.93
CA TYR A 181 14.55 -17.06 -33.98
C TYR A 181 13.18 -16.44 -34.26
N LYS A 182 13.06 -15.82 -35.42
CA LYS A 182 11.81 -15.19 -35.82
C LYS A 182 11.43 -14.10 -34.80
N PHE A 183 12.24 -13.04 -34.69
CA PHE A 183 11.98 -11.96 -33.74
C PHE A 183 11.80 -10.62 -34.47
N ILE A 184 11.86 -10.67 -35.80
CA ILE A 184 11.68 -9.47 -36.61
C ILE A 184 11.02 -9.84 -37.97
N PRO A 185 9.81 -9.38 -38.26
CA PRO A 185 9.13 -9.73 -39.56
C PRO A 185 10.02 -9.51 -40.78
N ALA A 186 9.80 -10.32 -41.80
CA ALA A 186 10.55 -10.28 -43.06
C ALA A 186 11.73 -11.25 -43.00
N LEU A 187 12.43 -11.25 -41.86
CA LEU A 187 13.55 -12.15 -41.69
C LEU A 187 13.07 -13.59 -41.82
N GLU A 188 12.03 -13.92 -41.08
CA GLU A 188 11.49 -15.27 -41.07
C GLU A 188 11.51 -15.91 -42.47
N ALA A 189 11.32 -15.09 -43.51
CA ALA A 189 11.37 -15.60 -44.87
C ALA A 189 12.81 -15.94 -45.23
N ALA A 190 13.71 -15.06 -44.83
CA ALA A 190 15.14 -15.21 -45.12
C ALA A 190 15.57 -16.66 -44.91
N VAL A 191 15.44 -17.17 -43.69
CA VAL A 191 15.82 -18.54 -43.41
C VAL A 191 14.97 -19.50 -44.26
N LYS A 192 13.69 -19.19 -44.39
CA LYS A 192 12.79 -20.05 -45.15
C LYS A 192 13.26 -20.24 -46.59
N GLN A 193 13.63 -19.16 -47.28
CA GLN A 193 14.10 -19.27 -48.65
C GLN A 193 15.48 -19.93 -48.68
N ALA A 194 16.32 -19.48 -47.77
CA ALA A 194 17.68 -19.99 -47.67
C ALA A 194 17.65 -21.49 -47.38
N TYR A 195 16.87 -21.86 -46.39
CA TYR A 195 16.73 -23.25 -45.98
C TYR A 195 15.97 -24.06 -47.03
N ALA A 196 15.13 -23.36 -47.78
CA ALA A 196 14.34 -23.98 -48.85
C ALA A 196 15.14 -23.98 -50.17
N ALA A 197 16.17 -23.14 -50.20
CA ALA A 197 17.02 -23.03 -51.38
C ALA A 197 18.20 -23.99 -51.30
N THR A 198 18.79 -24.07 -50.11
CA THR A 198 19.95 -24.96 -49.93
C THR A 198 19.66 -26.34 -50.51
N VAL A 199 19.11 -27.23 -49.69
CA VAL A 199 18.80 -28.59 -50.14
C VAL A 199 19.92 -29.14 -51.01
N ALA A 200 19.85 -28.88 -52.32
CA ALA A 200 20.88 -29.32 -53.26
C ALA A 200 21.44 -28.10 -53.97
N THR A 201 20.61 -27.47 -54.80
CA THR A 201 21.02 -26.28 -55.53
C THR A 201 22.26 -26.58 -56.38
N ALA A 202 22.38 -25.85 -57.49
CA ALA A 202 23.52 -26.04 -58.39
C ALA A 202 24.81 -26.23 -57.58
N PRO A 203 25.31 -27.45 -57.45
CA PRO A 203 26.56 -27.70 -56.66
C PRO A 203 27.70 -26.77 -57.06
N GLU A 204 27.75 -25.59 -56.45
CA GLU A 204 28.80 -24.63 -56.76
C GLU A 204 28.75 -23.44 -55.80
N VAL A 205 27.54 -22.99 -55.45
CA VAL A 205 27.36 -21.85 -54.56
C VAL A 205 26.42 -22.20 -53.40
N LYS A 206 26.28 -23.49 -53.12
CA LYS A 206 25.38 -23.93 -52.05
C LYS A 206 25.66 -23.20 -50.75
N TYR A 207 26.92 -23.01 -50.42
CA TYR A 207 27.26 -22.30 -49.19
C TYR A 207 27.16 -20.79 -49.45
N THR A 208 27.77 -20.35 -50.55
CA THR A 208 27.76 -18.94 -50.89
C THR A 208 26.34 -18.38 -50.88
N VAL A 209 25.38 -19.16 -51.38
CA VAL A 209 23.99 -18.70 -51.37
C VAL A 209 23.54 -18.47 -49.94
N PHE A 210 23.82 -19.43 -49.08
CA PHE A 210 23.43 -19.34 -47.67
C PHE A 210 24.10 -18.15 -47.01
N GLU A 211 25.35 -17.89 -47.37
CA GLU A 211 26.07 -16.76 -46.81
C GLU A 211 25.59 -15.45 -47.44
N THR A 212 25.46 -15.46 -48.77
CA THR A 212 25.05 -14.28 -49.53
C THR A 212 23.62 -13.84 -49.22
N ALA A 213 22.67 -14.77 -49.27
CA ALA A 213 21.27 -14.43 -49.01
C ALA A 213 21.05 -13.91 -47.60
N LEU A 214 21.69 -14.55 -46.62
CA LEU A 214 21.53 -14.13 -45.23
C LEU A 214 22.13 -12.74 -45.02
N LYS A 215 23.38 -12.58 -45.43
CA LYS A 215 24.04 -11.29 -45.29
C LYS A 215 23.28 -10.23 -46.06
N LYS A 216 22.92 -10.57 -47.29
CA LYS A 216 22.18 -9.65 -48.14
C LYS A 216 20.79 -9.39 -47.58
N ALA A 217 20.13 -10.46 -47.10
CA ALA A 217 18.78 -10.30 -46.57
C ALA A 217 18.77 -9.36 -45.37
N ILE A 218 19.74 -9.55 -44.49
CA ILE A 218 19.84 -8.72 -43.30
C ILE A 218 20.14 -7.27 -43.66
N THR A 219 20.81 -7.06 -44.79
CA THR A 219 21.12 -5.70 -45.24
C THR A 219 19.81 -4.94 -45.52
N ALA A 220 18.90 -5.59 -46.22
CA ALA A 220 17.65 -4.94 -46.57
C ALA A 220 16.97 -4.49 -45.28
N MET A 221 16.87 -5.39 -44.32
CA MET A 221 16.27 -5.09 -43.04
C MET A 221 17.17 -4.16 -42.22
N SER A 222 18.46 -4.15 -42.55
CA SER A 222 19.41 -3.27 -41.85
C SER A 222 19.09 -1.81 -42.18
N GLU A 223 18.96 -1.54 -43.47
CA GLU A 223 18.65 -0.20 -43.96
C GLU A 223 17.29 0.23 -43.43
N ALA A 224 16.38 -0.73 -43.38
CA ALA A 224 15.03 -0.50 -42.89
C ALA A 224 15.08 0.02 -41.46
N GLN A 225 16.22 -0.19 -40.80
CA GLN A 225 16.40 0.26 -39.42
C GLN A 225 16.22 1.77 -39.32
N LYS A 226 16.75 2.51 -40.30
CA LYS A 226 16.63 3.96 -40.29
C LYS A 226 15.17 4.36 -40.27
N ALA A 227 14.39 3.76 -41.16
CA ALA A 227 12.97 4.06 -41.24
C ALA A 227 12.24 2.90 -41.89
N ALA A 228 11.20 2.44 -41.22
CA ALA A 228 10.40 1.34 -41.73
C ALA A 228 9.36 1.88 -42.71
N LYS A 229 9.51 3.15 -43.05
CA LYS A 229 8.57 3.80 -43.97
C LYS A 229 8.74 3.23 -45.38
N PRO A 230 7.69 3.18 -46.16
CA PRO A 230 7.75 2.65 -47.56
C PRO A 230 8.57 3.56 -48.48
N ALA A 231 8.68 4.83 -48.10
CA ALA A 231 9.44 5.79 -48.90
C ALA A 231 10.93 5.45 -48.88
#